data_8TF9
# 
_entry.id   8TF9 
# 
_audit_conform.dict_name       mmcif_pdbx.dic 
_audit_conform.dict_version    5.386 
_audit_conform.dict_location   http://mmcif.pdb.org/dictionaries/ascii/mmcif_pdbx.dic 
# 
loop_
_database_2.database_id 
_database_2.database_code 
_database_2.pdbx_database_accession 
_database_2.pdbx_DOI 
PDB   8TF9         pdb_00008tf9 10.2210/pdb8tf9/pdb 
WWPDB D_1000275499 ?            ?                   
# 
loop_
_pdbx_audit_revision_history.ordinal 
_pdbx_audit_revision_history.data_content_type 
_pdbx_audit_revision_history.major_revision 
_pdbx_audit_revision_history.minor_revision 
_pdbx_audit_revision_history.revision_date 
1 'Structure model' 1 0 2023-11-15 
2 'Structure model' 1 1 2024-01-24 
3 'Structure model' 1 2 2024-02-14 
# 
_pdbx_audit_revision_details.ordinal             1 
_pdbx_audit_revision_details.revision_ordinal    1 
_pdbx_audit_revision_details.data_content_type   'Structure model' 
_pdbx_audit_revision_details.provider            repository 
_pdbx_audit_revision_details.type                'Initial release' 
_pdbx_audit_revision_details.description         ? 
_pdbx_audit_revision_details.details             ? 
# 
loop_
_pdbx_audit_revision_group.ordinal 
_pdbx_audit_revision_group.revision_ordinal 
_pdbx_audit_revision_group.data_content_type 
_pdbx_audit_revision_group.group 
1 2 'Structure model' 'Database references' 
2 3 'Structure model' 'Database references' 
# 
loop_
_pdbx_audit_revision_category.ordinal 
_pdbx_audit_revision_category.revision_ordinal 
_pdbx_audit_revision_category.data_content_type 
_pdbx_audit_revision_category.category 
1 2 'Structure model' citation        
2 2 'Structure model' citation_author 
3 3 'Structure model' citation        
4 3 'Structure model' citation_author 
# 
loop_
_pdbx_audit_revision_item.ordinal 
_pdbx_audit_revision_item.revision_ordinal 
_pdbx_audit_revision_item.data_content_type 
_pdbx_audit_revision_item.item 
1 2 'Structure model' '_citation.pdbx_database_id_DOI'    
2 2 'Structure model' '_citation.pdbx_database_id_PubMed' 
3 2 'Structure model' '_citation.title'                   
4 2 'Structure model' '_citation.year'                    
5 3 'Structure model' '_citation.journal_volume'          
6 3 'Structure model' '_citation.page_first'              
7 3 'Structure model' '_citation.page_last'               
8 3 'Structure model' '_citation_author.identifier_ORCID' 
# 
_pdbx_database_status.status_code                     REL 
_pdbx_database_status.status_code_sf                  REL 
_pdbx_database_status.status_code_mr                  ? 
_pdbx_database_status.entry_id                        8TF9 
_pdbx_database_status.recvd_initial_deposition_date   2023-07-09 
_pdbx_database_status.SG_entry                        N 
_pdbx_database_status.deposit_site                    RCSB 
_pdbx_database_status.process_site                    RCSB 
_pdbx_database_status.status_code_cs                  ? 
_pdbx_database_status.status_code_nmr_data            ? 
_pdbx_database_status.methods_development_category    ? 
_pdbx_database_status.pdb_format_compatible           Y 
# 
loop_
_pdbx_contact_author.id 
_pdbx_contact_author.email 
_pdbx_contact_author.name_first 
_pdbx_contact_author.name_last 
_pdbx_contact_author.name_mi 
_pdbx_contact_author.role 
_pdbx_contact_author.identifier_ORCID 
2 huanchen.wang@nih.gov Huanchen Wang   ? 'principal investigator/group leader' 0000-0003-2701-7155 
3 shears@niehs.nih.gov  Stephen  Shears B 'principal investigator/group leader' 0000-0001-7309-8916 
# 
loop_
_audit_author.name 
_audit_author.pdbx_ordinal 
_audit_author.identifier_ORCID 
'Zong, G.'     1 0000-0001-6019-5741 
'Wang, H.'     2 0000-0003-2701-7155 
'Shears, S.B.' 3 0000-0001-7309-8916 
# 
_citation.abstract                  ? 
_citation.abstract_id_CAS           ? 
_citation.book_id_ISBN              ? 
_citation.book_publisher            ? 
_citation.book_publisher_city       ? 
_citation.book_title                ? 
_citation.coordinate_linkage        ? 
_citation.country                   UK 
_citation.database_id_Medline       ? 
_citation.details                   ? 
_citation.id                        primary 
_citation.journal_abbrev            'Embo J.' 
_citation.journal_id_ASTM           EMJODG 
_citation.journal_id_CSD            0897 
_citation.journal_id_ISSN           1460-2075 
_citation.journal_full              ? 
_citation.journal_issue             ? 
_citation.journal_volume            43 
_citation.language                  ? 
_citation.page_first                462 
_citation.page_last                 480 
_citation.title                     
'Biochemical and structural characterization of an inositol pyrophosphate kinase from a giant virus.' 
_citation.year                      2024 
_citation.database_id_CSD           ? 
_citation.pdbx_database_id_DOI      10.1038/s44318-023-00005-0 
_citation.pdbx_database_id_PubMed   38216735 
_citation.pdbx_database_id_patent   ? 
_citation.unpublished_flag          ? 
# 
loop_
_citation_author.citation_id 
_citation_author.name 
_citation_author.ordinal 
_citation_author.identifier_ORCID 
primary 'Zong, G.'           1 ? 
primary 'Desfougeres, Y.'    2 ? 
primary 'Portela-Torres, P.' 3 ? 
primary 'Kwon, Y.U.'         4 ? 
primary 'Saiardi, A.'        5 ? 
primary 'Shears, S.B.'       6 ? 
primary 'Wang, H.'           7 ? 
# 
loop_
_entity.id 
_entity.type 
_entity.src_method 
_entity.pdbx_description 
_entity.formula_weight 
_entity.pdbx_number_of_molecules 
_entity.pdbx_ec 
_entity.pdbx_mutation 
_entity.pdbx_fragment 
_entity.details 
1 polymer     man 'Diphosphoinositol polyphosphate phosphohydrolase 1'                                     17115.367 1   
3.6.1.52,3.6.1.- ? ? ? 
2 non-polymer syn '(1r,2R,3S,4s,5R,6S)-2,3,4,5,6-pentakis(phosphonooxy)cyclohexyl trihydrogen diphosphate' 740.015   1   ? ? ? ? 
3 non-polymer syn 'MAGNESIUM ION'                                                                          24.305    3   ? ? ? ? 
4 non-polymer syn 'CHLORIDE ION'                                                                           35.453    2   ? ? ? ? 
5 non-polymer syn 'FLUORIDE ION'                                                                           18.998    1   ? ? ? ? 
6 water       nat water                                                                                    18.015    164 ? ? ? ? 
# 
_entity_name_com.entity_id   1 
_entity_name_com.name        
;DIPP-1,Diadenosine 5',5'''-P1,P6-hexaphosphate hydrolase 1,Nucleoside diphosphate-linked moiety X motif 3,Nudix motif 3
;
# 
_entity_poly.entity_id                      1 
_entity_poly.type                           'polypeptide(L)' 
_entity_poly.nstd_linkage                   no 
_entity_poly.nstd_monomer                   no 
_entity_poly.pdbx_seq_one_letter_code       
;MMKLKSNQTRTYDGDGYKKRAACLCFRSESEEEVLLVSSSRHPDRWIVPGGGMEPEEEPSVAAVREVCEEAGVKGTLGRL
VGIFENQERKHRTYVYVLIVTEVLEDWEDSVNIGRKREWFKIEDAIKVLQYHKPVQASYFETLRQGYS
;
_entity_poly.pdbx_seq_one_letter_code_can   
;MMKLKSNQTRTYDGDGYKKRAACLCFRSESEEEVLLVSSSRHPDRWIVPGGGMEPEEEPSVAAVREVCEEAGVKGTLGRL
VGIFENQERKHRTYVYVLIVTEVLEDWEDSVNIGRKREWFKIEDAIKVLQYHKPVQASYFETLRQGYS
;
_entity_poly.pdbx_strand_id                 A 
_entity_poly.pdbx_target_identifier         ? 
# 
loop_
_pdbx_entity_nonpoly.entity_id 
_pdbx_entity_nonpoly.name 
_pdbx_entity_nonpoly.comp_id 
2 '(1r,2R,3S,4s,5R,6S)-2,3,4,5,6-pentakis(phosphonooxy)cyclohexyl trihydrogen diphosphate' I7P 
3 'MAGNESIUM ION'                                                                          MG  
4 'CHLORIDE ION'                                                                           CL  
5 'FLUORIDE ION'                                                                           F   
6 water                                                                                    HOH 
# 
loop_
_entity_poly_seq.entity_id 
_entity_poly_seq.num 
_entity_poly_seq.mon_id 
_entity_poly_seq.hetero 
1 1   MET n 
1 2   MET n 
1 3   LYS n 
1 4   LEU n 
1 5   LYS n 
1 6   SER n 
1 7   ASN n 
1 8   GLN n 
1 9   THR n 
1 10  ARG n 
1 11  THR n 
1 12  TYR n 
1 13  ASP n 
1 14  GLY n 
1 15  ASP n 
1 16  GLY n 
1 17  TYR n 
1 18  LYS n 
1 19  LYS n 
1 20  ARG n 
1 21  ALA n 
1 22  ALA n 
1 23  CYS n 
1 24  LEU n 
1 25  CYS n 
1 26  PHE n 
1 27  ARG n 
1 28  SER n 
1 29  GLU n 
1 30  SER n 
1 31  GLU n 
1 32  GLU n 
1 33  GLU n 
1 34  VAL n 
1 35  LEU n 
1 36  LEU n 
1 37  VAL n 
1 38  SER n 
1 39  SER n 
1 40  SER n 
1 41  ARG n 
1 42  HIS n 
1 43  PRO n 
1 44  ASP n 
1 45  ARG n 
1 46  TRP n 
1 47  ILE n 
1 48  VAL n 
1 49  PRO n 
1 50  GLY n 
1 51  GLY n 
1 52  GLY n 
1 53  MET n 
1 54  GLU n 
1 55  PRO n 
1 56  GLU n 
1 57  GLU n 
1 58  GLU n 
1 59  PRO n 
1 60  SER n 
1 61  VAL n 
1 62  ALA n 
1 63  ALA n 
1 64  VAL n 
1 65  ARG n 
1 66  GLU n 
1 67  VAL n 
1 68  CYS n 
1 69  GLU n 
1 70  GLU n 
1 71  ALA n 
1 72  GLY n 
1 73  VAL n 
1 74  LYS n 
1 75  GLY n 
1 76  THR n 
1 77  LEU n 
1 78  GLY n 
1 79  ARG n 
1 80  LEU n 
1 81  VAL n 
1 82  GLY n 
1 83  ILE n 
1 84  PHE n 
1 85  GLU n 
1 86  ASN n 
1 87  GLN n 
1 88  GLU n 
1 89  ARG n 
1 90  LYS n 
1 91  HIS n 
1 92  ARG n 
1 93  THR n 
1 94  TYR n 
1 95  VAL n 
1 96  TYR n 
1 97  VAL n 
1 98  LEU n 
1 99  ILE n 
1 100 VAL n 
1 101 THR n 
1 102 GLU n 
1 103 VAL n 
1 104 LEU n 
1 105 GLU n 
1 106 ASP n 
1 107 TRP n 
1 108 GLU n 
1 109 ASP n 
1 110 SER n 
1 111 VAL n 
1 112 ASN n 
1 113 ILE n 
1 114 GLY n 
1 115 ARG n 
1 116 LYS n 
1 117 ARG n 
1 118 GLU n 
1 119 TRP n 
1 120 PHE n 
1 121 LYS n 
1 122 ILE n 
1 123 GLU n 
1 124 ASP n 
1 125 ALA n 
1 126 ILE n 
1 127 LYS n 
1 128 VAL n 
1 129 LEU n 
1 130 GLN n 
1 131 TYR n 
1 132 HIS n 
1 133 LYS n 
1 134 PRO n 
1 135 VAL n 
1 136 GLN n 
1 137 ALA n 
1 138 SER n 
1 139 TYR n 
1 140 PHE n 
1 141 GLU n 
1 142 THR n 
1 143 LEU n 
1 144 ARG n 
1 145 GLN n 
1 146 GLY n 
1 147 TYR n 
1 148 SER n 
# 
_entity_src_gen.entity_id                          1 
_entity_src_gen.pdbx_src_id                        1 
_entity_src_gen.pdbx_alt_source_flag               sample 
_entity_src_gen.pdbx_seq_type                      'Biological sequence' 
_entity_src_gen.pdbx_beg_seq_num                   1 
_entity_src_gen.pdbx_end_seq_num                   148 
_entity_src_gen.gene_src_common_name               human 
_entity_src_gen.gene_src_genus                     ? 
_entity_src_gen.pdbx_gene_src_gene                 'NUDT3, DIPP, DIPP1' 
_entity_src_gen.gene_src_species                   ? 
_entity_src_gen.gene_src_strain                    ? 
_entity_src_gen.gene_src_tissue                    ? 
_entity_src_gen.gene_src_tissue_fraction           ? 
_entity_src_gen.gene_src_details                   ? 
_entity_src_gen.pdbx_gene_src_fragment             ? 
_entity_src_gen.pdbx_gene_src_scientific_name      'Homo sapiens' 
_entity_src_gen.pdbx_gene_src_ncbi_taxonomy_id     9606 
_entity_src_gen.pdbx_gene_src_variant              ? 
_entity_src_gen.pdbx_gene_src_cell_line            ? 
_entity_src_gen.pdbx_gene_src_atcc                 ? 
_entity_src_gen.pdbx_gene_src_organ                ? 
_entity_src_gen.pdbx_gene_src_organelle            ? 
_entity_src_gen.pdbx_gene_src_cell                 ? 
_entity_src_gen.pdbx_gene_src_cellular_location    ? 
_entity_src_gen.host_org_common_name               ? 
_entity_src_gen.pdbx_host_org_scientific_name      'Escherichia coli' 
_entity_src_gen.pdbx_host_org_ncbi_taxonomy_id     562 
_entity_src_gen.host_org_genus                     ? 
_entity_src_gen.pdbx_host_org_gene                 ? 
_entity_src_gen.pdbx_host_org_organ                ? 
_entity_src_gen.host_org_species                   ? 
_entity_src_gen.pdbx_host_org_tissue               ? 
_entity_src_gen.pdbx_host_org_tissue_fraction      ? 
_entity_src_gen.pdbx_host_org_strain               ? 
_entity_src_gen.pdbx_host_org_variant              ? 
_entity_src_gen.pdbx_host_org_cell_line            ? 
_entity_src_gen.pdbx_host_org_atcc                 ? 
_entity_src_gen.pdbx_host_org_culture_collection   ? 
_entity_src_gen.pdbx_host_org_cell                 ? 
_entity_src_gen.pdbx_host_org_organelle            ? 
_entity_src_gen.pdbx_host_org_cellular_location    ? 
_entity_src_gen.pdbx_host_org_vector_type          ? 
_entity_src_gen.pdbx_host_org_vector               ? 
_entity_src_gen.host_org_details                   ? 
_entity_src_gen.expression_system_id               ? 
_entity_src_gen.plasmid_name                       ? 
_entity_src_gen.plasmid_details                    ? 
_entity_src_gen.pdbx_description                   ? 
# 
loop_
_chem_comp.id 
_chem_comp.type 
_chem_comp.mon_nstd_flag 
_chem_comp.name 
_chem_comp.pdbx_synonyms 
_chem_comp.formula 
_chem_comp.formula_weight 
ALA 'L-peptide linking' y ALANINE                                                                                  ? 'C3 H7 N O2' 
89.093  
ARG 'L-peptide linking' y ARGININE                                                                                 ? 
'C6 H15 N4 O2 1' 175.209 
ASN 'L-peptide linking' y ASPARAGINE                                                                               ? 'C4 H8 N2 O3' 
132.118 
ASP 'L-peptide linking' y 'ASPARTIC ACID'                                                                          ? 'C4 H7 N O4' 
133.103 
CL  non-polymer         . 'CHLORIDE ION'                                                                           ? 'Cl -1' 
35.453  
CYS 'L-peptide linking' y CYSTEINE                                                                                 ? 
'C3 H7 N O2 S'   121.158 
F   non-polymer         . 'FLUORIDE ION'                                                                           ? 'F -1' 18.998 
GLN 'L-peptide linking' y GLUTAMINE                                                                                ? 
'C5 H10 N2 O3'   146.144 
GLU 'L-peptide linking' y 'GLUTAMIC ACID'                                                                          ? 'C5 H9 N O4' 
147.129 
GLY 'peptide linking'   y GLYCINE                                                                                  ? 'C2 H5 N O2' 
75.067  
HIS 'L-peptide linking' y HISTIDINE                                                                                ? 
'C6 H10 N3 O2 1' 156.162 
HOH non-polymer         . WATER                                                                                    ? 'H2 O' 18.015 
I7P non-polymer         . '(1r,2R,3S,4s,5R,6S)-2,3,4,5,6-pentakis(phosphonooxy)cyclohexyl trihydrogen diphosphate' 
'1D-myo-inositol 5-diphosphate 1,2,3,4,6-pentakisphosphate' 'C6 H19 O27 P7'  740.015 
ILE 'L-peptide linking' y ISOLEUCINE                                                                               ? 'C6 H13 N O2' 
131.173 
LEU 'L-peptide linking' y LEUCINE                                                                                  ? 'C6 H13 N O2' 
131.173 
LYS 'L-peptide linking' y LYSINE                                                                                   ? 
'C6 H15 N2 O2 1' 147.195 
MET 'L-peptide linking' y METHIONINE                                                                               ? 
'C5 H11 N O2 S'  149.211 
MG  non-polymer         . 'MAGNESIUM ION'                                                                          ? 'Mg 2' 24.305 
PHE 'L-peptide linking' y PHENYLALANINE                                                                            ? 'C9 H11 N O2' 
165.189 
PRO 'L-peptide linking' y PROLINE                                                                                  ? 'C5 H9 N O2' 
115.130 
SER 'L-peptide linking' y SERINE                                                                                   ? 'C3 H7 N O3' 
105.093 
THR 'L-peptide linking' y THREONINE                                                                                ? 'C4 H9 N O3' 
119.119 
TRP 'L-peptide linking' y TRYPTOPHAN                                                                               ? 
'C11 H12 N2 O2'  204.225 
TYR 'L-peptide linking' y TYROSINE                                                                                 ? 'C9 H11 N O3' 
181.189 
VAL 'L-peptide linking' y VALINE                                                                                   ? 'C5 H11 N O2' 
117.146 
# 
loop_
_pdbx_poly_seq_scheme.asym_id 
_pdbx_poly_seq_scheme.entity_id 
_pdbx_poly_seq_scheme.seq_id 
_pdbx_poly_seq_scheme.mon_id 
_pdbx_poly_seq_scheme.ndb_seq_num 
_pdbx_poly_seq_scheme.pdb_seq_num 
_pdbx_poly_seq_scheme.auth_seq_num 
_pdbx_poly_seq_scheme.pdb_mon_id 
_pdbx_poly_seq_scheme.auth_mon_id 
_pdbx_poly_seq_scheme.pdb_strand_id 
_pdbx_poly_seq_scheme.pdb_ins_code 
_pdbx_poly_seq_scheme.hetero 
A 1 1   MET 1   1   ?   ?   ?   A . n 
A 1 2   MET 2   2   ?   ?   ?   A . n 
A 1 3   LYS 3   3   ?   ?   ?   A . n 
A 1 4   LEU 4   4   ?   ?   ?   A . n 
A 1 5   LYS 5   5   ?   ?   ?   A . n 
A 1 6   SER 6   6   ?   ?   ?   A . n 
A 1 7   ASN 7   7   ?   ?   ?   A . n 
A 1 8   GLN 8   8   8   GLN GLN A . n 
A 1 9   THR 9   9   9   THR THR A . n 
A 1 10  ARG 10  10  10  ARG ARG A . n 
A 1 11  THR 11  11  11  THR THR A . n 
A 1 12  TYR 12  12  12  TYR TYR A . n 
A 1 13  ASP 13  13  13  ASP ASP A . n 
A 1 14  GLY 14  14  14  GLY GLY A . n 
A 1 15  ASP 15  15  15  ASP ASP A . n 
A 1 16  GLY 16  16  16  GLY GLY A . n 
A 1 17  TYR 17  17  17  TYR TYR A . n 
A 1 18  LYS 18  18  18  LYS LYS A . n 
A 1 19  LYS 19  19  19  LYS LYS A . n 
A 1 20  ARG 20  20  20  ARG ARG A . n 
A 1 21  ALA 21  21  21  ALA ALA A . n 
A 1 22  ALA 22  22  22  ALA ALA A . n 
A 1 23  CYS 23  23  23  CYS CYS A . n 
A 1 24  LEU 24  24  24  LEU LEU A . n 
A 1 25  CYS 25  25  25  CYS CYS A . n 
A 1 26  PHE 26  26  26  PHE PHE A . n 
A 1 27  ARG 27  27  27  ARG ARG A . n 
A 1 28  SER 28  28  28  SER SER A . n 
A 1 29  GLU 29  29  29  GLU GLU A . n 
A 1 30  SER 30  30  30  SER SER A . n 
A 1 31  GLU 31  31  31  GLU GLU A . n 
A 1 32  GLU 32  32  32  GLU GLU A . n 
A 1 33  GLU 33  33  33  GLU GLU A . n 
A 1 34  VAL 34  34  34  VAL VAL A . n 
A 1 35  LEU 35  35  35  LEU LEU A . n 
A 1 36  LEU 36  36  36  LEU LEU A . n 
A 1 37  VAL 37  37  37  VAL VAL A . n 
A 1 38  SER 38  38  38  SER SER A . n 
A 1 39  SER 39  39  39  SER SER A . n 
A 1 40  SER 40  40  40  SER SER A . n 
A 1 41  ARG 41  41  41  ARG ARG A . n 
A 1 42  HIS 42  42  42  HIS HIS A . n 
A 1 43  PRO 43  43  43  PRO PRO A . n 
A 1 44  ASP 44  44  44  ASP ASP A . n 
A 1 45  ARG 45  45  45  ARG ARG A . n 
A 1 46  TRP 46  46  46  TRP TRP A . n 
A 1 47  ILE 47  47  47  ILE ILE A . n 
A 1 48  VAL 48  48  48  VAL VAL A . n 
A 1 49  PRO 49  49  49  PRO PRO A . n 
A 1 50  GLY 50  50  50  GLY GLY A . n 
A 1 51  GLY 51  51  51  GLY GLY A . n 
A 1 52  GLY 52  52  52  GLY GLY A . n 
A 1 53  MET 53  53  53  MET MET A . n 
A 1 54  GLU 54  54  54  GLU GLU A . n 
A 1 55  PRO 55  55  55  PRO PRO A . n 
A 1 56  GLU 56  56  56  GLU GLU A . n 
A 1 57  GLU 57  57  57  GLU GLU A . n 
A 1 58  GLU 58  58  58  GLU GLU A . n 
A 1 59  PRO 59  59  59  PRO PRO A . n 
A 1 60  SER 60  60  60  SER SER A . n 
A 1 61  VAL 61  61  61  VAL VAL A . n 
A 1 62  ALA 62  62  62  ALA ALA A . n 
A 1 63  ALA 63  63  63  ALA ALA A . n 
A 1 64  VAL 64  64  64  VAL VAL A . n 
A 1 65  ARG 65  65  65  ARG ARG A . n 
A 1 66  GLU 66  66  66  GLU GLU A . n 
A 1 67  VAL 67  67  67  VAL VAL A . n 
A 1 68  CYS 68  68  68  CYS CYS A . n 
A 1 69  GLU 69  69  69  GLU GLU A . n 
A 1 70  GLU 70  70  70  GLU GLU A . n 
A 1 71  ALA 71  71  71  ALA ALA A . n 
A 1 72  GLY 72  72  72  GLY GLY A . n 
A 1 73  VAL 73  73  73  VAL VAL A . n 
A 1 74  LYS 74  74  74  LYS LYS A . n 
A 1 75  GLY 75  75  75  GLY GLY A . n 
A 1 76  THR 76  76  76  THR THR A . n 
A 1 77  LEU 77  77  77  LEU LEU A . n 
A 1 78  GLY 78  78  78  GLY GLY A . n 
A 1 79  ARG 79  79  79  ARG ARG A . n 
A 1 80  LEU 80  80  80  LEU LEU A . n 
A 1 81  VAL 81  81  81  VAL VAL A . n 
A 1 82  GLY 82  82  82  GLY GLY A . n 
A 1 83  ILE 83  83  83  ILE ILE A . n 
A 1 84  PHE 84  84  84  PHE PHE A . n 
A 1 85  GLU 85  85  85  GLU GLU A . n 
A 1 86  ASN 86  86  86  ASN ASN A . n 
A 1 87  GLN 87  87  87  GLN GLN A . n 
A 1 88  GLU 88  88  88  GLU GLU A . n 
A 1 89  ARG 89  89  89  ARG ARG A . n 
A 1 90  LYS 90  90  90  LYS LYS A . n 
A 1 91  HIS 91  91  91  HIS HIS A . n 
A 1 92  ARG 92  92  92  ARG ARG A . n 
A 1 93  THR 93  93  93  THR THR A . n 
A 1 94  TYR 94  94  94  TYR TYR A . n 
A 1 95  VAL 95  95  95  VAL VAL A . n 
A 1 96  TYR 96  96  96  TYR TYR A . n 
A 1 97  VAL 97  97  97  VAL VAL A . n 
A 1 98  LEU 98  98  98  LEU LEU A . n 
A 1 99  ILE 99  99  99  ILE ILE A . n 
A 1 100 VAL 100 100 100 VAL VAL A . n 
A 1 101 THR 101 101 101 THR THR A . n 
A 1 102 GLU 102 102 102 GLU GLU A . n 
A 1 103 VAL 103 103 103 VAL VAL A . n 
A 1 104 LEU 104 104 104 LEU LEU A . n 
A 1 105 GLU 105 105 105 GLU GLU A . n 
A 1 106 ASP 106 106 106 ASP ASP A . n 
A 1 107 TRP 107 107 107 TRP TRP A . n 
A 1 108 GLU 108 108 108 GLU GLU A . n 
A 1 109 ASP 109 109 109 ASP ASP A . n 
A 1 110 SER 110 110 110 SER SER A . n 
A 1 111 VAL 111 111 111 VAL VAL A . n 
A 1 112 ASN 112 112 112 ASN ASN A . n 
A 1 113 ILE 113 113 113 ILE ILE A . n 
A 1 114 GLY 114 114 114 GLY GLY A . n 
A 1 115 ARG 115 115 115 ARG ARG A . n 
A 1 116 LYS 116 116 116 LYS LYS A . n 
A 1 117 ARG 117 117 117 ARG ARG A . n 
A 1 118 GLU 118 118 118 GLU GLU A . n 
A 1 119 TRP 119 119 119 TRP TRP A . n 
A 1 120 PHE 120 120 120 PHE PHE A . n 
A 1 121 LYS 121 121 121 LYS LYS A . n 
A 1 122 ILE 122 122 122 ILE ILE A . n 
A 1 123 GLU 123 123 123 GLU GLU A . n 
A 1 124 ASP 124 124 124 ASP ASP A . n 
A 1 125 ALA 125 125 125 ALA ALA A . n 
A 1 126 ILE 126 126 126 ILE ILE A . n 
A 1 127 LYS 127 127 127 LYS LYS A . n 
A 1 128 VAL 128 128 128 VAL VAL A . n 
A 1 129 LEU 129 129 129 LEU LEU A . n 
A 1 130 GLN 130 130 130 GLN GLN A . n 
A 1 131 TYR 131 131 131 TYR TYR A . n 
A 1 132 HIS 132 132 132 HIS HIS A . n 
A 1 133 LYS 133 133 133 LYS LYS A . n 
A 1 134 PRO 134 134 134 PRO PRO A . n 
A 1 135 VAL 135 135 135 VAL VAL A . n 
A 1 136 GLN 136 136 136 GLN GLN A . n 
A 1 137 ALA 137 137 137 ALA ALA A . n 
A 1 138 SER 138 138 138 SER SER A . n 
A 1 139 TYR 139 139 139 TYR TYR A . n 
A 1 140 PHE 140 140 140 PHE PHE A . n 
A 1 141 GLU 141 141 141 GLU GLU A . n 
A 1 142 THR 142 142 142 THR THR A . n 
A 1 143 LEU 143 143 ?   ?   ?   A . n 
A 1 144 ARG 144 144 ?   ?   ?   A . n 
A 1 145 GLN 145 145 ?   ?   ?   A . n 
A 1 146 GLY 146 146 ?   ?   ?   A . n 
A 1 147 TYR 147 147 ?   ?   ?   A . n 
A 1 148 SER 148 148 ?   ?   ?   A . n 
# 
loop_
_pdbx_nonpoly_scheme.asym_id 
_pdbx_nonpoly_scheme.entity_id 
_pdbx_nonpoly_scheme.mon_id 
_pdbx_nonpoly_scheme.ndb_seq_num 
_pdbx_nonpoly_scheme.pdb_seq_num 
_pdbx_nonpoly_scheme.auth_seq_num 
_pdbx_nonpoly_scheme.pdb_mon_id 
_pdbx_nonpoly_scheme.auth_mon_id 
_pdbx_nonpoly_scheme.pdb_strand_id 
_pdbx_nonpoly_scheme.pdb_ins_code 
B 2 I7P 1   401 401 I7P I7P A . 
C 3 MG  1   402 501 MG  MG  A . 
D 3 MG  1   403 502 MG  MG  A . 
E 3 MG  1   404 503 MG  MG  A . 
F 4 CL  1   405 601 CL  CL  A . 
G 4 CL  1   406 602 CL  CL  A . 
H 5 F   1   407 801 F   F   A . 
I 6 HOH 1   501 83  HOH HOH A . 
I 6 HOH 2   502 130 HOH HOH A . 
I 6 HOH 3   503 90  HOH HOH A . 
I 6 HOH 4   504 164 HOH HOH A . 
I 6 HOH 5   505 111 HOH HOH A . 
I 6 HOH 6   506 160 HOH HOH A . 
I 6 HOH 7   507 104 HOH HOH A . 
I 6 HOH 8   508 96  HOH HOH A . 
I 6 HOH 9   509 120 HOH HOH A . 
I 6 HOH 10  510 131 HOH HOH A . 
I 6 HOH 11  511 65  HOH HOH A . 
I 6 HOH 12  512 53  HOH HOH A . 
I 6 HOH 13  513 153 HOH HOH A . 
I 6 HOH 14  514 119 HOH HOH A . 
I 6 HOH 15  515 147 HOH HOH A . 
I 6 HOH 16  516 144 HOH HOH A . 
I 6 HOH 17  517 113 HOH HOH A . 
I 6 HOH 18  518 23  HOH HOH A . 
I 6 HOH 19  519 141 HOH HOH A . 
I 6 HOH 20  520 5   HOH HOH A . 
I 6 HOH 21  521 129 HOH HOH A . 
I 6 HOH 22  522 71  HOH HOH A . 
I 6 HOH 23  523 45  HOH HOH A . 
I 6 HOH 24  524 70  HOH HOH A . 
I 6 HOH 25  525 138 HOH HOH A . 
I 6 HOH 26  526 34  HOH HOH A . 
I 6 HOH 27  527 106 HOH HOH A . 
I 6 HOH 28  528 97  HOH HOH A . 
I 6 HOH 29  529 143 HOH HOH A . 
I 6 HOH 30  530 87  HOH HOH A . 
I 6 HOH 31  531 135 HOH HOH A . 
I 6 HOH 32  532 63  HOH HOH A . 
I 6 HOH 33  533 140 HOH HOH A . 
I 6 HOH 34  534 22  HOH HOH A . 
I 6 HOH 35  535 8   HOH HOH A . 
I 6 HOH 36  536 75  HOH HOH A . 
I 6 HOH 37  537 134 HOH HOH A . 
I 6 HOH 38  538 24  HOH HOH A . 
I 6 HOH 39  539 108 HOH HOH A . 
I 6 HOH 40  540 155 HOH HOH A . 
I 6 HOH 41  541 72  HOH HOH A . 
I 6 HOH 42  542 52  HOH HOH A . 
I 6 HOH 43  543 51  HOH HOH A . 
I 6 HOH 44  544 95  HOH HOH A . 
I 6 HOH 45  545 146 HOH HOH A . 
I 6 HOH 46  546 73  HOH HOH A . 
I 6 HOH 47  547 55  HOH HOH A . 
I 6 HOH 48  548 11  HOH HOH A . 
I 6 HOH 49  549 3   HOH HOH A . 
I 6 HOH 50  550 1   HOH HOH A . 
I 6 HOH 51  551 109 HOH HOH A . 
I 6 HOH 52  552 38  HOH HOH A . 
I 6 HOH 53  553 2   HOH HOH A . 
I 6 HOH 54  554 118 HOH HOH A . 
I 6 HOH 55  555 20  HOH HOH A . 
I 6 HOH 56  556 84  HOH HOH A . 
I 6 HOH 57  557 79  HOH HOH A . 
I 6 HOH 58  558 80  HOH HOH A . 
I 6 HOH 59  559 136 HOH HOH A . 
I 6 HOH 60  560 29  HOH HOH A . 
I 6 HOH 61  561 78  HOH HOH A . 
I 6 HOH 62  562 77  HOH HOH A . 
I 6 HOH 63  563 6   HOH HOH A . 
I 6 HOH 64  564 85  HOH HOH A . 
I 6 HOH 65  565 66  HOH HOH A . 
I 6 HOH 66  566 82  HOH HOH A . 
I 6 HOH 67  567 14  HOH HOH A . 
I 6 HOH 68  568 102 HOH HOH A . 
I 6 HOH 69  569 56  HOH HOH A . 
I 6 HOH 70  570 92  HOH HOH A . 
I 6 HOH 71  571 50  HOH HOH A . 
I 6 HOH 72  572 110 HOH HOH A . 
I 6 HOH 73  573 9   HOH HOH A . 
I 6 HOH 74  574 19  HOH HOH A . 
I 6 HOH 75  575 68  HOH HOH A . 
I 6 HOH 76  576 48  HOH HOH A . 
I 6 HOH 77  577 133 HOH HOH A . 
I 6 HOH 78  578 93  HOH HOH A . 
I 6 HOH 79  579 49  HOH HOH A . 
I 6 HOH 80  580 99  HOH HOH A . 
I 6 HOH 81  581 76  HOH HOH A . 
I 6 HOH 82  582 44  HOH HOH A . 
I 6 HOH 83  583 17  HOH HOH A . 
I 6 HOH 84  584 67  HOH HOH A . 
I 6 HOH 85  585 64  HOH HOH A . 
I 6 HOH 86  586 16  HOH HOH A . 
I 6 HOH 87  587 107 HOH HOH A . 
I 6 HOH 88  588 139 HOH HOH A . 
I 6 HOH 89  589 46  HOH HOH A . 
I 6 HOH 90  590 10  HOH HOH A . 
I 6 HOH 91  591 117 HOH HOH A . 
I 6 HOH 92  592 59  HOH HOH A . 
I 6 HOH 93  593 15  HOH HOH A . 
I 6 HOH 94  594 26  HOH HOH A . 
I 6 HOH 95  595 12  HOH HOH A . 
I 6 HOH 96  596 4   HOH HOH A . 
I 6 HOH 97  597 28  HOH HOH A . 
I 6 HOH 98  598 101 HOH HOH A . 
I 6 HOH 99  599 69  HOH HOH A . 
I 6 HOH 100 600 148 HOH HOH A . 
I 6 HOH 101 601 31  HOH HOH A . 
I 6 HOH 102 602 43  HOH HOH A . 
I 6 HOH 103 603 47  HOH HOH A . 
I 6 HOH 104 604 58  HOH HOH A . 
I 6 HOH 105 605 115 HOH HOH A . 
I 6 HOH 106 606 142 HOH HOH A . 
I 6 HOH 107 607 7   HOH HOH A . 
I 6 HOH 108 608 74  HOH HOH A . 
I 6 HOH 109 609 37  HOH HOH A . 
I 6 HOH 110 610 132 HOH HOH A . 
I 6 HOH 111 611 30  HOH HOH A . 
I 6 HOH 112 612 25  HOH HOH A . 
I 6 HOH 113 613 137 HOH HOH A . 
I 6 HOH 114 614 27  HOH HOH A . 
I 6 HOH 115 615 98  HOH HOH A . 
I 6 HOH 116 616 86  HOH HOH A . 
I 6 HOH 117 617 126 HOH HOH A . 
I 6 HOH 118 618 157 HOH HOH A . 
I 6 HOH 119 619 112 HOH HOH A . 
I 6 HOH 120 620 105 HOH HOH A . 
I 6 HOH 121 621 39  HOH HOH A . 
I 6 HOH 122 622 18  HOH HOH A . 
I 6 HOH 123 623 156 HOH HOH A . 
I 6 HOH 124 624 21  HOH HOH A . 
I 6 HOH 125 625 32  HOH HOH A . 
I 6 HOH 126 626 13  HOH HOH A . 
I 6 HOH 127 627 162 HOH HOH A . 
I 6 HOH 128 628 88  HOH HOH A . 
I 6 HOH 129 629 150 HOH HOH A . 
I 6 HOH 130 630 154 HOH HOH A . 
I 6 HOH 131 631 100 HOH HOH A . 
I 6 HOH 132 632 152 HOH HOH A . 
I 6 HOH 133 633 145 HOH HOH A . 
I 6 HOH 134 634 151 HOH HOH A . 
I 6 HOH 135 635 81  HOH HOH A . 
I 6 HOH 136 636 42  HOH HOH A . 
I 6 HOH 137 637 40  HOH HOH A . 
I 6 HOH 138 638 128 HOH HOH A . 
I 6 HOH 139 639 159 HOH HOH A . 
I 6 HOH 140 640 123 HOH HOH A . 
I 6 HOH 141 641 161 HOH HOH A . 
I 6 HOH 142 642 149 HOH HOH A . 
I 6 HOH 143 643 41  HOH HOH A . 
I 6 HOH 144 644 114 HOH HOH A . 
I 6 HOH 145 645 122 HOH HOH A . 
I 6 HOH 146 646 158 HOH HOH A . 
I 6 HOH 147 647 91  HOH HOH A . 
I 6 HOH 148 648 124 HOH HOH A . 
I 6 HOH 149 649 103 HOH HOH A . 
I 6 HOH 150 650 62  HOH HOH A . 
I 6 HOH 151 651 127 HOH HOH A . 
I 6 HOH 152 652 36  HOH HOH A . 
I 6 HOH 153 653 89  HOH HOH A . 
I 6 HOH 154 654 33  HOH HOH A . 
I 6 HOH 155 655 57  HOH HOH A . 
I 6 HOH 156 656 163 HOH HOH A . 
I 6 HOH 157 657 125 HOH HOH A . 
I 6 HOH 158 658 94  HOH HOH A . 
I 6 HOH 159 659 121 HOH HOH A . 
I 6 HOH 160 660 35  HOH HOH A . 
I 6 HOH 161 661 116 HOH HOH A . 
I 6 HOH 162 662 60  HOH HOH A . 
I 6 HOH 163 663 54  HOH HOH A . 
I 6 HOH 164 664 61  HOH HOH A . 
# 
loop_
_software.citation_id 
_software.classification 
_software.compiler_name 
_software.compiler_version 
_software.contact_author 
_software.contact_author_email 
_software.date 
_software.description 
_software.dependencies 
_software.hardware 
_software.language 
_software.location 
_software.mods 
_software.name 
_software.os 
_software.os_version 
_software.type 
_software.version 
_software.pdbx_ordinal 
? refinement       ? ? ? ? ? ? ? ? ? ? ? REFMAC    ? ? ? 5.8.0238 1 
? 'data scaling'   ? ? ? ? ? ? ? ? ? ? ? SCALEPACK ? ? ? .        2 
? 'data reduction' ? ? ? ? ? ? ? ? ? ? ? DENZO     ? ? ? .        3 
? phasing          ? ? ? ? ? ? ? ? ? ? ? PHASER    ? ? ? .        4 
# 
_cell.angle_alpha                  90.00 
_cell.angle_alpha_esd              ? 
_cell.angle_beta                   90.00 
_cell.angle_beta_esd               ? 
_cell.angle_gamma                  90.00 
_cell.angle_gamma_esd              ? 
_cell.entry_id                     8TF9 
_cell.details                      ? 
_cell.formula_units_Z              ? 
_cell.length_a                     44.995 
_cell.length_a_esd                 ? 
_cell.length_b                     59.597 
_cell.length_b_esd                 ? 
_cell.length_c                     62.695 
_cell.length_c_esd                 ? 
_cell.volume                       ? 
_cell.volume_esd                   ? 
_cell.Z_PDB                        4 
_cell.reciprocal_angle_alpha       ? 
_cell.reciprocal_angle_beta        ? 
_cell.reciprocal_angle_gamma       ? 
_cell.reciprocal_angle_alpha_esd   ? 
_cell.reciprocal_angle_beta_esd    ? 
_cell.reciprocal_angle_gamma_esd   ? 
_cell.reciprocal_length_a          ? 
_cell.reciprocal_length_b          ? 
_cell.reciprocal_length_c          ? 
_cell.reciprocal_length_a_esd      ? 
_cell.reciprocal_length_b_esd      ? 
_cell.reciprocal_length_c_esd      ? 
_cell.pdbx_unique_axis             ? 
_cell.pdbx_esd_method              ? 
# 
_symmetry.entry_id                         8TF9 
_symmetry.cell_setting                     ? 
_symmetry.Int_Tables_number                19 
_symmetry.space_group_name_Hall            ? 
_symmetry.space_group_name_H-M             'P 21 21 21' 
_symmetry.pdbx_full_space_group_name_H-M   ? 
# 
_exptl.absorpt_coefficient_mu     ? 
_exptl.absorpt_correction_T_max   ? 
_exptl.absorpt_correction_T_min   ? 
_exptl.absorpt_correction_type    ? 
_exptl.absorpt_process_details    ? 
_exptl.entry_id                   8TF9 
_exptl.crystals_number            1 
_exptl.details                    ? 
_exptl.method                     'X-RAY DIFFRACTION' 
_exptl.method_details             ? 
# 
_exptl_crystal.colour                       ? 
_exptl_crystal.density_diffrn               ? 
_exptl_crystal.density_Matthews             2.46 
_exptl_crystal.density_method               ? 
_exptl_crystal.density_percent_sol          49.91 
_exptl_crystal.description                  ? 
_exptl_crystal.F_000                        ? 
_exptl_crystal.id                           1 
_exptl_crystal.preparation                  ? 
_exptl_crystal.size_max                     ? 
_exptl_crystal.size_mid                     ? 
_exptl_crystal.size_min                     ? 
_exptl_crystal.size_rad                     ? 
_exptl_crystal.colour_lustre                ? 
_exptl_crystal.colour_modifier              ? 
_exptl_crystal.colour_primary               ? 
_exptl_crystal.density_meas                 ? 
_exptl_crystal.density_meas_esd             ? 
_exptl_crystal.density_meas_gt              ? 
_exptl_crystal.density_meas_lt              ? 
_exptl_crystal.density_meas_temp            ? 
_exptl_crystal.density_meas_temp_esd        ? 
_exptl_crystal.density_meas_temp_gt         ? 
_exptl_crystal.density_meas_temp_lt         ? 
_exptl_crystal.pdbx_crystal_image_url       ? 
_exptl_crystal.pdbx_crystal_image_format    ? 
_exptl_crystal.pdbx_mosaicity               ? 
_exptl_crystal.pdbx_mosaicity_esd           ? 
_exptl_crystal.pdbx_mosaic_method           ? 
_exptl_crystal.pdbx_mosaic_block_size       ? 
_exptl_crystal.pdbx_mosaic_block_size_esd   ? 
# 
_exptl_crystal_grow.apparatus       ? 
_exptl_crystal_grow.atmosphere      ? 
_exptl_crystal_grow.crystal_id      1 
_exptl_crystal_grow.details         ? 
_exptl_crystal_grow.method          'VAPOR DIFFUSION, HANGING DROP' 
_exptl_crystal_grow.method_ref      ? 
_exptl_crystal_grow.pH              5 
_exptl_crystal_grow.pressure        ? 
_exptl_crystal_grow.pressure_esd    ? 
_exptl_crystal_grow.seeding         ? 
_exptl_crystal_grow.seeding_ref     ? 
_exptl_crystal_grow.temp_details    ? 
_exptl_crystal_grow.temp_esd        ? 
_exptl_crystal_grow.time            ? 
_exptl_crystal_grow.pdbx_details    
;10% w/v PEG8000, 10% v/v isopropanol, 200 mM lithium sulfate, 100 mM sodium acetate, pH 5.0, 5 mM IP6, soaked in 200 mM lithium chloride, 20% w/v PEG8000, 20% v/v isopropanol, 100 mM sodium acetate, pH 5.0, 20 mM magnesium chloride, 100 mM sodium fluoride in presence of TvIPK reaction solution with myo-IP6
;
_exptl_crystal_grow.pdbx_pH_range   ? 
_exptl_crystal_grow.temp            297 
# 
_diffrn.ambient_environment              ? 
_diffrn.ambient_temp                     100 
_diffrn.ambient_temp_details             ? 
_diffrn.ambient_temp_esd                 ? 
_diffrn.crystal_id                       1 
_diffrn.crystal_support                  ? 
_diffrn.crystal_treatment                ? 
_diffrn.details                          ? 
_diffrn.id                               1 
_diffrn.ambient_pressure                 ? 
_diffrn.ambient_pressure_esd             ? 
_diffrn.ambient_pressure_gt              ? 
_diffrn.ambient_pressure_lt              ? 
_diffrn.ambient_temp_gt                  ? 
_diffrn.ambient_temp_lt                  ? 
_diffrn.pdbx_serial_crystal_experiment   N 
# 
_diffrn_detector.details                      ? 
_diffrn_detector.detector                     PIXEL 
_diffrn_detector.diffrn_id                    1 
_diffrn_detector.type                         'DECTRIS EIGER X 16M' 
_diffrn_detector.area_resol_mean              ? 
_diffrn_detector.dtime                        ? 
_diffrn_detector.pdbx_frames_total            ? 
_diffrn_detector.pdbx_collection_time_total   ? 
_diffrn_detector.pdbx_collection_date         2021-10-29 
_diffrn_detector.pdbx_frequency               ? 
_diffrn_detector.id                           ? 
_diffrn_detector.number_of_axes               ? 
# 
_diffrn_radiation.collimation                      ? 
_diffrn_radiation.diffrn_id                        1 
_diffrn_radiation.filter_edge                      ? 
_diffrn_radiation.inhomogeneity                    ? 
_diffrn_radiation.monochromator                    ? 
_diffrn_radiation.polarisn_norm                    ? 
_diffrn_radiation.polarisn_ratio                   ? 
_diffrn_radiation.probe                            ? 
_diffrn_radiation.type                             ? 
_diffrn_radiation.xray_symbol                      ? 
_diffrn_radiation.wavelength_id                    1 
_diffrn_radiation.pdbx_monochromatic_or_laue_m_l   M 
_diffrn_radiation.pdbx_wavelength_list             ? 
_diffrn_radiation.pdbx_wavelength                  ? 
_diffrn_radiation.pdbx_diffrn_protocol             'SINGLE WAVELENGTH' 
_diffrn_radiation.pdbx_analyzer                    ? 
_diffrn_radiation.pdbx_scattering_type             x-ray 
# 
_diffrn_radiation_wavelength.id           1 
_diffrn_radiation_wavelength.wavelength   1.0 
_diffrn_radiation_wavelength.wt           1.0 
# 
_diffrn_source.current                     ? 
_diffrn_source.details                     ? 
_diffrn_source.diffrn_id                   1 
_diffrn_source.power                       ? 
_diffrn_source.size                        ? 
_diffrn_source.source                      SYNCHROTRON 
_diffrn_source.target                      ? 
_diffrn_source.type                        'APS BEAMLINE 22-ID' 
_diffrn_source.voltage                     ? 
_diffrn_source.take-off_angle              ? 
_diffrn_source.pdbx_wavelength_list        1.0 
_diffrn_source.pdbx_wavelength             ? 
_diffrn_source.pdbx_synchrotron_beamline   22-ID 
_diffrn_source.pdbx_synchrotron_site       APS 
# 
_reflns.B_iso_Wilson_estimate                          ? 
_reflns.entry_id                                       8TF9 
_reflns.data_reduction_details                         ? 
_reflns.data_reduction_method                          ? 
_reflns.d_resolution_high                              1.55 
_reflns.d_resolution_low                               50.00 
_reflns.details                                        ? 
_reflns.limit_h_max                                    ? 
_reflns.limit_h_min                                    ? 
_reflns.limit_k_max                                    ? 
_reflns.limit_k_min                                    ? 
_reflns.limit_l_max                                    ? 
_reflns.limit_l_min                                    ? 
_reflns.number_all                                     ? 
_reflns.number_obs                                     24404 
_reflns.observed_criterion                             ? 
_reflns.observed_criterion_F_max                       ? 
_reflns.observed_criterion_F_min                       ? 
_reflns.observed_criterion_I_max                       ? 
_reflns.observed_criterion_I_min                       ? 
_reflns.observed_criterion_sigma_F                     ? 
_reflns.observed_criterion_sigma_I                     ? 
_reflns.percent_possible_obs                           96.8 
_reflns.R_free_details                                 ? 
_reflns.Rmerge_F_all                                   ? 
_reflns.Rmerge_F_obs                                   ? 
_reflns.Friedel_coverage                               ? 
_reflns.number_gt                                      ? 
_reflns.threshold_expression                           ? 
_reflns.pdbx_redundancy                                9.4 
_reflns.pdbx_netI_over_av_sigmaI                       ? 
_reflns.pdbx_netI_over_sigmaI                          4.9 
_reflns.pdbx_res_netI_over_av_sigmaI_2                 ? 
_reflns.pdbx_res_netI_over_sigmaI_2                    ? 
_reflns.pdbx_chi_squared                               ? 
_reflns.pdbx_scaling_rejects                           ? 
_reflns.pdbx_d_res_high_opt                            ? 
_reflns.pdbx_d_res_low_opt                             ? 
_reflns.pdbx_d_res_opt_method                          ? 
_reflns.phase_calculation_details                      ? 
_reflns.pdbx_Rrim_I_all                                ? 
_reflns.pdbx_Rpim_I_all                                ? 
_reflns.pdbx_d_opt                                     ? 
_reflns.pdbx_number_measured_all                       ? 
_reflns.pdbx_diffrn_id                                 1 
_reflns.pdbx_ordinal                                   1 
_reflns.pdbx_CC_half                                   ? 
_reflns.pdbx_CC_star                                   ? 
_reflns.pdbx_R_split                                   ? 
_reflns.pdbx_Rmerge_I_obs                              0.144 
_reflns.pdbx_Rmerge_I_all                              ? 
_reflns.pdbx_Rsym_value                                ? 
_reflns.pdbx_CC_split_method                           ? 
_reflns.pdbx_aniso_diffraction_limit_axis_1_ortho[1]   ? 
_reflns.pdbx_aniso_diffraction_limit_axis_1_ortho[2]   ? 
_reflns.pdbx_aniso_diffraction_limit_axis_1_ortho[3]   ? 
_reflns.pdbx_aniso_diffraction_limit_axis_2_ortho[1]   ? 
_reflns.pdbx_aniso_diffraction_limit_axis_2_ortho[2]   ? 
_reflns.pdbx_aniso_diffraction_limit_axis_2_ortho[3]   ? 
_reflns.pdbx_aniso_diffraction_limit_axis_3_ortho[1]   ? 
_reflns.pdbx_aniso_diffraction_limit_axis_3_ortho[2]   ? 
_reflns.pdbx_aniso_diffraction_limit_axis_3_ortho[3]   ? 
_reflns.pdbx_aniso_diffraction_limit_1                 ? 
_reflns.pdbx_aniso_diffraction_limit_2                 ? 
_reflns.pdbx_aniso_diffraction_limit_3                 ? 
_reflns.pdbx_aniso_B_tensor_eigenvector_1_ortho[1]     ? 
_reflns.pdbx_aniso_B_tensor_eigenvector_1_ortho[2]     ? 
_reflns.pdbx_aniso_B_tensor_eigenvector_1_ortho[3]     ? 
_reflns.pdbx_aniso_B_tensor_eigenvector_2_ortho[1]     ? 
_reflns.pdbx_aniso_B_tensor_eigenvector_2_ortho[2]     ? 
_reflns.pdbx_aniso_B_tensor_eigenvector_2_ortho[3]     ? 
_reflns.pdbx_aniso_B_tensor_eigenvector_3_ortho[1]     ? 
_reflns.pdbx_aniso_B_tensor_eigenvector_3_ortho[2]     ? 
_reflns.pdbx_aniso_B_tensor_eigenvector_3_ortho[3]     ? 
_reflns.pdbx_aniso_B_tensor_eigenvalue_1               ? 
_reflns.pdbx_aniso_B_tensor_eigenvalue_2               ? 
_reflns.pdbx_aniso_B_tensor_eigenvalue_3               ? 
_reflns.pdbx_orthogonalization_convention              ? 
_reflns.pdbx_percent_possible_ellipsoidal              ? 
_reflns.pdbx_percent_possible_spherical                ? 
_reflns.pdbx_percent_possible_ellipsoidal_anomalous    ? 
_reflns.pdbx_percent_possible_spherical_anomalous      ? 
_reflns.pdbx_redundancy_anomalous                      ? 
_reflns.pdbx_CC_half_anomalous                         ? 
_reflns.pdbx_absDiff_over_sigma_anomalous              ? 
_reflns.pdbx_percent_possible_anomalous                ? 
_reflns.pdbx_observed_signal_threshold                 ? 
_reflns.pdbx_signal_type                               ? 
_reflns.pdbx_signal_details                            ? 
_reflns.pdbx_signal_software_id                        ? 
# 
loop_
_reflns_shell.d_res_high 
_reflns_shell.d_res_low 
_reflns_shell.meanI_over_sigI_all 
_reflns_shell.meanI_over_sigI_obs 
_reflns_shell.number_measured_all 
_reflns_shell.number_measured_obs 
_reflns_shell.number_possible 
_reflns_shell.number_unique_all 
_reflns_shell.number_unique_obs 
_reflns_shell.percent_possible_obs 
_reflns_shell.Rmerge_F_all 
_reflns_shell.Rmerge_F_obs 
_reflns_shell.meanI_over_sigI_gt 
_reflns_shell.meanI_over_uI_all 
_reflns_shell.meanI_over_uI_gt 
_reflns_shell.number_measured_gt 
_reflns_shell.number_unique_gt 
_reflns_shell.percent_possible_gt 
_reflns_shell.Rmerge_F_gt 
_reflns_shell.Rmerge_I_gt 
_reflns_shell.pdbx_redundancy 
_reflns_shell.pdbx_chi_squared 
_reflns_shell.pdbx_netI_over_sigmaI_all 
_reflns_shell.pdbx_netI_over_sigmaI_obs 
_reflns_shell.pdbx_Rrim_I_all 
_reflns_shell.pdbx_Rpim_I_all 
_reflns_shell.pdbx_rejects 
_reflns_shell.pdbx_ordinal 
_reflns_shell.pdbx_diffrn_id 
_reflns_shell.pdbx_CC_half 
_reflns_shell.pdbx_CC_star 
_reflns_shell.pdbx_R_split 
_reflns_shell.percent_possible_all 
_reflns_shell.Rmerge_I_all 
_reflns_shell.Rmerge_I_obs 
_reflns_shell.pdbx_Rsym_value 
_reflns_shell.pdbx_percent_possible_ellipsoidal 
_reflns_shell.pdbx_percent_possible_spherical 
_reflns_shell.pdbx_percent_possible_ellipsoidal_anomalous 
_reflns_shell.pdbx_percent_possible_spherical_anomalous 
_reflns_shell.pdbx_redundancy_anomalous 
_reflns_shell.pdbx_CC_half_anomalous 
_reflns_shell.pdbx_absDiff_over_sigma_anomalous 
_reflns_shell.pdbx_percent_possible_anomalous 
1.55 1.58  ? ? ? ? ? ? 1014 ? ? ? ? ? ? ? ? ? ? ? 4.9  0.424 ? ? 0.464 0.193 ? 1  1 0.892 0.971 ? 82.9  ? 0.420 ? ? ? ? ? ? ? ? ? 
1.58 1.61  ? ? ? ? ? ? 1117 ? ? ? ? ? ? ? ? ? ? ? 5.1  0.422 ? ? 0.488 0.202 ? 2  1 0.904 0.975 ? 89.4  ? 0.442 ? ? ? ? ? ? ? ? ? 
1.61 1.64  ? ? ? ? ? ? 1151 ? ? ? ? ? ? ? ? ? ? ? 5.2  0.423 ? ? 0.447 0.184 ? 3  1 0.937 0.984 ? 94.0  ? 0.406 ? ? ? ? ? ? ? ? ? 
1.64 1.67  ? ? ? ? ? ? 1188 ? ? ? ? ? ? ? ? ? ? ? 5.2  0.433 ? ? 0.452 0.185 ? 4  1 0.932 0.982 ? 95.5  ? 0.410 ? ? ? ? ? ? ? ? ? 
1.67 1.71  ? ? ? ? ? ? 1147 ? ? ? ? ? ? ? ? ? ? ? 5.5  0.450 ? ? 0.452 0.182 ? 5  1 0.955 0.988 ? 92.6  ? 0.411 ? ? ? ? ? ? ? ? ? 
1.71 1.75  ? ? ? ? ? ? 1232 ? ? ? ? ? ? ? ? ? ? ? 6.7  0.450 ? ? 0.514 0.191 ? 6  1 0.941 0.985 ? 99.6  ? 0.476 ? ? ? ? ? ? ? ? ? 
1.75 1.79  ? ? ? ? ? ? 1212 ? ? ? ? ? ? ? ? ? ? ? 7.7  0.449 ? ? 0.507 0.177 ? 7  1 0.970 0.992 ? 98.9  ? 0.474 ? ? ? ? ? ? ? ? ? 
1.79 1.84  ? ? ? ? ? ? 1247 ? ? ? ? ? ? ? ? ? ? ? 8.5  0.471 ? ? 0.493 0.163 ? 8  1 0.962 0.990 ? 99.1  ? 0.464 ? ? ? ? ? ? ? ? ? 
1.84 1.89  ? ? ? ? ? ? 1232 ? ? ? ? ? ? ? ? ? ? ? 9.1  0.483 ? ? 0.541 0.174 ? 9  1 0.979 0.995 ? 99.0  ? 0.511 ? ? ? ? ? ? ? ? ? 
1.89 1.95  ? ? ? ? ? ? 1238 ? ? ? ? ? ? ? ? ? ? ? 9.8  0.499 ? ? 0.506 0.156 ? 10 1 0.984 0.996 ? 99.3  ? 0.481 ? ? ? ? ? ? ? ? ? 
1.95 2.02  ? ? ? ? ? ? 1247 ? ? ? ? ? ? ? ? ? ? ? 10.4 0.536 ? ? 0.471 0.141 ? 11 1 0.985 0.996 ? 99.1  ? 0.448 ? ? ? ? ? ? ? ? ? 
2.02 2.10  ? ? ? ? ? ? 1232 ? ? ? ? ? ? ? ? ? ? ? 10.8 0.566 ? ? 0.407 0.121 ? 12 1 0.988 0.997 ? 99.5  ? 0.388 ? ? ? ? ? ? ? ? ? 
2.10 2.20  ? ? ? ? ? ? 1260 ? ? ? ? ? ? ? ? ? ? ? 11.0 0.559 ? ? 0.350 0.104 ? 13 1 0.992 0.998 ? 99.7  ? 0.334 ? ? ? ? ? ? ? ? ? 
2.20 2.32  ? ? ? ? ? ? 1225 ? ? ? ? ? ? ? ? ? ? ? 10.4 0.613 ? ? 0.278 0.085 ? 14 1 0.992 0.998 ? 98.2  ? 0.264 ? ? ? ? ? ? ? ? ? 
2.32 2.46  ? ? ? ? ? ? 1196 ? ? ? ? ? ? ? ? ? ? ? 11.3 0.610 ? ? 0.234 0.069 ? 15 1 0.988 0.997 ? 95.0  ? 0.223 ? ? ? ? ? ? ? ? ? 
2.46 2.65  ? ? ? ? ? ? 1279 ? ? ? ? ? ? ? ? ? ? ? 13.4 0.635 ? ? 0.205 0.055 ? 16 1 0.996 0.999 ? 99.8  ? 0.197 ? ? ? ? ? ? ? ? ? 
2.65 2.92  ? ? ? ? ? ? 1265 ? ? ? ? ? ? ? ? ? ? ? 13.4 0.735 ? ? 0.162 0.044 ? 17 1 0.997 0.999 ? 100.0 ? 0.156 ? ? ? ? ? ? ? ? ? 
2.92 3.34  ? ? ? ? ? ? 1304 ? ? ? ? ? ? ? ? ? ? ? 12.9 1.000 ? ? 0.115 0.032 ? 18 1 0.997 0.999 ? 100.0 ? 0.111 ? ? ? ? ? ? ? ? ? 
3.34 4.21  ? ? ? ? ? ? 1301 ? ? ? ? ? ? ? ? ? ? ? 11.4 1.300 ? ? 0.078 0.023 ? 19 1 0.998 0.999 ? 99.9  ? 0.074 ? ? ? ? ? ? ? ? ? 
4.21 50.00 ? ? ? ? ? ? 1317 ? ? ? ? ? ? ? ? ? ? ? 12.0 1.385 ? ? 0.065 0.019 ? 20 1 0.997 0.999 ? 94.5  ? 0.062 ? ? ? ? ? ? ? ? ? 
# 
_refine.aniso_B[1][1]                            -0.06 
_refine.aniso_B[1][2]                            0.00 
_refine.aniso_B[1][3]                            -0.00 
_refine.aniso_B[2][2]                            0.05 
_refine.aniso_B[2][3]                            -0.00 
_refine.aniso_B[3][3]                            0.01 
_refine.B_iso_max                                ? 
_refine.B_iso_mean                               22.894 
_refine.B_iso_min                                ? 
_refine.correlation_coeff_Fo_to_Fc               0.972 
_refine.correlation_coeff_Fo_to_Fc_free          0.964 
_refine.details                                  'HYDROGENS HAVE BEEN ADDED IN THE RIDING POSITIONS' 
_refine.diff_density_max                         ? 
_refine.diff_density_max_esd                     ? 
_refine.diff_density_min                         ? 
_refine.diff_density_min_esd                     ? 
_refine.diff_density_rms                         ? 
_refine.diff_density_rms_esd                     ? 
_refine.entry_id                                 8TF9 
_refine.pdbx_refine_id                           'X-RAY DIFFRACTION' 
_refine.ls_abs_structure_details                 ? 
_refine.ls_abs_structure_Flack                   ? 
_refine.ls_abs_structure_Flack_esd               ? 
_refine.ls_abs_structure_Rogers                  ? 
_refine.ls_abs_structure_Rogers_esd              ? 
_refine.ls_d_res_high                            1.55 
_refine.ls_d_res_low                             35.94 
_refine.ls_extinction_coef                       ? 
_refine.ls_extinction_coef_esd                   ? 
_refine.ls_extinction_expression                 ? 
_refine.ls_extinction_method                     ? 
_refine.ls_goodness_of_fit_all                   ? 
_refine.ls_goodness_of_fit_all_esd               ? 
_refine.ls_goodness_of_fit_obs                   ? 
_refine.ls_goodness_of_fit_obs_esd               ? 
_refine.ls_hydrogen_treatment                    ? 
_refine.ls_matrix_type                           ? 
_refine.ls_number_constraints                    ? 
_refine.ls_number_parameters                     ? 
_refine.ls_number_reflns_all                     ? 
_refine.ls_number_reflns_obs                     23137 
_refine.ls_number_reflns_R_free                  1230 
_refine.ls_number_reflns_R_work                  ? 
_refine.ls_number_restraints                     ? 
_refine.ls_percent_reflns_obs                    96.86 
_refine.ls_percent_reflns_R_free                 5.0 
_refine.ls_R_factor_all                          ? 
_refine.ls_R_factor_obs                          0.16276 
_refine.ls_R_factor_R_free                       0.18782 
_refine.ls_R_factor_R_free_error                 ? 
_refine.ls_R_factor_R_free_error_details         ? 
_refine.ls_R_factor_R_work                       0.16142 
_refine.ls_R_Fsqd_factor_obs                     ? 
_refine.ls_R_I_factor_obs                        ? 
_refine.ls_redundancy_reflns_all                 ? 
_refine.ls_redundancy_reflns_obs                 ? 
_refine.ls_restrained_S_all                      ? 
_refine.ls_restrained_S_obs                      ? 
_refine.ls_shift_over_esd_max                    ? 
_refine.ls_shift_over_esd_mean                   ? 
_refine.ls_structure_factor_coef                 ? 
_refine.ls_weighting_details                     ? 
_refine.ls_weighting_scheme                      ? 
_refine.ls_wR_factor_all                         ? 
_refine.ls_wR_factor_obs                         ? 
_refine.ls_wR_factor_R_free                      ? 
_refine.ls_wR_factor_R_work                      ? 
_refine.occupancy_max                            ? 
_refine.occupancy_min                            ? 
_refine.solvent_model_details                    MASK 
_refine.solvent_model_param_bsol                 ? 
_refine.solvent_model_param_ksol                 ? 
_refine.pdbx_R_complete                          ? 
_refine.ls_R_factor_gt                           ? 
_refine.ls_goodness_of_fit_gt                    ? 
_refine.ls_goodness_of_fit_ref                   ? 
_refine.ls_shift_over_su_max                     ? 
_refine.ls_shift_over_su_max_lt                  ? 
_refine.ls_shift_over_su_mean                    ? 
_refine.ls_shift_over_su_mean_lt                 ? 
_refine.pdbx_ls_sigma_I                          ? 
_refine.pdbx_ls_sigma_F                          ? 
_refine.pdbx_ls_sigma_Fsqd                       ? 
_refine.pdbx_data_cutoff_high_absF               ? 
_refine.pdbx_data_cutoff_high_rms_absF           ? 
_refine.pdbx_data_cutoff_low_absF                ? 
_refine.pdbx_isotropic_thermal_model             ? 
_refine.pdbx_ls_cross_valid_method               THROUGHOUT 
_refine.pdbx_method_to_determine_struct          'FOURIER SYNTHESIS' 
_refine.pdbx_starting_model                      ? 
_refine.pdbx_stereochemistry_target_values       'MAXIMUM LIKELIHOOD' 
_refine.pdbx_R_Free_selection_details            RANDOM 
_refine.pdbx_stereochem_target_val_spec_case     ? 
_refine.pdbx_overall_ESU_R                       0.071 
_refine.pdbx_overall_ESU_R_Free                  0.072 
_refine.pdbx_solvent_vdw_probe_radii             1.20 
_refine.pdbx_solvent_ion_probe_radii             0.80 
_refine.pdbx_solvent_shrinkage_radii             0.80 
_refine.pdbx_real_space_R                        ? 
_refine.pdbx_density_correlation                 ? 
_refine.pdbx_pd_number_of_powder_patterns        ? 
_refine.pdbx_pd_number_of_points                 ? 
_refine.pdbx_pd_meas_number_of_points            ? 
_refine.pdbx_pd_proc_ls_prof_R_factor            ? 
_refine.pdbx_pd_proc_ls_prof_wR_factor           ? 
_refine.pdbx_pd_Marquardt_correlation_coeff      ? 
_refine.pdbx_pd_Fsqrd_R_factor                   ? 
_refine.pdbx_pd_ls_matrix_band_width             ? 
_refine.pdbx_overall_phase_error                 ? 
_refine.pdbx_overall_SU_R_free_Cruickshank_DPI   ? 
_refine.pdbx_overall_SU_R_free_Blow_DPI          ? 
_refine.pdbx_overall_SU_R_Blow_DPI               ? 
_refine.pdbx_TLS_residual_ADP_flag               ? 
_refine.pdbx_diffrn_id                           1 
_refine.overall_SU_B                             1.730 
_refine.overall_SU_ML                            0.057 
_refine.overall_SU_R_Cruickshank_DPI             ? 
_refine.overall_SU_R_free                        ? 
_refine.overall_FOM_free_R_set                   ? 
_refine.overall_FOM_work_R_set                   ? 
_refine.pdbx_average_fsc_overall                 ? 
_refine.pdbx_average_fsc_work                    ? 
_refine.pdbx_average_fsc_free                    ? 
# 
_refine_hist.pdbx_refine_id                   'X-RAY DIFFRACTION' 
_refine_hist.cycle_id                         1 
_refine_hist.details                          ? 
_refine_hist.d_res_high                       1.55 
_refine_hist.d_res_low                        35.94 
_refine_hist.number_atoms_solvent             164 
_refine_hist.number_atoms_total               1305 
_refine_hist.number_reflns_all                ? 
_refine_hist.number_reflns_obs                ? 
_refine_hist.number_reflns_R_free             ? 
_refine_hist.number_reflns_R_work             ? 
_refine_hist.R_factor_all                     ? 
_refine_hist.R_factor_obs                     ? 
_refine_hist.R_factor_R_free                  ? 
_refine_hist.R_factor_R_work                  ? 
_refine_hist.pdbx_number_residues_total       ? 
_refine_hist.pdbx_B_iso_mean_ligand           ? 
_refine_hist.pdbx_B_iso_mean_solvent          ? 
_refine_hist.pdbx_number_atoms_protein        1095 
_refine_hist.pdbx_number_atoms_nucleic_acid   0 
_refine_hist.pdbx_number_atoms_ligand         46 
_refine_hist.pdbx_number_atoms_lipid          ? 
_refine_hist.pdbx_number_atoms_carb           ? 
_refine_hist.pdbx_pseudo_atom_details         ? 
# 
loop_
_refine_ls_restr.pdbx_refine_id 
_refine_ls_restr.criterion 
_refine_ls_restr.dev_ideal 
_refine_ls_restr.dev_ideal_target 
_refine_ls_restr.number 
_refine_ls_restr.rejects 
_refine_ls_restr.type 
_refine_ls_restr.weight 
_refine_ls_restr.pdbx_restraint_function 
'X-RAY DIFFRACTION' ? 0.015  0.013  1198 ? r_bond_refined_d             ? ? 
'X-RAY DIFFRACTION' ? 0.001  0.018  1081 ? r_bond_other_d               ? ? 
'X-RAY DIFFRACTION' ? 2.242  1.693  1641 ? r_angle_refined_deg          ? ? 
'X-RAY DIFFRACTION' ? 1.507  1.593  2515 ? r_angle_other_deg            ? ? 
'X-RAY DIFFRACTION' ? 7.192  5.000  146  ? r_dihedral_angle_1_deg       ? ? 
'X-RAY DIFFRACTION' ? 28.842 21.429 70   ? r_dihedral_angle_2_deg       ? ? 
'X-RAY DIFFRACTION' ? 13.441 15.000 209  ? r_dihedral_angle_3_deg       ? ? 
'X-RAY DIFFRACTION' ? 17.967 15.000 11   ? r_dihedral_angle_4_deg       ? ? 
'X-RAY DIFFRACTION' ? 0.233  0.200  156  ? r_chiral_restr               ? ? 
'X-RAY DIFFRACTION' ? 0.010  0.020  1317 ? r_gen_planes_refined         ? ? 
'X-RAY DIFFRACTION' ? 0.002  0.020  260  ? r_gen_planes_other           ? ? 
'X-RAY DIFFRACTION' ? ?      ?      ?    ? r_nbd_refined                ? ? 
'X-RAY DIFFRACTION' ? ?      ?      ?    ? r_nbd_other                  ? ? 
'X-RAY DIFFRACTION' ? ?      ?      ?    ? r_nbtor_refined              ? ? 
'X-RAY DIFFRACTION' ? ?      ?      ?    ? r_nbtor_other                ? ? 
'X-RAY DIFFRACTION' ? ?      ?      ?    ? r_xyhbond_nbd_refined        ? ? 
'X-RAY DIFFRACTION' ? ?      ?      ?    ? r_xyhbond_nbd_other          ? ? 
'X-RAY DIFFRACTION' ? ?      ?      ?    ? r_metal_ion_refined          ? ? 
'X-RAY DIFFRACTION' ? ?      ?      ?    ? r_metal_ion_other            ? ? 
'X-RAY DIFFRACTION' ? ?      ?      ?    ? r_symmetry_vdw_refined       ? ? 
'X-RAY DIFFRACTION' ? ?      ?      ?    ? r_symmetry_vdw_other         ? ? 
'X-RAY DIFFRACTION' ? ?      ?      ?    ? r_symmetry_hbond_refined     ? ? 
'X-RAY DIFFRACTION' ? ?      ?      ?    ? r_symmetry_hbond_other       ? ? 
'X-RAY DIFFRACTION' ? ?      ?      ?    ? r_symmetry_metal_ion_refined ? ? 
'X-RAY DIFFRACTION' ? ?      ?      ?    ? r_symmetry_metal_ion_other   ? ? 
'X-RAY DIFFRACTION' ? 1.763  2.006  557  ? r_mcbond_it                  ? ? 
'X-RAY DIFFRACTION' ? 1.763  2.001  556  ? r_mcbond_other               ? ? 
'X-RAY DIFFRACTION' ? 2.573  2.998  700  ? r_mcangle_it                 ? ? 
'X-RAY DIFFRACTION' ? 2.572  3.003  701  ? r_mcangle_other              ? ? 
'X-RAY DIFFRACTION' ? 4.114  2.591  641  ? r_scbond_it                  ? ? 
'X-RAY DIFFRACTION' ? 4.124  2.601  633  ? r_scbond_other               ? ? 
'X-RAY DIFFRACTION' ? ?      ?      ?    ? r_scangle_it                 ? ? 
'X-RAY DIFFRACTION' ? 6.355  3.729  925  ? r_scangle_other              ? ? 
'X-RAY DIFFRACTION' ? 7.400  26.177 1373 ? r_long_range_B_refined       ? ? 
'X-RAY DIFFRACTION' ? 7.276  25.305 1322 ? r_long_range_B_other         ? ? 
'X-RAY DIFFRACTION' ? ?      ?      ?    ? r_rigid_bond_restr           ? ? 
'X-RAY DIFFRACTION' ? ?      ?      ?    ? r_sphericity_free            ? ? 
'X-RAY DIFFRACTION' ? ?      ?      ?    ? r_sphericity_bonded          ? ? 
# 
_refine_ls_shell.pdbx_refine_id                   'X-RAY DIFFRACTION' 
_refine_ls_shell.d_res_high                       1.55 
_refine_ls_shell.d_res_low                        1.589 
_refine_ls_shell.number_reflns_all                ? 
_refine_ls_shell.number_reflns_obs                ? 
_refine_ls_shell.number_reflns_R_free             74 
_refine_ls_shell.number_reflns_R_work             1462 
_refine_ls_shell.percent_reflns_obs               84.77 
_refine_ls_shell.percent_reflns_R_free            ? 
_refine_ls_shell.R_factor_all                     ? 
_refine_ls_shell.R_factor_obs                     ? 
_refine_ls_shell.R_factor_R_free_error            ? 
_refine_ls_shell.R_factor_R_work                  0.297 
_refine_ls_shell.redundancy_reflns_all            ? 
_refine_ls_shell.redundancy_reflns_obs            ? 
_refine_ls_shell.wR_factor_all                    ? 
_refine_ls_shell.wR_factor_obs                    ? 
_refine_ls_shell.wR_factor_R_free                 ? 
_refine_ls_shell.wR_factor_R_work                 ? 
_refine_ls_shell.pdbx_R_complete                  ? 
_refine_ls_shell.pdbx_total_number_of_bins_used   ? 
_refine_ls_shell.pdbx_phase_error                 ? 
_refine_ls_shell.pdbx_fsc_work                    ? 
_refine_ls_shell.pdbx_fsc_free                    ? 
_refine_ls_shell.R_factor_R_free                  0.273 
# 
_struct.entry_id                     8TF9 
_struct.title                        
;Diphosphoinositol polyphosphate phosphohydrolase 1 (DIPP1/NUDT3) in complex with myo-5-IP7, produced upon myo-IP6 phosphorylation by TvI
;
_struct.pdbx_model_details           ? 
_struct.pdbx_formula_weight          ? 
_struct.pdbx_formula_weight_method   ? 
_struct.pdbx_model_type_details      ? 
_struct.pdbx_CASP_flag               N 
# 
_struct_keywords.entry_id        8TF9 
_struct_keywords.text            'inositol phosphate, inositol, phosphatase, NUT3, HYDROLASE' 
_struct_keywords.pdbx_keywords   HYDROLASE 
# 
loop_
_struct_asym.id 
_struct_asym.pdbx_blank_PDB_chainid_flag 
_struct_asym.pdbx_modified 
_struct_asym.entity_id 
_struct_asym.details 
A N N 1 ? 
B N N 2 ? 
C N N 3 ? 
D N N 3 ? 
E N N 3 ? 
F N N 4 ? 
G N N 4 ? 
H N N 5 ? 
I N N 6 ? 
# 
_struct_ref.id                         1 
_struct_ref.db_name                    UNP 
_struct_ref.db_code                    NUDT3_HUMAN 
_struct_ref.pdbx_db_accession          O95989 
_struct_ref.pdbx_db_isoform            ? 
_struct_ref.entity_id                  1 
_struct_ref.pdbx_seq_one_letter_code   
;MMKLKSNQTRTYDGDGYKKRAACLCFRSESEEEVLLVSSSRHPDRWIVPGGGMEPEEEPSVAAVREVCEEAGVKGTLGRL
VGIFENQERKHRTYVYVLIVTEVLEDWEDSVNIGRKREWFKIEDAIKVLQYHKPVQASYFETLRQGYS
;
_struct_ref.pdbx_align_begin           1 
# 
_struct_ref_seq.align_id                      1 
_struct_ref_seq.ref_id                        1 
_struct_ref_seq.pdbx_PDB_id_code              8TF9 
_struct_ref_seq.pdbx_strand_id                A 
_struct_ref_seq.seq_align_beg                 1 
_struct_ref_seq.pdbx_seq_align_beg_ins_code   ? 
_struct_ref_seq.seq_align_end                 148 
_struct_ref_seq.pdbx_seq_align_end_ins_code   ? 
_struct_ref_seq.pdbx_db_accession             O95989 
_struct_ref_seq.db_align_beg                  1 
_struct_ref_seq.pdbx_db_align_beg_ins_code    ? 
_struct_ref_seq.db_align_end                  148 
_struct_ref_seq.pdbx_db_align_end_ins_code    ? 
_struct_ref_seq.pdbx_auth_seq_align_beg       1 
_struct_ref_seq.pdbx_auth_seq_align_end       148 
# 
_pdbx_struct_assembly.id                   1 
_pdbx_struct_assembly.details              author_and_software_defined_assembly 
_pdbx_struct_assembly.method_details       ? 
_pdbx_struct_assembly.oligomeric_details   monomeric 
_pdbx_struct_assembly.oligomeric_count     1 
# 
_pdbx_struct_assembly_gen.assembly_id       1 
_pdbx_struct_assembly_gen.oper_expression   1 
_pdbx_struct_assembly_gen.asym_id_list      A,B,C,D,E,F,G,H,I 
# 
_pdbx_struct_assembly_auth_evidence.id                     1 
_pdbx_struct_assembly_auth_evidence.assembly_id            1 
_pdbx_struct_assembly_auth_evidence.experimental_support   'gel filtration' 
_pdbx_struct_assembly_auth_evidence.details                ? 
# 
_pdbx_struct_oper_list.id                   1 
_pdbx_struct_oper_list.type                 'identity operation' 
_pdbx_struct_oper_list.name                 1_555 
_pdbx_struct_oper_list.symmetry_operation   x,y,z 
_pdbx_struct_oper_list.matrix[1][1]         1.0 
_pdbx_struct_oper_list.matrix[1][2]         0.0 
_pdbx_struct_oper_list.matrix[1][3]         0.0 
_pdbx_struct_oper_list.vector[1]            0.0 
_pdbx_struct_oper_list.matrix[2][1]         0.0 
_pdbx_struct_oper_list.matrix[2][2]         1.0 
_pdbx_struct_oper_list.matrix[2][3]         0.0 
_pdbx_struct_oper_list.vector[2]            0.0 
_pdbx_struct_oper_list.matrix[3][1]         0.0 
_pdbx_struct_oper_list.matrix[3][2]         0.0 
_pdbx_struct_oper_list.matrix[3][3]         1.0 
_pdbx_struct_oper_list.vector[3]            0.0 
# 
loop_
_struct_conf.conf_type_id 
_struct_conf.id 
_struct_conf.pdbx_PDB_helix_id 
_struct_conf.beg_label_comp_id 
_struct_conf.beg_label_asym_id 
_struct_conf.beg_label_seq_id 
_struct_conf.pdbx_beg_PDB_ins_code 
_struct_conf.end_label_comp_id 
_struct_conf.end_label_asym_id 
_struct_conf.end_label_seq_id 
_struct_conf.pdbx_end_PDB_ins_code 
_struct_conf.beg_auth_comp_id 
_struct_conf.beg_auth_asym_id 
_struct_conf.beg_auth_seq_id 
_struct_conf.end_auth_comp_id 
_struct_conf.end_auth_asym_id 
_struct_conf.end_auth_seq_id 
_struct_conf.pdbx_PDB_helix_class 
_struct_conf.details 
_struct_conf.pdbx_PDB_helix_length 
HELX_P HELX_P1 AA1 GLU A 58  ? GLY A 72  ? GLU A 58  GLY A 72  1 ? 15 
HELX_P HELX_P2 AA2 TRP A 107 ? GLY A 114 ? TRP A 107 GLY A 114 1 ? 8  
HELX_P HELX_P3 AA3 ILE A 122 ? GLN A 130 ? ILE A 122 GLN A 130 1 ? 9  
HELX_P HELX_P4 AA4 LYS A 133 ? TYR A 139 ? LYS A 133 TYR A 139 1 ? 7  
# 
_struct_conf_type.id          HELX_P 
_struct_conf_type.criteria    ? 
_struct_conf_type.reference   ? 
# 
loop_
_struct_conn.id 
_struct_conn.conn_type_id 
_struct_conn.pdbx_leaving_atom_flag 
_struct_conn.pdbx_PDB_id 
_struct_conn.ptnr1_label_asym_id 
_struct_conn.ptnr1_label_comp_id 
_struct_conn.ptnr1_label_seq_id 
_struct_conn.ptnr1_label_atom_id 
_struct_conn.pdbx_ptnr1_label_alt_id 
_struct_conn.pdbx_ptnr1_PDB_ins_code 
_struct_conn.pdbx_ptnr1_standard_comp_id 
_struct_conn.ptnr1_symmetry 
_struct_conn.ptnr2_label_asym_id 
_struct_conn.ptnr2_label_comp_id 
_struct_conn.ptnr2_label_seq_id 
_struct_conn.ptnr2_label_atom_id 
_struct_conn.pdbx_ptnr2_label_alt_id 
_struct_conn.pdbx_ptnr2_PDB_ins_code 
_struct_conn.ptnr1_auth_asym_id 
_struct_conn.ptnr1_auth_comp_id 
_struct_conn.ptnr1_auth_seq_id 
_struct_conn.ptnr2_auth_asym_id 
_struct_conn.ptnr2_auth_comp_id 
_struct_conn.ptnr2_auth_seq_id 
_struct_conn.ptnr2_symmetry 
_struct_conn.pdbx_ptnr3_label_atom_id 
_struct_conn.pdbx_ptnr3_label_seq_id 
_struct_conn.pdbx_ptnr3_label_comp_id 
_struct_conn.pdbx_ptnr3_label_asym_id 
_struct_conn.pdbx_ptnr3_label_alt_id 
_struct_conn.pdbx_ptnr3_PDB_ins_code 
_struct_conn.details 
_struct_conn.pdbx_dist_value 
_struct_conn.pdbx_value_order 
_struct_conn.pdbx_role 
metalc1  metalc ? ? A GLY 50 O   ? ? ? 1_555 C MG  . MG ? ? A GLY 50  A MG  402 1_555 ? ? ? ? ? ? ? 2.138 ? ? 
metalc2  metalc ? ? A GLU 66 OE2 ? ? ? 1_555 D MG  . MG ? ? A GLU 66  A MG  403 1_555 ? ? ? ? ? ? ? 2.060 ? ? 
metalc3  metalc ? ? A GLU 66 OE1 ? ? ? 1_555 E MG  . MG ? ? A GLU 66  A MG  404 1_555 ? ? ? ? ? ? ? 2.037 ? ? 
metalc4  metalc ? ? A GLU 70 OE1 ? ? ? 1_555 C MG  . MG ? ? A GLU 70  A MG  402 1_555 ? ? ? ? ? ? ? 2.109 ? ? 
metalc5  metalc ? ? A GLU 70 OE1 ? ? ? 1_555 D MG  . MG ? ? A GLU 70  A MG  403 1_555 ? ? ? ? ? ? ? 2.159 ? ? 
metalc6  metalc ? ? B I7P .  O35 ? ? ? 1_555 C MG  . MG ? ? A I7P 401 A MG  402 1_555 ? ? ? ? ? ? ? 2.017 ? ? 
metalc7  metalc ? ? B I7P .  O44 ? ? ? 1_555 C MG  . MG ? ? A I7P 401 A MG  402 1_555 ? ? ? ? ? ? ? 2.060 ? ? 
metalc8  metalc ? ? B I7P .  O55 ? ? ? 1_555 C MG  . MG ? ? A I7P 401 A MG  402 1_555 ? ? ? ? ? ? ? 1.992 ? ? 
metalc9  metalc ? ? B I7P .  O55 ? ? ? 1_555 D MG  . MG ? ? A I7P 401 A MG  403 1_555 ? ? ? ? ? ? ? 2.092 ? ? 
metalc10 metalc ? ? B I7P .  O65 ? ? ? 1_555 E MG  . MG ? ? A I7P 401 A MG  404 1_555 ? ? ? ? ? ? ? 2.069 ? ? 
metalc11 metalc ? ? C MG  .  MG  ? ? ? 1_555 I HOH . O  ? ? A MG  402 A HOH 527 1_555 ? ? ? ? ? ? ? 2.128 ? ? 
metalc12 metalc ? ? D MG  .  MG  ? ? ? 1_555 I HOH . O  ? ? A MG  403 A HOH 539 1_555 ? ? ? ? ? ? ? 2.052 ? ? 
metalc13 metalc ? ? D MG  .  MG  ? ? ? 1_555 I HOH . O  ? ? A MG  403 A HOH 587 1_555 ? ? ? ? ? ? ? 2.130 ? ? 
metalc14 metalc ? ? E MG  .  MG  ? ? ? 1_555 I HOH . O  ? ? A MG  404 A HOH 551 1_555 ? ? ? ? ? ? ? 2.112 ? ? 
metalc15 metalc ? ? E MG  .  MG  ? ? ? 1_555 I HOH . O  ? ? A MG  404 A HOH 572 1_555 ? ? ? ? ? ? ? 2.081 ? ? 
metalc16 metalc ? ? E MG  .  MG  ? ? ? 1_555 I HOH . O  ? ? A MG  404 A HOH 616 1_555 ? ? ? ? ? ? ? 2.146 ? ? 
# 
_struct_conn_type.id          metalc 
_struct_conn_type.criteria    ? 
_struct_conn_type.reference   ? 
# 
loop_
_pdbx_struct_conn_angle.id 
_pdbx_struct_conn_angle.ptnr1_label_atom_id 
_pdbx_struct_conn_angle.ptnr1_label_alt_id 
_pdbx_struct_conn_angle.ptnr1_label_asym_id 
_pdbx_struct_conn_angle.ptnr1_label_comp_id 
_pdbx_struct_conn_angle.ptnr1_label_seq_id 
_pdbx_struct_conn_angle.ptnr1_auth_atom_id 
_pdbx_struct_conn_angle.ptnr1_auth_asym_id 
_pdbx_struct_conn_angle.ptnr1_auth_comp_id 
_pdbx_struct_conn_angle.ptnr1_auth_seq_id 
_pdbx_struct_conn_angle.ptnr1_PDB_ins_code 
_pdbx_struct_conn_angle.ptnr1_symmetry 
_pdbx_struct_conn_angle.ptnr2_label_atom_id 
_pdbx_struct_conn_angle.ptnr2_label_alt_id 
_pdbx_struct_conn_angle.ptnr2_label_asym_id 
_pdbx_struct_conn_angle.ptnr2_label_comp_id 
_pdbx_struct_conn_angle.ptnr2_label_seq_id 
_pdbx_struct_conn_angle.ptnr2_auth_atom_id 
_pdbx_struct_conn_angle.ptnr2_auth_asym_id 
_pdbx_struct_conn_angle.ptnr2_auth_comp_id 
_pdbx_struct_conn_angle.ptnr2_auth_seq_id 
_pdbx_struct_conn_angle.ptnr2_PDB_ins_code 
_pdbx_struct_conn_angle.ptnr2_symmetry 
_pdbx_struct_conn_angle.ptnr3_label_atom_id 
_pdbx_struct_conn_angle.ptnr3_label_alt_id 
_pdbx_struct_conn_angle.ptnr3_label_asym_id 
_pdbx_struct_conn_angle.ptnr3_label_comp_id 
_pdbx_struct_conn_angle.ptnr3_label_seq_id 
_pdbx_struct_conn_angle.ptnr3_auth_atom_id 
_pdbx_struct_conn_angle.ptnr3_auth_asym_id 
_pdbx_struct_conn_angle.ptnr3_auth_comp_id 
_pdbx_struct_conn_angle.ptnr3_auth_seq_id 
_pdbx_struct_conn_angle.ptnr3_PDB_ins_code 
_pdbx_struct_conn_angle.ptnr3_symmetry 
_pdbx_struct_conn_angle.value 
_pdbx_struct_conn_angle.value_esd 
1  O   ? A GLY 50 ? A GLY 50  ? 1_555 MG ? C MG . ? A MG 402 ? 1_555 OE1 ? A GLU 70 ? A GLU 70  ? 1_555 83.1  ? 
2  O   ? A GLY 50 ? A GLY 50  ? 1_555 MG ? C MG . ? A MG 402 ? 1_555 O35 ? B I7P .  ? A I7P 401 ? 1_555 92.8  ? 
3  OE1 ? A GLU 70 ? A GLU 70  ? 1_555 MG ? C MG . ? A MG 402 ? 1_555 O35 ? B I7P .  ? A I7P 401 ? 1_555 169.7 ? 
4  O   ? A GLY 50 ? A GLY 50  ? 1_555 MG ? C MG . ? A MG 402 ? 1_555 O44 ? B I7P .  ? A I7P 401 ? 1_555 169.2 ? 
5  OE1 ? A GLU 70 ? A GLU 70  ? 1_555 MG ? C MG . ? A MG 402 ? 1_555 O44 ? B I7P .  ? A I7P 401 ? 1_555 91.8  ? 
6  O35 ? B I7P .  ? A I7P 401 ? 1_555 MG ? C MG . ? A MG 402 ? 1_555 O44 ? B I7P .  ? A I7P 401 ? 1_555 93.8  ? 
7  O   ? A GLY 50 ? A GLY 50  ? 1_555 MG ? C MG . ? A MG 402 ? 1_555 O55 ? B I7P .  ? A I7P 401 ? 1_555 102.2 ? 
8  OE1 ? A GLU 70 ? A GLU 70  ? 1_555 MG ? C MG . ? A MG 402 ? 1_555 O55 ? B I7P .  ? A I7P 401 ? 1_555 79.7  ? 
9  O35 ? B I7P .  ? A I7P 401 ? 1_555 MG ? C MG . ? A MG 402 ? 1_555 O55 ? B I7P .  ? A I7P 401 ? 1_555 91.9  ? 
10 O44 ? B I7P .  ? A I7P 401 ? 1_555 MG ? C MG . ? A MG 402 ? 1_555 O55 ? B I7P .  ? A I7P 401 ? 1_555 86.1  ? 
11 O   ? A GLY 50 ? A GLY 50  ? 1_555 MG ? C MG . ? A MG 402 ? 1_555 O   ? I HOH .  ? A HOH 527 ? 1_555 83.4  ? 
12 OE1 ? A GLU 70 ? A GLU 70  ? 1_555 MG ? C MG . ? A MG 402 ? 1_555 O   ? I HOH .  ? A HOH 527 ? 1_555 91.1  ? 
13 O35 ? B I7P .  ? A I7P 401 ? 1_555 MG ? C MG . ? A MG 402 ? 1_555 O   ? I HOH .  ? A HOH 527 ? 1_555 97.9  ? 
14 O44 ? B I7P .  ? A I7P 401 ? 1_555 MG ? C MG . ? A MG 402 ? 1_555 O   ? I HOH .  ? A HOH 527 ? 1_555 87.2  ? 
15 O55 ? B I7P .  ? A I7P 401 ? 1_555 MG ? C MG . ? A MG 402 ? 1_555 O   ? I HOH .  ? A HOH 527 ? 1_555 168.4 ? 
16 OE2 ? A GLU 66 ? A GLU 66  ? 1_555 MG ? D MG . ? A MG 403 ? 1_555 OE1 ? A GLU 70 ? A GLU 70  ? 1_555 91.1  ? 
17 OE2 ? A GLU 66 ? A GLU 66  ? 1_555 MG ? D MG . ? A MG 403 ? 1_555 O55 ? B I7P .  ? A I7P 401 ? 1_555 94.5  ? 
18 OE1 ? A GLU 70 ? A GLU 70  ? 1_555 MG ? D MG . ? A MG 403 ? 1_555 O55 ? B I7P .  ? A I7P 401 ? 1_555 76.4  ? 
19 OE2 ? A GLU 66 ? A GLU 66  ? 1_555 MG ? D MG . ? A MG 403 ? 1_555 O   ? I HOH .  ? A HOH 539 ? 1_555 87.2  ? 
20 OE1 ? A GLU 70 ? A GLU 70  ? 1_555 MG ? D MG . ? A MG 403 ? 1_555 O   ? I HOH .  ? A HOH 539 ? 1_555 106.9 ? 
21 O55 ? B I7P .  ? A I7P 401 ? 1_555 MG ? D MG . ? A MG 403 ? 1_555 O   ? I HOH .  ? A HOH 539 ? 1_555 176.3 ? 
22 OE2 ? A GLU 66 ? A GLU 66  ? 1_555 MG ? D MG . ? A MG 403 ? 1_555 O   ? I HOH .  ? A HOH 587 ? 1_555 174.6 ? 
23 OE1 ? A GLU 70 ? A GLU 70  ? 1_555 MG ? D MG . ? A MG 403 ? 1_555 O   ? I HOH .  ? A HOH 587 ? 1_555 83.9  ? 
24 O55 ? B I7P .  ? A I7P 401 ? 1_555 MG ? D MG . ? A MG 403 ? 1_555 O   ? I HOH .  ? A HOH 587 ? 1_555 86.2  ? 
25 O   ? I HOH .  ? A HOH 539 ? 1_555 MG ? D MG . ? A MG 403 ? 1_555 O   ? I HOH .  ? A HOH 587 ? 1_555 92.4  ? 
26 OE1 ? A GLU 66 ? A GLU 66  ? 1_555 MG ? E MG . ? A MG 404 ? 1_555 O65 ? B I7P .  ? A I7P 401 ? 1_555 95.5  ? 
27 OE1 ? A GLU 66 ? A GLU 66  ? 1_555 MG ? E MG . ? A MG 404 ? 1_555 O   ? I HOH .  ? A HOH 551 ? 1_555 88.3  ? 
28 O65 ? B I7P .  ? A I7P 401 ? 1_555 MG ? E MG . ? A MG 404 ? 1_555 O   ? I HOH .  ? A HOH 551 ? 1_555 172.8 ? 
29 OE1 ? A GLU 66 ? A GLU 66  ? 1_555 MG ? E MG . ? A MG 404 ? 1_555 O   ? I HOH .  ? A HOH 572 ? 1_555 88.2  ? 
30 O65 ? B I7P .  ? A I7P 401 ? 1_555 MG ? E MG . ? A MG 404 ? 1_555 O   ? I HOH .  ? A HOH 572 ? 1_555 90.6  ? 
31 O   ? I HOH .  ? A HOH 551 ? 1_555 MG ? E MG . ? A MG 404 ? 1_555 O   ? I HOH .  ? A HOH 572 ? 1_555 95.6  ? 
32 OE1 ? A GLU 66 ? A GLU 66  ? 1_555 MG ? E MG . ? A MG 404 ? 1_555 O   ? I HOH .  ? A HOH 616 ? 1_555 170.7 ? 
33 O65 ? B I7P .  ? A I7P 401 ? 1_555 MG ? E MG . ? A MG 404 ? 1_555 O   ? I HOH .  ? A HOH 616 ? 1_555 89.2  ? 
34 O   ? I HOH .  ? A HOH 551 ? 1_555 MG ? E MG . ? A MG 404 ? 1_555 O   ? I HOH .  ? A HOH 616 ? 1_555 88.0  ? 
35 O   ? I HOH .  ? A HOH 572 ? 1_555 MG ? E MG . ? A MG 404 ? 1_555 O   ? I HOH .  ? A HOH 616 ? 1_555 83.7  ? 
# 
loop_
_struct_sheet.id 
_struct_sheet.type 
_struct_sheet.number_strands 
_struct_sheet.details 
AA1 ? 5 ? 
AA2 ? 4 ? 
# 
loop_
_struct_sheet_order.sheet_id 
_struct_sheet_order.range_id_1 
_struct_sheet_order.range_id_2 
_struct_sheet_order.offset 
_struct_sheet_order.sense 
AA1 1 2 ? anti-parallel 
AA1 2 3 ? anti-parallel 
AA1 3 4 ? parallel      
AA1 4 5 ? anti-parallel 
AA2 1 2 ? anti-parallel 
AA2 2 3 ? anti-parallel 
AA2 3 4 ? anti-parallel 
# 
loop_
_struct_sheet_range.sheet_id 
_struct_sheet_range.id 
_struct_sheet_range.beg_label_comp_id 
_struct_sheet_range.beg_label_asym_id 
_struct_sheet_range.beg_label_seq_id 
_struct_sheet_range.pdbx_beg_PDB_ins_code 
_struct_sheet_range.end_label_comp_id 
_struct_sheet_range.end_label_asym_id 
_struct_sheet_range.end_label_seq_id 
_struct_sheet_range.pdbx_end_PDB_ins_code 
_struct_sheet_range.beg_auth_comp_id 
_struct_sheet_range.beg_auth_asym_id 
_struct_sheet_range.beg_auth_seq_id 
_struct_sheet_range.end_auth_comp_id 
_struct_sheet_range.end_auth_asym_id 
_struct_sheet_range.end_auth_seq_id 
AA1 1 TRP A 46  ? ILE A 47  ? TRP A 46  ILE A 47  
AA1 2 GLU A 33  ? SER A 38  ? GLU A 33  SER A 38  
AA1 3 LYS A 18  ? PHE A 26  ? LYS A 18  PHE A 26  
AA1 4 HIS A 91  ? VAL A 103 ? HIS A 91  VAL A 103 
AA1 5 VAL A 73  ? ASN A 86  ? VAL A 73  ASN A 86  
AA2 1 GLY A 50  ? GLY A 52  ? GLY A 50  GLY A 52  
AA2 2 LYS A 18  ? PHE A 26  ? LYS A 18  PHE A 26  
AA2 3 GLU A 33  ? SER A 38  ? GLU A 33  SER A 38  
AA2 4 ARG A 117 ? LYS A 121 ? ARG A 117 LYS A 121 
# 
loop_
_pdbx_struct_sheet_hbond.sheet_id 
_pdbx_struct_sheet_hbond.range_id_1 
_pdbx_struct_sheet_hbond.range_id_2 
_pdbx_struct_sheet_hbond.range_1_label_atom_id 
_pdbx_struct_sheet_hbond.range_1_label_comp_id 
_pdbx_struct_sheet_hbond.range_1_label_asym_id 
_pdbx_struct_sheet_hbond.range_1_label_seq_id 
_pdbx_struct_sheet_hbond.range_1_PDB_ins_code 
_pdbx_struct_sheet_hbond.range_1_auth_atom_id 
_pdbx_struct_sheet_hbond.range_1_auth_comp_id 
_pdbx_struct_sheet_hbond.range_1_auth_asym_id 
_pdbx_struct_sheet_hbond.range_1_auth_seq_id 
_pdbx_struct_sheet_hbond.range_2_label_atom_id 
_pdbx_struct_sheet_hbond.range_2_label_comp_id 
_pdbx_struct_sheet_hbond.range_2_label_asym_id 
_pdbx_struct_sheet_hbond.range_2_label_seq_id 
_pdbx_struct_sheet_hbond.range_2_PDB_ins_code 
_pdbx_struct_sheet_hbond.range_2_auth_atom_id 
_pdbx_struct_sheet_hbond.range_2_auth_comp_id 
_pdbx_struct_sheet_hbond.range_2_auth_asym_id 
_pdbx_struct_sheet_hbond.range_2_auth_seq_id 
AA1 1 2 O ILE A 47 ? O ILE A 47 N VAL A 37  ? N VAL A 37  
AA1 2 3 O LEU A 35 ? O LEU A 35 N CYS A 25  ? N CYS A 25  
AA1 3 4 N LYS A 18 ? N LYS A 18 O ARG A 92  ? O ARG A 92  
AA1 4 5 O VAL A 97 ? O VAL A 97 N GLY A 78  ? N GLY A 78  
AA2 1 2 O GLY A 51 ? O GLY A 51 N ALA A 21  ? N ALA A 21  
AA2 2 3 N CYS A 25 ? N CYS A 25 O LEU A 35  ? O LEU A 35  
AA2 3 4 N VAL A 34 ? N VAL A 34 O PHE A 120 ? O PHE A 120 
# 
_pdbx_validate_torsion.id              1 
_pdbx_validate_torsion.PDB_model_num   1 
_pdbx_validate_torsion.auth_comp_id    GLU 
_pdbx_validate_torsion.auth_asym_id    A 
_pdbx_validate_torsion.auth_seq_id     56 
_pdbx_validate_torsion.PDB_ins_code    ? 
_pdbx_validate_torsion.label_alt_id    ? 
_pdbx_validate_torsion.phi             55.77 
_pdbx_validate_torsion.psi             17.45 
# 
_pdbx_entry_details.entry_id                   8TF9 
_pdbx_entry_details.nonpolymer_details         ? 
_pdbx_entry_details.sequence_details           ? 
_pdbx_entry_details.compound_details           ? 
_pdbx_entry_details.source_details             ? 
_pdbx_entry_details.has_ligand_of_interest     Y 
_pdbx_entry_details.has_protein_modification   ? 
# 
loop_
_pdbx_unobs_or_zero_occ_residues.id 
_pdbx_unobs_or_zero_occ_residues.PDB_model_num 
_pdbx_unobs_or_zero_occ_residues.polymer_flag 
_pdbx_unobs_or_zero_occ_residues.occupancy_flag 
_pdbx_unobs_or_zero_occ_residues.auth_asym_id 
_pdbx_unobs_or_zero_occ_residues.auth_comp_id 
_pdbx_unobs_or_zero_occ_residues.auth_seq_id 
_pdbx_unobs_or_zero_occ_residues.PDB_ins_code 
_pdbx_unobs_or_zero_occ_residues.label_asym_id 
_pdbx_unobs_or_zero_occ_residues.label_comp_id 
_pdbx_unobs_or_zero_occ_residues.label_seq_id 
1  1 Y 1 A MET 1   ? A MET 1   
2  1 Y 1 A MET 2   ? A MET 2   
3  1 Y 1 A LYS 3   ? A LYS 3   
4  1 Y 1 A LEU 4   ? A LEU 4   
5  1 Y 1 A LYS 5   ? A LYS 5   
6  1 Y 1 A SER 6   ? A SER 6   
7  1 Y 1 A ASN 7   ? A ASN 7   
8  1 Y 1 A LEU 143 ? A LEU 143 
9  1 Y 1 A ARG 144 ? A ARG 144 
10 1 Y 1 A GLN 145 ? A GLN 145 
11 1 Y 1 A GLY 146 ? A GLY 146 
12 1 Y 1 A TYR 147 ? A TYR 147 
13 1 Y 1 A SER 148 ? A SER 148 
# 
loop_
_chem_comp_atom.comp_id 
_chem_comp_atom.atom_id 
_chem_comp_atom.type_symbol 
_chem_comp_atom.pdbx_aromatic_flag 
_chem_comp_atom.pdbx_stereo_config 
_chem_comp_atom.pdbx_ordinal 
ALA N    N  N N 1   
ALA CA   C  N S 2   
ALA C    C  N N 3   
ALA O    O  N N 4   
ALA CB   C  N N 5   
ALA OXT  O  N N 6   
ALA H    H  N N 7   
ALA H2   H  N N 8   
ALA HA   H  N N 9   
ALA HB1  H  N N 10  
ALA HB2  H  N N 11  
ALA HB3  H  N N 12  
ALA HXT  H  N N 13  
ARG N    N  N N 14  
ARG CA   C  N S 15  
ARG C    C  N N 16  
ARG O    O  N N 17  
ARG CB   C  N N 18  
ARG CG   C  N N 19  
ARG CD   C  N N 20  
ARG NE   N  N N 21  
ARG CZ   C  N N 22  
ARG NH1  N  N N 23  
ARG NH2  N  N N 24  
ARG OXT  O  N N 25  
ARG H    H  N N 26  
ARG H2   H  N N 27  
ARG HA   H  N N 28  
ARG HB2  H  N N 29  
ARG HB3  H  N N 30  
ARG HG2  H  N N 31  
ARG HG3  H  N N 32  
ARG HD2  H  N N 33  
ARG HD3  H  N N 34  
ARG HE   H  N N 35  
ARG HH11 H  N N 36  
ARG HH12 H  N N 37  
ARG HH21 H  N N 38  
ARG HH22 H  N N 39  
ARG HXT  H  N N 40  
ASN N    N  N N 41  
ASN CA   C  N S 42  
ASN C    C  N N 43  
ASN O    O  N N 44  
ASN CB   C  N N 45  
ASN CG   C  N N 46  
ASN OD1  O  N N 47  
ASN ND2  N  N N 48  
ASN OXT  O  N N 49  
ASN H    H  N N 50  
ASN H2   H  N N 51  
ASN HA   H  N N 52  
ASN HB2  H  N N 53  
ASN HB3  H  N N 54  
ASN HD21 H  N N 55  
ASN HD22 H  N N 56  
ASN HXT  H  N N 57  
ASP N    N  N N 58  
ASP CA   C  N S 59  
ASP C    C  N N 60  
ASP O    O  N N 61  
ASP CB   C  N N 62  
ASP CG   C  N N 63  
ASP OD1  O  N N 64  
ASP OD2  O  N N 65  
ASP OXT  O  N N 66  
ASP H    H  N N 67  
ASP H2   H  N N 68  
ASP HA   H  N N 69  
ASP HB2  H  N N 70  
ASP HB3  H  N N 71  
ASP HD2  H  N N 72  
ASP HXT  H  N N 73  
CL  CL   CL N N 74  
CYS N    N  N N 75  
CYS CA   C  N R 76  
CYS C    C  N N 77  
CYS O    O  N N 78  
CYS CB   C  N N 79  
CYS SG   S  N N 80  
CYS OXT  O  N N 81  
CYS H    H  N N 82  
CYS H2   H  N N 83  
CYS HA   H  N N 84  
CYS HB2  H  N N 85  
CYS HB3  H  N N 86  
CYS HG   H  N N 87  
CYS HXT  H  N N 88  
F   F    F  N N 89  
GLN N    N  N N 90  
GLN CA   C  N S 91  
GLN C    C  N N 92  
GLN O    O  N N 93  
GLN CB   C  N N 94  
GLN CG   C  N N 95  
GLN CD   C  N N 96  
GLN OE1  O  N N 97  
GLN NE2  N  N N 98  
GLN OXT  O  N N 99  
GLN H    H  N N 100 
GLN H2   H  N N 101 
GLN HA   H  N N 102 
GLN HB2  H  N N 103 
GLN HB3  H  N N 104 
GLN HG2  H  N N 105 
GLN HG3  H  N N 106 
GLN HE21 H  N N 107 
GLN HE22 H  N N 108 
GLN HXT  H  N N 109 
GLU N    N  N N 110 
GLU CA   C  N S 111 
GLU C    C  N N 112 
GLU O    O  N N 113 
GLU CB   C  N N 114 
GLU CG   C  N N 115 
GLU CD   C  N N 116 
GLU OE1  O  N N 117 
GLU OE2  O  N N 118 
GLU OXT  O  N N 119 
GLU H    H  N N 120 
GLU H2   H  N N 121 
GLU HA   H  N N 122 
GLU HB2  H  N N 123 
GLU HB3  H  N N 124 
GLU HG2  H  N N 125 
GLU HG3  H  N N 126 
GLU HE2  H  N N 127 
GLU HXT  H  N N 128 
GLY N    N  N N 129 
GLY CA   C  N N 130 
GLY C    C  N N 131 
GLY O    O  N N 132 
GLY OXT  O  N N 133 
GLY H    H  N N 134 
GLY H2   H  N N 135 
GLY HA2  H  N N 136 
GLY HA3  H  N N 137 
GLY HXT  H  N N 138 
HIS N    N  N N 139 
HIS CA   C  N S 140 
HIS C    C  N N 141 
HIS O    O  N N 142 
HIS CB   C  N N 143 
HIS CG   C  Y N 144 
HIS ND1  N  Y N 145 
HIS CD2  C  Y N 146 
HIS CE1  C  Y N 147 
HIS NE2  N  Y N 148 
HIS OXT  O  N N 149 
HIS H    H  N N 150 
HIS H2   H  N N 151 
HIS HA   H  N N 152 
HIS HB2  H  N N 153 
HIS HB3  H  N N 154 
HIS HD1  H  N N 155 
HIS HD2  H  N N 156 
HIS HE1  H  N N 157 
HIS HE2  H  N N 158 
HIS HXT  H  N N 159 
HOH O    O  N N 160 
HOH H1   H  N N 161 
HOH H2   H  N N 162 
I7P C1   C  N R 163 
I7P C2   C  N N 164 
I7P C3   C  N S 165 
I7P C4   C  N R 166 
I7P C5   C  N N 167 
I7P C6   C  N S 168 
I7P O11  O  N N 169 
I7P O12  O  N N 170 
I7P O13  O  N N 171 
I7P O14  O  N N 172 
I7P O15  O  N N 173 
I7P O16  O  N N 174 
I7P O21  O  N N 175 
I7P O22  O  N N 176 
I7P O23  O  N N 177 
I7P O24  O  N N 178 
I7P O25  O  N N 179 
I7P O26  O  N N 180 
I7P O31  O  N N 181 
I7P O32  O  N N 182 
I7P O33  O  N N 183 
I7P O34  O  N N 184 
I7P O35  O  N N 185 
I7P O36  O  N N 186 
I7P O41  O  N N 187 
I7P O42  O  N N 188 
I7P O43  O  N N 189 
I7P O44  O  N N 190 
I7P O45  O  N N 191 
I7P O46  O  N N 192 
I7P O55  O  N N 193 
I7P O65  O  N N 194 
I7P O75  O  N N 195 
I7P PA1  P  N N 196 
I7P PA2  P  N N 197 
I7P PA3  P  N N 198 
I7P PA4  P  N N 199 
I7P PA5  P  N N 200 
I7P PA6  P  N N 201 
I7P PB5  P  N N 202 
I7P H1   H  N N 203 
I7P H2   H  N N 204 
I7P H3   H  N N 205 
I7P H4   H  N N 206 
I7P H5   H  N N 207 
I7P H6   H  N N 208 
I7P HO21 H  N N 209 
I7P HO22 H  N N 210 
I7P HO23 H  N N 211 
I7P HO24 H  N N 212 
I7P HO26 H  N N 213 
I7P HO31 H  N N 214 
I7P HO35 H  N N 215 
I7P HO36 H  N N 216 
I7P HO42 H  N N 217 
I7P HO43 H  N N 218 
I7P HO44 H  N N 219 
I7P HO55 H  N N 220 
I7P HO65 H  N N 221 
ILE N    N  N N 222 
ILE CA   C  N S 223 
ILE C    C  N N 224 
ILE O    O  N N 225 
ILE CB   C  N S 226 
ILE CG1  C  N N 227 
ILE CG2  C  N N 228 
ILE CD1  C  N N 229 
ILE OXT  O  N N 230 
ILE H    H  N N 231 
ILE H2   H  N N 232 
ILE HA   H  N N 233 
ILE HB   H  N N 234 
ILE HG12 H  N N 235 
ILE HG13 H  N N 236 
ILE HG21 H  N N 237 
ILE HG22 H  N N 238 
ILE HG23 H  N N 239 
ILE HD11 H  N N 240 
ILE HD12 H  N N 241 
ILE HD13 H  N N 242 
ILE HXT  H  N N 243 
LEU N    N  N N 244 
LEU CA   C  N S 245 
LEU C    C  N N 246 
LEU O    O  N N 247 
LEU CB   C  N N 248 
LEU CG   C  N N 249 
LEU CD1  C  N N 250 
LEU CD2  C  N N 251 
LEU OXT  O  N N 252 
LEU H    H  N N 253 
LEU H2   H  N N 254 
LEU HA   H  N N 255 
LEU HB2  H  N N 256 
LEU HB3  H  N N 257 
LEU HG   H  N N 258 
LEU HD11 H  N N 259 
LEU HD12 H  N N 260 
LEU HD13 H  N N 261 
LEU HD21 H  N N 262 
LEU HD22 H  N N 263 
LEU HD23 H  N N 264 
LEU HXT  H  N N 265 
LYS N    N  N N 266 
LYS CA   C  N S 267 
LYS C    C  N N 268 
LYS O    O  N N 269 
LYS CB   C  N N 270 
LYS CG   C  N N 271 
LYS CD   C  N N 272 
LYS CE   C  N N 273 
LYS NZ   N  N N 274 
LYS OXT  O  N N 275 
LYS H    H  N N 276 
LYS H2   H  N N 277 
LYS HA   H  N N 278 
LYS HB2  H  N N 279 
LYS HB3  H  N N 280 
LYS HG2  H  N N 281 
LYS HG3  H  N N 282 
LYS HD2  H  N N 283 
LYS HD3  H  N N 284 
LYS HE2  H  N N 285 
LYS HE3  H  N N 286 
LYS HZ1  H  N N 287 
LYS HZ2  H  N N 288 
LYS HZ3  H  N N 289 
LYS HXT  H  N N 290 
MET N    N  N N 291 
MET CA   C  N S 292 
MET C    C  N N 293 
MET O    O  N N 294 
MET CB   C  N N 295 
MET CG   C  N N 296 
MET SD   S  N N 297 
MET CE   C  N N 298 
MET OXT  O  N N 299 
MET H    H  N N 300 
MET H2   H  N N 301 
MET HA   H  N N 302 
MET HB2  H  N N 303 
MET HB3  H  N N 304 
MET HG2  H  N N 305 
MET HG3  H  N N 306 
MET HE1  H  N N 307 
MET HE2  H  N N 308 
MET HE3  H  N N 309 
MET HXT  H  N N 310 
MG  MG   MG N N 311 
PHE N    N  N N 312 
PHE CA   C  N S 313 
PHE C    C  N N 314 
PHE O    O  N N 315 
PHE CB   C  N N 316 
PHE CG   C  Y N 317 
PHE CD1  C  Y N 318 
PHE CD2  C  Y N 319 
PHE CE1  C  Y N 320 
PHE CE2  C  Y N 321 
PHE CZ   C  Y N 322 
PHE OXT  O  N N 323 
PHE H    H  N N 324 
PHE H2   H  N N 325 
PHE HA   H  N N 326 
PHE HB2  H  N N 327 
PHE HB3  H  N N 328 
PHE HD1  H  N N 329 
PHE HD2  H  N N 330 
PHE HE1  H  N N 331 
PHE HE2  H  N N 332 
PHE HZ   H  N N 333 
PHE HXT  H  N N 334 
PRO N    N  N N 335 
PRO CA   C  N S 336 
PRO C    C  N N 337 
PRO O    O  N N 338 
PRO CB   C  N N 339 
PRO CG   C  N N 340 
PRO CD   C  N N 341 
PRO OXT  O  N N 342 
PRO H    H  N N 343 
PRO HA   H  N N 344 
PRO HB2  H  N N 345 
PRO HB3  H  N N 346 
PRO HG2  H  N N 347 
PRO HG3  H  N N 348 
PRO HD2  H  N N 349 
PRO HD3  H  N N 350 
PRO HXT  H  N N 351 
SER N    N  N N 352 
SER CA   C  N S 353 
SER C    C  N N 354 
SER O    O  N N 355 
SER CB   C  N N 356 
SER OG   O  N N 357 
SER OXT  O  N N 358 
SER H    H  N N 359 
SER H2   H  N N 360 
SER HA   H  N N 361 
SER HB2  H  N N 362 
SER HB3  H  N N 363 
SER HG   H  N N 364 
SER HXT  H  N N 365 
THR N    N  N N 366 
THR CA   C  N S 367 
THR C    C  N N 368 
THR O    O  N N 369 
THR CB   C  N R 370 
THR OG1  O  N N 371 
THR CG2  C  N N 372 
THR OXT  O  N N 373 
THR H    H  N N 374 
THR H2   H  N N 375 
THR HA   H  N N 376 
THR HB   H  N N 377 
THR HG1  H  N N 378 
THR HG21 H  N N 379 
THR HG22 H  N N 380 
THR HG23 H  N N 381 
THR HXT  H  N N 382 
TRP N    N  N N 383 
TRP CA   C  N S 384 
TRP C    C  N N 385 
TRP O    O  N N 386 
TRP CB   C  N N 387 
TRP CG   C  Y N 388 
TRP CD1  C  Y N 389 
TRP CD2  C  Y N 390 
TRP NE1  N  Y N 391 
TRP CE2  C  Y N 392 
TRP CE3  C  Y N 393 
TRP CZ2  C  Y N 394 
TRP CZ3  C  Y N 395 
TRP CH2  C  Y N 396 
TRP OXT  O  N N 397 
TRP H    H  N N 398 
TRP H2   H  N N 399 
TRP HA   H  N N 400 
TRP HB2  H  N N 401 
TRP HB3  H  N N 402 
TRP HD1  H  N N 403 
TRP HE1  H  N N 404 
TRP HE3  H  N N 405 
TRP HZ2  H  N N 406 
TRP HZ3  H  N N 407 
TRP HH2  H  N N 408 
TRP HXT  H  N N 409 
TYR N    N  N N 410 
TYR CA   C  N S 411 
TYR C    C  N N 412 
TYR O    O  N N 413 
TYR CB   C  N N 414 
TYR CG   C  Y N 415 
TYR CD1  C  Y N 416 
TYR CD2  C  Y N 417 
TYR CE1  C  Y N 418 
TYR CE2  C  Y N 419 
TYR CZ   C  Y N 420 
TYR OH   O  N N 421 
TYR OXT  O  N N 422 
TYR H    H  N N 423 
TYR H2   H  N N 424 
TYR HA   H  N N 425 
TYR HB2  H  N N 426 
TYR HB3  H  N N 427 
TYR HD1  H  N N 428 
TYR HD2  H  N N 429 
TYR HE1  H  N N 430 
TYR HE2  H  N N 431 
TYR HH   H  N N 432 
TYR HXT  H  N N 433 
VAL N    N  N N 434 
VAL CA   C  N S 435 
VAL C    C  N N 436 
VAL O    O  N N 437 
VAL CB   C  N N 438 
VAL CG1  C  N N 439 
VAL CG2  C  N N 440 
VAL OXT  O  N N 441 
VAL H    H  N N 442 
VAL H2   H  N N 443 
VAL HA   H  N N 444 
VAL HB   H  N N 445 
VAL HG11 H  N N 446 
VAL HG12 H  N N 447 
VAL HG13 H  N N 448 
VAL HG21 H  N N 449 
VAL HG22 H  N N 450 
VAL HG23 H  N N 451 
VAL HXT  H  N N 452 
# 
loop_
_chem_comp_bond.comp_id 
_chem_comp_bond.atom_id_1 
_chem_comp_bond.atom_id_2 
_chem_comp_bond.value_order 
_chem_comp_bond.pdbx_aromatic_flag 
_chem_comp_bond.pdbx_stereo_config 
_chem_comp_bond.pdbx_ordinal 
ALA N   CA   sing N N 1   
ALA N   H    sing N N 2   
ALA N   H2   sing N N 3   
ALA CA  C    sing N N 4   
ALA CA  CB   sing N N 5   
ALA CA  HA   sing N N 6   
ALA C   O    doub N N 7   
ALA C   OXT  sing N N 8   
ALA CB  HB1  sing N N 9   
ALA CB  HB2  sing N N 10  
ALA CB  HB3  sing N N 11  
ALA OXT HXT  sing N N 12  
ARG N   CA   sing N N 13  
ARG N   H    sing N N 14  
ARG N   H2   sing N N 15  
ARG CA  C    sing N N 16  
ARG CA  CB   sing N N 17  
ARG CA  HA   sing N N 18  
ARG C   O    doub N N 19  
ARG C   OXT  sing N N 20  
ARG CB  CG   sing N N 21  
ARG CB  HB2  sing N N 22  
ARG CB  HB3  sing N N 23  
ARG CG  CD   sing N N 24  
ARG CG  HG2  sing N N 25  
ARG CG  HG3  sing N N 26  
ARG CD  NE   sing N N 27  
ARG CD  HD2  sing N N 28  
ARG CD  HD3  sing N N 29  
ARG NE  CZ   sing N N 30  
ARG NE  HE   sing N N 31  
ARG CZ  NH1  sing N N 32  
ARG CZ  NH2  doub N N 33  
ARG NH1 HH11 sing N N 34  
ARG NH1 HH12 sing N N 35  
ARG NH2 HH21 sing N N 36  
ARG NH2 HH22 sing N N 37  
ARG OXT HXT  sing N N 38  
ASN N   CA   sing N N 39  
ASN N   H    sing N N 40  
ASN N   H2   sing N N 41  
ASN CA  C    sing N N 42  
ASN CA  CB   sing N N 43  
ASN CA  HA   sing N N 44  
ASN C   O    doub N N 45  
ASN C   OXT  sing N N 46  
ASN CB  CG   sing N N 47  
ASN CB  HB2  sing N N 48  
ASN CB  HB3  sing N N 49  
ASN CG  OD1  doub N N 50  
ASN CG  ND2  sing N N 51  
ASN ND2 HD21 sing N N 52  
ASN ND2 HD22 sing N N 53  
ASN OXT HXT  sing N N 54  
ASP N   CA   sing N N 55  
ASP N   H    sing N N 56  
ASP N   H2   sing N N 57  
ASP CA  C    sing N N 58  
ASP CA  CB   sing N N 59  
ASP CA  HA   sing N N 60  
ASP C   O    doub N N 61  
ASP C   OXT  sing N N 62  
ASP CB  CG   sing N N 63  
ASP CB  HB2  sing N N 64  
ASP CB  HB3  sing N N 65  
ASP CG  OD1  doub N N 66  
ASP CG  OD2  sing N N 67  
ASP OD2 HD2  sing N N 68  
ASP OXT HXT  sing N N 69  
CYS N   CA   sing N N 70  
CYS N   H    sing N N 71  
CYS N   H2   sing N N 72  
CYS CA  C    sing N N 73  
CYS CA  CB   sing N N 74  
CYS CA  HA   sing N N 75  
CYS C   O    doub N N 76  
CYS C   OXT  sing N N 77  
CYS CB  SG   sing N N 78  
CYS CB  HB2  sing N N 79  
CYS CB  HB3  sing N N 80  
CYS SG  HG   sing N N 81  
CYS OXT HXT  sing N N 82  
GLN N   CA   sing N N 83  
GLN N   H    sing N N 84  
GLN N   H2   sing N N 85  
GLN CA  C    sing N N 86  
GLN CA  CB   sing N N 87  
GLN CA  HA   sing N N 88  
GLN C   O    doub N N 89  
GLN C   OXT  sing N N 90  
GLN CB  CG   sing N N 91  
GLN CB  HB2  sing N N 92  
GLN CB  HB3  sing N N 93  
GLN CG  CD   sing N N 94  
GLN CG  HG2  sing N N 95  
GLN CG  HG3  sing N N 96  
GLN CD  OE1  doub N N 97  
GLN CD  NE2  sing N N 98  
GLN NE2 HE21 sing N N 99  
GLN NE2 HE22 sing N N 100 
GLN OXT HXT  sing N N 101 
GLU N   CA   sing N N 102 
GLU N   H    sing N N 103 
GLU N   H2   sing N N 104 
GLU CA  C    sing N N 105 
GLU CA  CB   sing N N 106 
GLU CA  HA   sing N N 107 
GLU C   O    doub N N 108 
GLU C   OXT  sing N N 109 
GLU CB  CG   sing N N 110 
GLU CB  HB2  sing N N 111 
GLU CB  HB3  sing N N 112 
GLU CG  CD   sing N N 113 
GLU CG  HG2  sing N N 114 
GLU CG  HG3  sing N N 115 
GLU CD  OE1  doub N N 116 
GLU CD  OE2  sing N N 117 
GLU OE2 HE2  sing N N 118 
GLU OXT HXT  sing N N 119 
GLY N   CA   sing N N 120 
GLY N   H    sing N N 121 
GLY N   H2   sing N N 122 
GLY CA  C    sing N N 123 
GLY CA  HA2  sing N N 124 
GLY CA  HA3  sing N N 125 
GLY C   O    doub N N 126 
GLY C   OXT  sing N N 127 
GLY OXT HXT  sing N N 128 
HIS N   CA   sing N N 129 
HIS N   H    sing N N 130 
HIS N   H2   sing N N 131 
HIS CA  C    sing N N 132 
HIS CA  CB   sing N N 133 
HIS CA  HA   sing N N 134 
HIS C   O    doub N N 135 
HIS C   OXT  sing N N 136 
HIS CB  CG   sing N N 137 
HIS CB  HB2  sing N N 138 
HIS CB  HB3  sing N N 139 
HIS CG  ND1  sing Y N 140 
HIS CG  CD2  doub Y N 141 
HIS ND1 CE1  doub Y N 142 
HIS ND1 HD1  sing N N 143 
HIS CD2 NE2  sing Y N 144 
HIS CD2 HD2  sing N N 145 
HIS CE1 NE2  sing Y N 146 
HIS CE1 HE1  sing N N 147 
HIS NE2 HE2  sing N N 148 
HIS OXT HXT  sing N N 149 
HOH O   H1   sing N N 150 
HOH O   H2   sing N N 151 
I7P O11 C1   sing N N 152 
I7P C2  C1   sing N N 153 
I7P C1  C6   sing N N 154 
I7P C1  H1   sing N N 155 
I7P O12 C2   sing N N 156 
I7P C2  C3   sing N N 157 
I7P C2  H2   sing N N 158 
I7P O13 C3   sing N N 159 
I7P C3  C4   sing N N 160 
I7P C3  H3   sing N N 161 
I7P C4  C5   sing N N 162 
I7P C4  O14  sing N N 163 
I7P C4  H4   sing N N 164 
I7P C6  C5   sing N N 165 
I7P C5  O15  sing N N 166 
I7P C5  H5   sing N N 167 
I7P C6  O16  sing N N 168 
I7P C6  H6   sing N N 169 
I7P PA1 O11  sing N N 170 
I7P PA2 O12  sing N N 171 
I7P O13 PA3  sing N N 172 
I7P O14 PA4  sing N N 173 
I7P O15 PA5  sing N N 174 
I7P PA6 O16  sing N N 175 
I7P PA1 O21  sing N N 176 
I7P O21 HO21 sing N N 177 
I7P O22 PA2  sing N N 178 
I7P O22 HO22 sing N N 179 
I7P PA3 O23  sing N N 180 
I7P O23 HO23 sing N N 181 
I7P O24 PA4  sing N N 182 
I7P O24 HO24 sing N N 183 
I7P PA5 O25  doub N N 184 
I7P PA6 O26  sing N N 185 
I7P O26 HO26 sing N N 186 
I7P O31 PA1  sing N N 187 
I7P O31 HO31 sing N N 188 
I7P O32 PA2  doub N N 189 
I7P O33 PA3  doub N N 190 
I7P O34 PA4  doub N N 191 
I7P PA5 O35  sing N N 192 
I7P O35 HO35 sing N N 193 
I7P PA6 O36  sing N N 194 
I7P O36 HO36 sing N N 195 
I7P O41 PA1  doub N N 196 
I7P O42 PA2  sing N N 197 
I7P O42 HO42 sing N N 198 
I7P O43 PA3  sing N N 199 
I7P O43 HO43 sing N N 200 
I7P PA4 O44  sing N N 201 
I7P O44 HO44 sing N N 202 
I7P O45 PA5  sing N N 203 
I7P O45 PB5  sing N N 204 
I7P O46 PA6  doub N N 205 
I7P PB5 O55  sing N N 206 
I7P O55 HO55 sing N N 207 
I7P O65 PB5  sing N N 208 
I7P O65 HO65 sing N N 209 
I7P O75 PB5  doub N N 210 
ILE N   CA   sing N N 211 
ILE N   H    sing N N 212 
ILE N   H2   sing N N 213 
ILE CA  C    sing N N 214 
ILE CA  CB   sing N N 215 
ILE CA  HA   sing N N 216 
ILE C   O    doub N N 217 
ILE C   OXT  sing N N 218 
ILE CB  CG1  sing N N 219 
ILE CB  CG2  sing N N 220 
ILE CB  HB   sing N N 221 
ILE CG1 CD1  sing N N 222 
ILE CG1 HG12 sing N N 223 
ILE CG1 HG13 sing N N 224 
ILE CG2 HG21 sing N N 225 
ILE CG2 HG22 sing N N 226 
ILE CG2 HG23 sing N N 227 
ILE CD1 HD11 sing N N 228 
ILE CD1 HD12 sing N N 229 
ILE CD1 HD13 sing N N 230 
ILE OXT HXT  sing N N 231 
LEU N   CA   sing N N 232 
LEU N   H    sing N N 233 
LEU N   H2   sing N N 234 
LEU CA  C    sing N N 235 
LEU CA  CB   sing N N 236 
LEU CA  HA   sing N N 237 
LEU C   O    doub N N 238 
LEU C   OXT  sing N N 239 
LEU CB  CG   sing N N 240 
LEU CB  HB2  sing N N 241 
LEU CB  HB3  sing N N 242 
LEU CG  CD1  sing N N 243 
LEU CG  CD2  sing N N 244 
LEU CG  HG   sing N N 245 
LEU CD1 HD11 sing N N 246 
LEU CD1 HD12 sing N N 247 
LEU CD1 HD13 sing N N 248 
LEU CD2 HD21 sing N N 249 
LEU CD2 HD22 sing N N 250 
LEU CD2 HD23 sing N N 251 
LEU OXT HXT  sing N N 252 
LYS N   CA   sing N N 253 
LYS N   H    sing N N 254 
LYS N   H2   sing N N 255 
LYS CA  C    sing N N 256 
LYS CA  CB   sing N N 257 
LYS CA  HA   sing N N 258 
LYS C   O    doub N N 259 
LYS C   OXT  sing N N 260 
LYS CB  CG   sing N N 261 
LYS CB  HB2  sing N N 262 
LYS CB  HB3  sing N N 263 
LYS CG  CD   sing N N 264 
LYS CG  HG2  sing N N 265 
LYS CG  HG3  sing N N 266 
LYS CD  CE   sing N N 267 
LYS CD  HD2  sing N N 268 
LYS CD  HD3  sing N N 269 
LYS CE  NZ   sing N N 270 
LYS CE  HE2  sing N N 271 
LYS CE  HE3  sing N N 272 
LYS NZ  HZ1  sing N N 273 
LYS NZ  HZ2  sing N N 274 
LYS NZ  HZ3  sing N N 275 
LYS OXT HXT  sing N N 276 
MET N   CA   sing N N 277 
MET N   H    sing N N 278 
MET N   H2   sing N N 279 
MET CA  C    sing N N 280 
MET CA  CB   sing N N 281 
MET CA  HA   sing N N 282 
MET C   O    doub N N 283 
MET C   OXT  sing N N 284 
MET CB  CG   sing N N 285 
MET CB  HB2  sing N N 286 
MET CB  HB3  sing N N 287 
MET CG  SD   sing N N 288 
MET CG  HG2  sing N N 289 
MET CG  HG3  sing N N 290 
MET SD  CE   sing N N 291 
MET CE  HE1  sing N N 292 
MET CE  HE2  sing N N 293 
MET CE  HE3  sing N N 294 
MET OXT HXT  sing N N 295 
PHE N   CA   sing N N 296 
PHE N   H    sing N N 297 
PHE N   H2   sing N N 298 
PHE CA  C    sing N N 299 
PHE CA  CB   sing N N 300 
PHE CA  HA   sing N N 301 
PHE C   O    doub N N 302 
PHE C   OXT  sing N N 303 
PHE CB  CG   sing N N 304 
PHE CB  HB2  sing N N 305 
PHE CB  HB3  sing N N 306 
PHE CG  CD1  doub Y N 307 
PHE CG  CD2  sing Y N 308 
PHE CD1 CE1  sing Y N 309 
PHE CD1 HD1  sing N N 310 
PHE CD2 CE2  doub Y N 311 
PHE CD2 HD2  sing N N 312 
PHE CE1 CZ   doub Y N 313 
PHE CE1 HE1  sing N N 314 
PHE CE2 CZ   sing Y N 315 
PHE CE2 HE2  sing N N 316 
PHE CZ  HZ   sing N N 317 
PHE OXT HXT  sing N N 318 
PRO N   CA   sing N N 319 
PRO N   CD   sing N N 320 
PRO N   H    sing N N 321 
PRO CA  C    sing N N 322 
PRO CA  CB   sing N N 323 
PRO CA  HA   sing N N 324 
PRO C   O    doub N N 325 
PRO C   OXT  sing N N 326 
PRO CB  CG   sing N N 327 
PRO CB  HB2  sing N N 328 
PRO CB  HB3  sing N N 329 
PRO CG  CD   sing N N 330 
PRO CG  HG2  sing N N 331 
PRO CG  HG3  sing N N 332 
PRO CD  HD2  sing N N 333 
PRO CD  HD3  sing N N 334 
PRO OXT HXT  sing N N 335 
SER N   CA   sing N N 336 
SER N   H    sing N N 337 
SER N   H2   sing N N 338 
SER CA  C    sing N N 339 
SER CA  CB   sing N N 340 
SER CA  HA   sing N N 341 
SER C   O    doub N N 342 
SER C   OXT  sing N N 343 
SER CB  OG   sing N N 344 
SER CB  HB2  sing N N 345 
SER CB  HB3  sing N N 346 
SER OG  HG   sing N N 347 
SER OXT HXT  sing N N 348 
THR N   CA   sing N N 349 
THR N   H    sing N N 350 
THR N   H2   sing N N 351 
THR CA  C    sing N N 352 
THR CA  CB   sing N N 353 
THR CA  HA   sing N N 354 
THR C   O    doub N N 355 
THR C   OXT  sing N N 356 
THR CB  OG1  sing N N 357 
THR CB  CG2  sing N N 358 
THR CB  HB   sing N N 359 
THR OG1 HG1  sing N N 360 
THR CG2 HG21 sing N N 361 
THR CG2 HG22 sing N N 362 
THR CG2 HG23 sing N N 363 
THR OXT HXT  sing N N 364 
TRP N   CA   sing N N 365 
TRP N   H    sing N N 366 
TRP N   H2   sing N N 367 
TRP CA  C    sing N N 368 
TRP CA  CB   sing N N 369 
TRP CA  HA   sing N N 370 
TRP C   O    doub N N 371 
TRP C   OXT  sing N N 372 
TRP CB  CG   sing N N 373 
TRP CB  HB2  sing N N 374 
TRP CB  HB3  sing N N 375 
TRP CG  CD1  doub Y N 376 
TRP CG  CD2  sing Y N 377 
TRP CD1 NE1  sing Y N 378 
TRP CD1 HD1  sing N N 379 
TRP CD2 CE2  doub Y N 380 
TRP CD2 CE3  sing Y N 381 
TRP NE1 CE2  sing Y N 382 
TRP NE1 HE1  sing N N 383 
TRP CE2 CZ2  sing Y N 384 
TRP CE3 CZ3  doub Y N 385 
TRP CE3 HE3  sing N N 386 
TRP CZ2 CH2  doub Y N 387 
TRP CZ2 HZ2  sing N N 388 
TRP CZ3 CH2  sing Y N 389 
TRP CZ3 HZ3  sing N N 390 
TRP CH2 HH2  sing N N 391 
TRP OXT HXT  sing N N 392 
TYR N   CA   sing N N 393 
TYR N   H    sing N N 394 
TYR N   H2   sing N N 395 
TYR CA  C    sing N N 396 
TYR CA  CB   sing N N 397 
TYR CA  HA   sing N N 398 
TYR C   O    doub N N 399 
TYR C   OXT  sing N N 400 
TYR CB  CG   sing N N 401 
TYR CB  HB2  sing N N 402 
TYR CB  HB3  sing N N 403 
TYR CG  CD1  doub Y N 404 
TYR CG  CD2  sing Y N 405 
TYR CD1 CE1  sing Y N 406 
TYR CD1 HD1  sing N N 407 
TYR CD2 CE2  doub Y N 408 
TYR CD2 HD2  sing N N 409 
TYR CE1 CZ   doub Y N 410 
TYR CE1 HE1  sing N N 411 
TYR CE2 CZ   sing Y N 412 
TYR CE2 HE2  sing N N 413 
TYR CZ  OH   sing N N 414 
TYR OH  HH   sing N N 415 
TYR OXT HXT  sing N N 416 
VAL N   CA   sing N N 417 
VAL N   H    sing N N 418 
VAL N   H2   sing N N 419 
VAL CA  C    sing N N 420 
VAL CA  CB   sing N N 421 
VAL CA  HA   sing N N 422 
VAL C   O    doub N N 423 
VAL C   OXT  sing N N 424 
VAL CB  CG1  sing N N 425 
VAL CB  CG2  sing N N 426 
VAL CB  HB   sing N N 427 
VAL CG1 HG11 sing N N 428 
VAL CG1 HG12 sing N N 429 
VAL CG1 HG13 sing N N 430 
VAL CG2 HG21 sing N N 431 
VAL CG2 HG22 sing N N 432 
VAL CG2 HG23 sing N N 433 
VAL OXT HXT  sing N N 434 
# 
_pdbx_audit_support.funding_organization   
'National Institutes of Health/National Institute of Environmental Health Sciences (NIH/NIEHS)' 
_pdbx_audit_support.country                'United States' 
_pdbx_audit_support.grant_number           1ZIAES080046-31 
_pdbx_audit_support.ordinal                1 
# 
loop_
_pdbx_entity_instance_feature.ordinal 
_pdbx_entity_instance_feature.comp_id 
_pdbx_entity_instance_feature.asym_id 
_pdbx_entity_instance_feature.seq_num 
_pdbx_entity_instance_feature.auth_comp_id 
_pdbx_entity_instance_feature.auth_asym_id 
_pdbx_entity_instance_feature.auth_seq_num 
_pdbx_entity_instance_feature.feature_type 
_pdbx_entity_instance_feature.details 
1 CL  ? ? CL  ? ? 'SUBJECT OF INVESTIGATION' ? 
2 F   ? ? F   ? ? 'SUBJECT OF INVESTIGATION' ? 
3 I7P ? ? I7P ? ? 'SUBJECT OF INVESTIGATION' ? 
4 MG  ? ? MG  ? ? 'SUBJECT OF INVESTIGATION' ? 
# 
_atom_sites.entry_id                    8TF9 
_atom_sites.Cartn_transf_matrix[1][1]   ? 
_atom_sites.Cartn_transf_matrix[1][2]   ? 
_atom_sites.Cartn_transf_matrix[1][3]   ? 
_atom_sites.Cartn_transf_matrix[2][1]   ? 
_atom_sites.Cartn_transf_matrix[2][2]   ? 
_atom_sites.Cartn_transf_matrix[2][3]   ? 
_atom_sites.Cartn_transf_matrix[3][1]   ? 
_atom_sites.Cartn_transf_matrix[3][2]   ? 
_atom_sites.Cartn_transf_matrix[3][3]   ? 
_atom_sites.Cartn_transf_vector[1]      ? 
_atom_sites.Cartn_transf_vector[2]      ? 
_atom_sites.Cartn_transf_vector[3]      ? 
_atom_sites.fract_transf_matrix[1][1]   -0.01779576 
_atom_sites.fract_transf_matrix[1][2]   -0.01331310 
_atom_sites.fract_transf_matrix[1][3]   -0.00015069 
_atom_sites.fract_transf_matrix[2][1]   0.00907911 
_atom_sites.fract_transf_matrix[2][2]   -0.01221608 
_atom_sites.fract_transf_matrix[2][3]   0.00706201 
_atom_sites.fract_transf_matrix[3][1]   -0.00409998 
_atom_sites.fract_transf_matrix[3][2]   0.00531672 
_atom_sites.fract_transf_matrix[3][3]   0.01446807 
_atom_sites.fract_transf_vector[1]      0.123326 
_atom_sites.fract_transf_vector[2]      0.132143 
_atom_sites.fract_transf_vector[3]      0.230974 
_atom_sites.solution_primary            ? 
_atom_sites.solution_secondary          ? 
_atom_sites.solution_hydrogens          ? 
_atom_sites.special_details             ? 
# 
loop_
_atom_type.symbol 
C  
CL 
F  
MG 
N  
O  
P  
S  
# 
loop_
_atom_site.group_PDB 
_atom_site.id 
_atom_site.type_symbol 
_atom_site.label_atom_id 
_atom_site.label_alt_id 
_atom_site.label_comp_id 
_atom_site.label_asym_id 
_atom_site.label_entity_id 
_atom_site.label_seq_id 
_atom_site.pdbx_PDB_ins_code 
_atom_site.Cartn_x 
_atom_site.Cartn_y 
_atom_site.Cartn_z 
_atom_site.occupancy 
_atom_site.B_iso_or_equiv 
_atom_site.pdbx_formal_charge 
_atom_site.auth_seq_id 
_atom_site.auth_comp_id 
_atom_site.auth_asym_id 
_atom_site.auth_atom_id 
_atom_site.pdbx_PDB_model_num 
ATOM   1    N  N   . GLN A 1 8   ? -9.923  -4.595  11.950  1.00 51.15 ? 8   GLN A N   1 
ATOM   2    C  CA  . GLN A 1 8   ? -11.180 -5.283  12.304  1.00 46.22 ? 8   GLN A CA  1 
ATOM   3    C  C   . GLN A 1 8   ? -12.329 -4.272  12.486  1.00 37.55 ? 8   GLN A C   1 
ATOM   4    O  O   . GLN A 1 8   ? -13.456 -4.760  12.393  1.00 39.79 ? 8   GLN A O   1 
ATOM   5    C  CB  . GLN A 1 8   ? -11.011 -6.287  13.460  1.00 49.05 ? 8   GLN A CB  1 
ATOM   6    C  CG  . GLN A 1 8   ? -10.347 -5.746  14.718  1.00 53.52 ? 8   GLN A CG  1 
ATOM   7    C  CD  . GLN A 1 8   ? -11.304 -4.927  15.536  1.00 54.29 ? 8   GLN A CD  1 
ATOM   8    O  OE1 . GLN A 1 8   ? -11.117 -3.727  15.735  1.00 67.56 ? 8   GLN A OE1 1 
ATOM   9    N  NE2 . GLN A 1 8   ? -12.357 -5.580  16.003  1.00 76.06 ? 8   GLN A NE2 1 
ATOM   10   N  N   . THR A 1 9   ? -12.122 -2.939  12.626  1.00 33.64 ? 9   THR A N   1 
ATOM   11   C  CA  . THR A 1 9   ? -13.271 -1.969  12.493  1.00 30.52 ? 9   THR A CA  1 
ATOM   12   C  C   . THR A 1 9   ? -12.991 -0.954  11.383  1.00 28.25 ? 9   THR A C   1 
ATOM   13   O  O   . THR A 1 9   ? -12.025 -0.159  11.519  1.00 26.91 ? 9   THR A O   1 
ATOM   14   C  CB  . THR A 1 9   ? -13.645 -1.205  13.777  1.00 34.14 ? 9   THR A CB  1 
ATOM   15   O  OG1 . THR A 1 9   ? -13.787 -2.145  14.840  1.00 32.41 ? 9   THR A OG1 1 
ATOM   16   C  CG2 . THR A 1 9   ? -14.952 -0.450  13.650  1.00 33.97 ? 9   THR A CG2 1 
ATOM   17   N  N   . ARG A 1 10  ? -13.860 -0.919  10.376  1.00 25.89 ? 10  ARG A N   1 
ATOM   18   C  CA  . ARG A 1 10  ? -13.766 0.118   9.309   1.00 24.89 ? 10  ARG A CA  1 
ATOM   19   C  C   . ARG A 1 10  ? -14.087 1.499   9.894   1.00 23.59 ? 10  ARG A C   1 
ATOM   20   O  O   . ARG A 1 10  ? -14.983 1.630   10.766  1.00 21.96 ? 10  ARG A O   1 
ATOM   21   C  CB  . ARG A 1 10  ? -14.702 -0.255  8.152   1.00 25.53 ? 10  ARG A CB  1 
ATOM   22   C  CG  . ARG A 1 10  ? -14.277 -1.514  7.414   1.00 30.21 ? 10  ARG A CG  1 
ATOM   23   C  CD  . ARG A 1 10  ? -15.215 -1.784  6.254   1.00 37.83 ? 10  ARG A CD  1 
ATOM   24   N  NE  . ARG A 1 10  ? -14.971 -3.024  5.512   1.00 48.75 ? 10  ARG A NE  1 
ATOM   25   C  CZ  . ARG A 1 10  ? -15.458 -4.228  5.827   1.00 52.33 ? 10  ARG A CZ  1 
ATOM   26   N  NH1 . ARG A 1 10  ? -16.206 -4.407  6.901   1.00 55.76 ? 10  ARG A NH1 1 
ATOM   27   N  NH2 . ARG A 1 10  ? -15.176 -5.269  5.070   1.00 57.60 ? 10  ARG A NH2 1 
ATOM   28   N  N   . THR A 1 11  ? -13.421 2.521   9.376   1.00 18.33 ? 11  THR A N   1 
ATOM   29   C  CA  . THR A 1 11  ? -13.621 3.913   9.756   1.00 18.28 ? 11  THR A CA  1 
ATOM   30   C  C   . THR A 1 11  ? -13.857 4.737   8.488   1.00 16.90 ? 11  THR A C   1 
ATOM   31   O  O   . THR A 1 11  ? -13.509 4.302   7.343   1.00 17.33 ? 11  THR A O   1 
ATOM   32   C  CB  . THR A 1 11  ? -12.474 4.442   10.623  1.00 19.31 ? 11  THR A CB  1 
ATOM   33   O  OG1 . THR A 1 11  ? -11.287 4.494   9.839   1.00 20.38 ? 11  THR A OG1 1 
ATOM   34   C  CG2 . THR A 1 11  ? -12.271 3.592   11.865  1.00 18.84 ? 11  THR A CG2 1 
ATOM   35   N  N   . TYR A 1 12  ? -14.471 5.891   8.693   1.00 17.13 ? 12  TYR A N   1 
ATOM   36   C  CA  . TYR A 1 12  ? -15.056 6.721   7.627   1.00 17.98 ? 12  TYR A CA  1 
ATOM   37   C  C   . TYR A 1 12  ? -14.833 8.194   7.905   1.00 18.28 ? 12  TYR A C   1 
ATOM   38   O  O   . TYR A 1 12  ? -14.937 8.666   9.044   1.00 19.32 ? 12  TYR A O   1 
ATOM   39   C  CB  . TYR A 1 12  ? -16.536 6.409   7.458   1.00 18.46 ? 12  TYR A CB  1 
ATOM   40   C  CG  . TYR A 1 12  ? -16.780 4.966   7.152   1.00 19.43 ? 12  TYR A CG  1 
ATOM   41   C  CD1 . TYR A 1 12  ? -16.859 4.024   8.156   1.00 19.96 ? 12  TYR A CD1 1 
ATOM   42   C  CD2 . TYR A 1 12  ? -16.910 4.545   5.835   1.00 21.17 ? 12  TYR A CD2 1 
ATOM   43   C  CE1 . TYR A 1 12  ? -17.068 2.691   7.867   1.00 21.42 ? 12  TYR A CE1 1 
ATOM   44   C  CE2 . TYR A 1 12  ? -17.101 3.202   5.532   1.00 21.45 ? 12  TYR A CE2 1 
ATOM   45   C  CZ  . TYR A 1 12  ? -17.194 2.277   6.548   1.00 22.19 ? 12  TYR A CZ  1 
ATOM   46   O  OH  . TYR A 1 12  ? -17.429 0.940   6.268   1.00 25.29 ? 12  TYR A OH  1 
ATOM   47   N  N   . ASP A 1 13  ? -14.571 8.944   6.851   1.00 17.19 ? 13  ASP A N   1 
ATOM   48   C  CA  . ASP A 1 13  ? -14.600 10.412  6.896   1.00 18.07 ? 13  ASP A CA  1 
ATOM   49   C  C   . ASP A 1 13  ? -16.056 10.888  6.990   1.00 18.17 ? 13  ASP A C   1 
ATOM   50   O  O   . ASP A 1 13  ? -16.963 10.076  6.838   1.00 18.73 ? 13  ASP A O   1 
ATOM   51   C  CB  . ASP A 1 13  ? -13.843 10.997  5.704   1.00 20.29 ? 13  ASP A CB  1 
ATOM   52   C  CG  . ASP A 1 13  ? -12.336 10.821  5.807   1.00 22.91 ? 13  ASP A CG  1 
ATOM   53   O  OD1 . ASP A 1 13  ? -11.781 10.963  6.919   1.00 21.40 ? 13  ASP A OD1 1 
ATOM   54   O  OD2 . ASP A 1 13  ? -11.723 10.479  4.779   1.00 23.90 ? 13  ASP A OD2 1 
ATOM   55   N  N   . GLY A 1 14  ? -16.236 12.170  7.276   1.00 20.65 ? 14  GLY A N   1 
ATOM   56   C  CA  . GLY A 1 14  ? -17.562 12.787  7.467   1.00 20.96 ? 14  GLY A CA  1 
ATOM   57   C  C   . GLY A 1 14  ? -18.476 12.613  6.270   1.00 22.04 ? 14  GLY A C   1 
ATOM   58   O  O   . GLY A 1 14  ? -19.715 12.629  6.454   1.00 22.85 ? 14  GLY A O   1 
ATOM   59   N  N   . ASP A 1 15  ? -17.911 12.414  5.068   1.00 20.96 ? 15  ASP A N   1 
ATOM   60   C  CA  . ASP A 1 15  ? -18.687 12.229  3.820   1.00 21.72 ? 15  ASP A CA  1 
ATOM   61   C  C   . ASP A 1 15  ? -18.967 10.768  3.531   1.00 20.61 ? 15  ASP A C   1 
ATOM   62   O  O   . ASP A 1 15  ? -19.557 10.487  2.481   1.00 21.64 ? 15  ASP A O   1 
ATOM   63   C  CB  . ASP A 1 15  ? -17.980 12.869  2.633   1.00 25.49 ? 15  ASP A CB  1 
ATOM   64   C  CG  . ASP A 1 15  ? -16.598 12.320  2.331   1.00 26.82 ? 15  ASP A CG  1 
ATOM   65   O  OD1 . ASP A 1 15  ? -16.130 11.420  3.059   1.00 22.41 ? 15  ASP A OD1 1 
ATOM   66   O  OD2 . ASP A 1 15  ? -16.024 12.788  1.336   1.00 27.26 ? 15  ASP A OD2 1 
ATOM   67   N  N   . GLY A 1 16  ? -18.602 9.854   4.441   1.00 20.14 ? 16  GLY A N   1 
ATOM   68   C  CA  . GLY A 1 16  ? -18.911 8.427   4.324   1.00 19.98 ? 16  GLY A CA  1 
ATOM   69   C  C   . GLY A 1 16  ? -17.876 7.659   3.496   1.00 19.93 ? 16  GLY A C   1 
ATOM   70   O  O   . GLY A 1 16  ? -18.081 6.487   3.267   1.00 21.75 ? 16  GLY A O   1 
ATOM   71   N  N   . TYR A 1 17  ? -16.791 8.293   3.077   1.00 19.91 ? 17  TYR A N   1 
ATOM   72   C  CA  . TYR A 1 17  ? -15.695 7.561   2.397   1.00 19.42 ? 17  TYR A CA  1 
ATOM   73   C  C   . TYR A 1 17  ? -14.900 6.766   3.445   1.00 19.17 ? 17  TYR A C   1 
ATOM   74   O  O   . TYR A 1 17  ? -14.585 7.310   4.528   1.00 20.68 ? 17  TYR A O   1 
ATOM   75   C  CB  . TYR A 1 17  ? -14.743 8.502   1.677   1.00 19.40 ? 17  TYR A CB  1 
ATOM   76   C  CG  . TYR A 1 17  ? -15.217 8.951   0.317   1.00 22.48 ? 17  TYR A CG  1 
ATOM   77   C  CD1 . TYR A 1 17  ? -16.514 9.413   0.123   1.00 25.69 ? 17  TYR A CD1 1 
ATOM   78   C  CD2 . TYR A 1 17  ? -14.340 8.968   -0.753  1.00 22.45 ? 17  TYR A CD2 1 
ATOM   79   C  CE1 . TYR A 1 17  ? -16.916 9.898   -1.117  1.00 28.59 ? 17  TYR A CE1 1 
ATOM   80   C  CE2 . TYR A 1 17  ? -14.735 9.414   -2.003  1.00 25.08 ? 17  TYR A CE2 1 
ATOM   81   C  CZ  . TYR A 1 17  ? -16.021 9.888   -2.175  1.00 31.01 ? 17  TYR A CZ  1 
ATOM   82   O  OH  . TYR A 1 17  ? -16.377 10.353  -3.412  1.00 31.08 ? 17  TYR A OH  1 
ATOM   83   N  N   . LYS A 1 18  ? -14.635 5.502   3.133   1.00 19.18 ? 18  LYS A N   1 
ATOM   84   C  CA  . LYS A 1 18  ? -13.792 4.627   3.966   1.00 17.67 ? 18  LYS A CA  1 
ATOM   85   C  C   . LYS A 1 18  ? -12.389 5.222   4.075   1.00 17.11 ? 18  LYS A C   1 
ATOM   86   O  O   . LYS A 1 18  ? -11.783 5.585   3.026   1.00 17.48 ? 18  LYS A O   1 
ATOM   87   C  CB  . LYS A 1 18  ? -13.748 3.218   3.391   1.00 20.90 ? 18  LYS A CB  1 
ATOM   88   C  CG  . LYS A 1 18  ? -13.036 2.242   4.289   1.00 24.38 ? 18  LYS A CG  1 
ATOM   89   C  CD  . LYS A 1 18  ? -13.049 0.812   3.750   1.00 31.22 ? 18  LYS A CD  1 
ATOM   90   C  CE  . LYS A 1 18  ? -11.703 0.129   3.931   1.00 42.94 ? 18  LYS A CE  1 
ATOM   91   N  NZ  . LYS A 1 18  ? -11.721 -1.257  3.396   1.00 40.18 ? 18  LYS A NZ  1 
ATOM   92   N  N   . LYS A 1 19  ? -11.826 5.212   5.270   1.00 15.72 ? 19  LYS A N   1 
ATOM   93   C  CA  . LYS A 1 19  ? -10.487 5.789   5.514   1.00 16.78 ? 19  LYS A CA  1 
ATOM   94   C  C   . LYS A 1 19  ? -9.434  4.696   5.329   1.00 17.39 ? 19  LYS A C   1 
ATOM   95   O  O   . LYS A 1 19  ? -9.561  3.617   5.988   1.00 15.96 ? 19  LYS A O   1 
ATOM   96   C  CB  . LYS A 1 19  ? -10.373 6.366   6.930   1.00 18.27 ? 19  LYS A CB  1 
ATOM   97   C  CG  . LYS A 1 19  ? -11.308 7.528   7.207   1.00 18.13 ? 19  LYS A CG  1 
ATOM   98   C  CD  . LYS A 1 19  ? -11.125 8.105   8.630   1.00 18.29 ? 19  LYS A CD  1 
ATOM   99   C  CE  . LYS A 1 19  ? -9.782  8.739   8.820   1.00 20.45 ? 19  LYS A CE  1 
ATOM   100  N  NZ  . LYS A 1 19  ? -9.521  9.679   7.715   1.00 22.51 ? 19  LYS A NZ  1 
ATOM   101  N  N   . ARG A 1 20  ? -8.394  4.996   4.528   1.00 15.99 ? 20  ARG A N   1 
ATOM   102  C  CA  . ARG A 1 20  ? -7.341  4.014   4.251   1.00 15.15 ? 20  ARG A CA  1 
ATOM   103  C  C   . ARG A 1 20  ? -5.985  4.683   4.325   1.00 15.12 ? 20  ARG A C   1 
ATOM   104  O  O   . ARG A 1 20  ? -5.893  5.904   4.221   1.00 15.78 ? 20  ARG A O   1 
ATOM   105  C  CB  . ARG A 1 20  ? -7.497  3.389   2.866   1.00 14.68 ? 20  ARG A CB  1 
ATOM   106  C  CG  . ARG A 1 20  ? -8.846  2.733   2.601   1.00 16.25 ? 20  ARG A CG  1 
ATOM   107  C  CD  . ARG A 1 20  ? -8.865  2.168   1.197   1.00 17.68 ? 20  ARG A CD  1 
ATOM   108  N  NE  . ARG A 1 20  ? -8.034  1.000   1.007   1.00 16.67 ? 20  ARG A NE  1 
ATOM   109  C  CZ  . ARG A 1 20  ? -6.886  0.933   0.327   1.00 15.40 ? 20  ARG A CZ  1 
ATOM   110  N  NH1 . ARG A 1 20  ? -6.315  -0.258  0.179   1.00 16.00 ? 20  ARG A NH1 1 
ATOM   111  N  NH2 . ARG A 1 20  ? -6.354  1.997   -0.268  1.00 16.77 ? 20  ARG A NH2 1 
ATOM   112  N  N   . ALA A 1 21  ? -4.948  3.853   4.389   1.00 15.46 ? 21  ALA A N   1 
ATOM   113  C  CA  . ALA A 1 21  ? -3.568  4.339   4.315   1.00 16.19 ? 21  ALA A CA  1 
ATOM   114  C  C   . ALA A 1 21  ? -2.750  3.277   3.578   1.00 16.65 ? 21  ALA A C   1 
ATOM   115  O  O   . ALA A 1 21  ? -3.073  2.084   3.658   1.00 16.38 ? 21  ALA A O   1 
ATOM   116  C  CB  . ALA A 1 21  ? -3.033  4.657   5.703   1.00 17.86 ? 21  ALA A CB  1 
ATOM   117  N  N   . ALA A 1 22  ? -1.713  3.725   2.902   1.00 15.50 ? 22  ALA A N   1 
ATOM   118  C  CA  . ALA A 1 22  ? -0.876  2.850   2.067   1.00 15.67 ? 22  ALA A CA  1 
ATOM   119  C  C   . ALA A 1 22  ? 0.520   3.437   2.040   1.00 16.15 ? 22  ALA A C   1 
ATOM   120  O  O   . ALA A 1 22  ? 0.693   4.640   2.280   1.00 15.77 ? 22  ALA A O   1 
ATOM   121  C  CB  . ALA A 1 22  ? -1.471  2.780   0.679   1.00 16.50 ? 22  ALA A CB  1 
ATOM   122  N  N   . CYS A 1 23  ? 1.504   2.609   1.695   1.00 16.56 ? 23  CYS A N   1 
ATOM   123  C  CA  . CYS A 1 23  ? 2.865   3.125   1.410   1.00 16.32 ? 23  CYS A CA  1 
ATOM   124  C  C   . CYS A 1 23  ? 3.335   2.712   0.020   1.00 16.34 ? 23  CYS A C   1 
ATOM   125  O  O   . CYS A 1 23  ? 3.032   1.590   -0.450  1.00 15.67 ? 23  CYS A O   1 
ATOM   126  C  CB  . CYS A 1 23  ? 3.947   2.656   2.365   1.00 17.97 ? 23  CYS A CB  1 
ATOM   127  S  SG  . CYS A 1 23  ? 3.624   2.996   4.107   1.00 18.47 ? 23  CYS A SG  1 
ATOM   128  N  N   . LEU A 1 24  ? 4.058   3.638   -0.595  1.00 16.52 ? 24  LEU A N   1 
ATOM   129  C  CA  . LEU A 1 24  ? 4.968   3.370   -1.730  1.00 16.12 ? 24  LEU A CA  1 
ATOM   130  C  C   . LEU A 1 24  ? 6.264   2.842   -1.097  1.00 16.43 ? 24  LEU A C   1 
ATOM   131  O  O   . LEU A 1 24  ? 7.013   3.617   -0.468  1.00 17.95 ? 24  LEU A O   1 
ATOM   132  C  CB  . LEU A 1 24  ? 5.213   4.653   -2.514  1.00 16.91 ? 24  LEU A CB  1 
ATOM   133  C  CG  . LEU A 1 24  ? 3.973   5.430   -2.949  1.00 17.95 ? 24  LEU A CG  1 
ATOM   134  C  CD1 . LEU A 1 24  ? 4.336   6.604   -3.833  1.00 19.97 ? 24  LEU A CD1 1 
ATOM   135  C  CD2 . LEU A 1 24  ? 2.998   4.494   -3.671  1.00 19.16 ? 24  LEU A CD2 1 
ATOM   136  N  N   . CYS A 1 25  ? 6.430   1.539   -1.149  1.00 16.55 ? 25  CYS A N   1 
ATOM   137  C  CA  . CYS A 1 25  ? 7.525   0.816   -0.465  1.00 17.09 ? 25  CYS A CA  1 
ATOM   138  C  C   . CYS A 1 25  ? 8.710   0.765   -1.411  1.00 17.31 ? 25  CYS A C   1 
ATOM   139  O  O   . CYS A 1 25  ? 8.741   -0.117  -2.306  1.00 17.76 ? 25  CYS A O   1 
ATOM   140  C  CB  . CYS A 1 25  ? 7.088   -0.586  -0.108  1.00 18.74 ? 25  CYS A CB  1 
ATOM   141  S  SG  . CYS A 1 25  ? 5.697   -0.652  1.053   1.00 18.75 ? 25  CYS A SG  1 
ATOM   142  N  N   . PHE A 1 26  ? 9.611   1.731   -1.299  1.00 18.68 ? 26  PHE A N   1 
ATOM   143  C  CA  . PHE A 1 26  ? 10.750  1.804   -2.248  1.00 18.91 ? 26  PHE A CA  1 
ATOM   144  C  C   . PHE A 1 26  ? 11.916  0.967   -1.733  1.00 19.24 ? 26  PHE A C   1 
ATOM   145  O  O   . PHE A 1 26  ? 12.103  0.827   -0.523  1.00 18.47 ? 26  PHE A O   1 
ATOM   146  C  CB  . PHE A 1 26  ? 11.195  3.241   -2.439  1.00 19.63 ? 26  PHE A CB  1 
ATOM   147  C  CG  . PHE A 1 26  ? 10.171  4.121   -3.111  1.00 20.21 ? 26  PHE A CG  1 
ATOM   148  C  CD1 . PHE A 1 26  ? 9.829   3.922   -4.430  1.00 22.18 ? 26  PHE A CD1 1 
ATOM   149  C  CD2 . PHE A 1 26  ? 9.586   5.161   -2.423  1.00 23.11 ? 26  PHE A CD2 1 
ATOM   150  C  CE1 . PHE A 1 26  ? 8.859   4.726   -5.033  1.00 23.80 ? 26  PHE A CE1 1 
ATOM   151  C  CE2 . PHE A 1 26  ? 8.641   5.974   -3.030  1.00 25.70 ? 26  PHE A CE2 1 
ATOM   152  C  CZ  . PHE A 1 26  ? 8.282   5.745   -4.336  1.00 21.33 ? 26  PHE A CZ  1 
ATOM   153  N  N   . ARG A 1 27  ? 12.722  0.462   -2.651  1.00 19.71 ? 27  ARG A N   1 
ATOM   154  C  CA  . ARG A 1 27  ? 13.876  -0.393  -2.283  1.00 21.41 ? 27  ARG A CA  1 
ATOM   155  C  C   . ARG A 1 27  ? 14.987  0.437   -1.636  1.00 22.26 ? 27  ARG A C   1 
ATOM   156  O  O   . ARG A 1 27  ? 15.701  -0.084  -0.813  1.00 23.44 ? 27  ARG A O   1 
ATOM   157  C  CB  . ARG A 1 27  ? 14.378  -1.103  -3.537  1.00 25.63 ? 27  ARG A CB  1 
ATOM   158  C  CG  . ARG A 1 27  ? 14.722  -2.554  -3.275  1.00 34.96 ? 27  ARG A CG  1 
ATOM   159  C  CD  . ARG A 1 27  ? 15.926  -3.097  -3.973  1.00 39.92 ? 27  ARG A CD  1 
ATOM   160  N  NE  . ARG A 1 27  ? 15.496  -3.797  -5.130  1.00 47.31 ? 27  ARG A NE  1 
ATOM   161  C  CZ  . ARG A 1 27  ? 15.982  -4.942  -5.581  1.00 44.11 ? 27  ARG A CZ  1 
ATOM   162  N  NH1 . ARG A 1 27  ? 16.883  -5.589  -4.896  1.00 44.29 ? 27  ARG A NH1 1 
ATOM   163  N  NH2 . ARG A 1 27  ? 15.548  -5.441  -6.691  1.00 45.39 ? 27  ARG A NH2 1 
ATOM   164  N  N   . SER A 1 28  ? 15.094  1.695   -2.023  1.00 21.51 ? 28  SER A N   1 
ATOM   165  C  CA  . SER A 1 28  ? 16.155  2.599   -1.539  1.00 23.15 ? 28  SER A CA  1 
ATOM   166  C  C   . SER A 1 28  ? 15.683  4.048   -1.591  1.00 22.43 ? 28  SER A C   1 
ATOM   167  O  O   . SER A 1 28  ? 14.648  4.350   -2.177  1.00 20.20 ? 28  SER A O   1 
ATOM   168  C  CB  . SER A 1 28  ? 17.438  2.429   -2.395  1.00 24.92 ? 28  SER A CB  1 
ATOM   169  O  OG  . SER A 1 28  ? 17.291  3.152   -3.614  1.00 23.44 ? 28  SER A OG  1 
ATOM   170  N  N   . GLU A 1 29  ? 16.498  4.954   -1.057  1.00 24.16 ? 29  GLU A N   1 
ATOM   171  C  CA  . GLU A 1 29  ? 16.228  6.408   -1.114  1.00 26.70 ? 29  GLU A CA  1 
ATOM   172  C  C   . GLU A 1 29  ? 16.240  6.919   -2.567  1.00 25.74 ? 29  GLU A C   1 
ATOM   173  O  O   . GLU A 1 29  ? 15.746  8.028   -2.769  1.00 27.69 ? 29  GLU A O   1 
ATOM   174  C  CB  . GLU A 1 29  ? 17.240  7.144   -0.231  1.00 33.15 ? 29  GLU A CB  1 
ATOM   175  C  CG  . GLU A 1 29  ? 16.918  6.938   1.239   1.00 44.32 ? 29  GLU A CG  1 
ATOM   176  C  CD  . GLU A 1 29  ? 17.879  7.533   2.259   1.00 52.34 ? 29  GLU A CD  1 
ATOM   177  O  OE1 . GLU A 1 29  ? 17.670  7.277   3.462   1.00 59.98 ? 29  GLU A OE1 1 
ATOM   178  O  OE2 . GLU A 1 29  ? 18.831  8.236   1.852   1.00 56.14 ? 29  GLU A OE2 1 
ATOM   179  N  N   . SER A 1 30  ? 16.702  6.143   -3.545  1.00 24.97 ? 30  SER A N   1 
ATOM   180  C  CA  . SER A 1 30  ? 16.657  6.528   -4.990  1.00 25.76 ? 30  SER A CA  1 
ATOM   181  C  C   . SER A 1 30  ? 15.194  6.542   -5.478  1.00 24.42 ? 30  SER A C   1 
ATOM   182  O  O   . SER A 1 30  ? 14.891  7.221   -6.447  1.00 24.17 ? 30  SER A O   1 
ATOM   183  C  CB  . SER A 1 30  ? 17.498  5.596   -5.831  1.00 26.35 ? 30  SER A CB  1 
ATOM   184  O  OG  . SER A 1 30  ? 18.859  5.697   -5.446  1.00 29.63 ? 30  SER A OG  1 
ATOM   185  N  N   . GLU A 1 31  ? 14.309  5.778   -4.838  1.00 22.58 ? 31  GLU A N   1 
ATOM   186  C  CA  . GLU A 1 31  ? 12.871  5.703   -5.225  1.00 22.56 ? 31  GLU A CA  1 
ATOM   187  C  C   . GLU A 1 31  ? 12.763  5.304   -6.712  1.00 23.58 ? 31  GLU A C   1 
ATOM   188  O  O   . GLU A 1 31  ? 11.895  5.836   -7.443  1.00 24.25 ? 31  GLU A O   1 
ATOM   189  C  CB  . GLU A 1 31  ? 12.157  7.003   -4.878  1.00 23.71 ? 31  GLU A CB  1 
ATOM   190  C  CG  . GLU A 1 31  ? 12.284  7.428   -3.434  1.00 24.43 ? 31  GLU A CG  1 
ATOM   191  C  CD  . GLU A 1 31  ? 11.514  8.676   -3.016  1.00 27.66 ? 31  GLU A CD  1 
ATOM   192  O  OE1 . GLU A 1 31  ? 10.939  9.351   -3.880  1.00 31.04 ? 31  GLU A OE1 1 
ATOM   193  O  OE2 . GLU A 1 31  ? 11.496  8.965   -1.826  1.00 29.17 ? 31  GLU A OE2 1 
ATOM   194  N  N   . GLU A 1 32  ? 13.546  4.322   -7.132  1.00 23.71 ? 32  GLU A N   1 
ATOM   195  C  CA  . GLU A 1 32  ? 13.508  3.788   -8.520  1.00 22.42 ? 32  GLU A CA  1 
ATOM   196  C  C   . GLU A 1 32  ? 12.685  2.503   -8.641  1.00 21.35 ? 32  GLU A C   1 
ATOM   197  O  O   . GLU A 1 32  ? 12.232  2.202   -9.771  1.00 21.41 ? 32  GLU A O   1 
ATOM   198  C  CB  . GLU A 1 32  ? 14.937  3.584   -8.992  1.00 25.73 ? 32  GLU A CB  1 
ATOM   199  C  CG  . GLU A 1 32  ? 15.589  4.927   -9.274  1.00 31.86 ? 32  GLU A CG  1 
ATOM   200  C  CD  . GLU A 1 32  ? 17.096  4.876   -9.418  1.00 38.93 ? 32  GLU A CD  1 
ATOM   201  O  OE1 . GLU A 1 32  ? 17.681  3.797   -9.138  1.00 38.86 ? 32  GLU A OE1 1 
ATOM   202  O  OE2 . GLU A 1 32  ? 17.677  5.928   -9.765  1.00 47.88 ? 32  GLU A OE2 1 
ATOM   203  N  N   . GLU A 1 33  ? 12.567  1.721   -7.560  1.00 18.80 ? 33  GLU A N   1 
ATOM   204  C  CA  . GLU A 1 33  ? 11.883  0.416   -7.550  1.00 19.41 ? 33  GLU A CA  1 
ATOM   205  C  C   . GLU A 1 33  ? 10.926  0.415   -6.382  1.00 18.49 ? 33  GLU A C   1 
ATOM   206  O  O   . GLU A 1 33  ? 11.325  0.876   -5.297  1.00 20.10 ? 33  GLU A O   1 
ATOM   207  C  CB  . GLU A 1 33  ? 12.857  -0.765  -7.430  1.00 22.59 ? 33  GLU A CB  1 
ATOM   208  C  CG  . GLU A 1 33  ? 13.699  -0.911  -8.683  1.00 27.68 ? 33  GLU A CG  1 
ATOM   209  C  CD  . GLU A 1 33  ? 14.500  -2.194  -8.821  1.00 35.61 ? 33  GLU A CD  1 
ATOM   210  O  OE1 . GLU A 1 33  ? 14.275  -3.154  -8.062  1.00 34.03 ? 33  GLU A OE1 1 
ATOM   211  O  OE2 . GLU A 1 33  ? 15.331  -2.228  -9.742  1.00 38.49 ? 33  GLU A OE2 1 
ATOM   212  N  N   . VAL A 1 34  ? 9.734   -0.128  -6.606  1.00 18.19 ? 34  VAL A N   1 
ATOM   213  C  CA  . VAL A 1 34  ? 8.671   -0.122  -5.580  1.00 17.58 ? 34  VAL A CA  1 
ATOM   214  C  C   . VAL A 1 34  ? 8.078   -1.522  -5.482  1.00 18.13 ? 34  VAL A C   1 
ATOM   215  O  O   . VAL A 1 34  ? 8.010   -2.238  -6.485  1.00 17.48 ? 34  VAL A O   1 
ATOM   216  C  CB  . VAL A 1 34  ? 7.580   0.912   -5.928  1.00 18.65 ? 34  VAL A CB  1 
ATOM   217  C  CG1 . VAL A 1 34  ? 6.813   0.532   -7.188  1.00 19.15 ? 34  VAL A CG1 1 
ATOM   218  C  CG2 . VAL A 1 34  ? 6.625   1.163   -4.776  1.00 18.69 ? 34  VAL A CG2 1 
ATOM   219  N  N   . LEU A 1 35  ? 7.671   -1.888  -4.287  1.00 15.84 ? 35  LEU A N   1 
ATOM   220  C  CA  . LEU A 1 35  ? 7.088   -3.206  -4.009  1.00 16.75 ? 35  LEU A CA  1 
ATOM   221  C  C   . LEU A 1 35  ? 5.580   -3.134  -4.194  1.00 17.21 ? 35  LEU A C   1 
ATOM   222  O  O   . LEU A 1 35  ? 4.924   -2.375  -3.464  1.00 19.10 ? 35  LEU A O   1 
ATOM   223  C  CB  . LEU A 1 35  ? 7.443   -3.623  -2.582  1.00 17.39 ? 35  LEU A CB  1 
ATOM   224  C  CG  . LEU A 1 35  ? 7.192   -5.099  -2.294  1.00 17.91 ? 35  LEU A CG  1 
ATOM   225  C  CD1 . LEU A 1 35  ? 8.263   -5.938  -2.955  1.00 18.35 ? 35  LEU A CD1 1 
ATOM   226  C  CD2 . LEU A 1 35  ? 7.152   -5.360  -0.796  1.00 21.62 ? 35  LEU A CD2 1 
ATOM   227  N  N   . LEU A 1 36  ? 5.047   -3.946  -5.093  1.00 15.89 ? 36  LEU A N   1 
ATOM   228  C  CA  . LEU A 1 36  ? 3.601   -4.226  -5.245  1.00 15.52 ? 36  LEU A CA  1 
ATOM   229  C  C   . LEU A 1 36  ? 3.270   -5.600  -4.694  1.00 16.49 ? 36  LEU A C   1 
ATOM   230  O  O   . LEU A 1 36  ? 4.176   -6.466  -4.531  1.00 17.04 ? 36  LEU A O   1 
ATOM   231  C  CB  . LEU A 1 36  ? 3.169   -4.086  -6.712  1.00 15.91 ? 36  LEU A CB  1 
ATOM   232  C  CG  . LEU A 1 36  ? 3.485   -2.748  -7.368  1.00 15.74 ? 36  LEU A CG  1 
ATOM   233  C  CD1 . LEU A 1 36  ? 2.933   -2.705  -8.765  1.00 17.33 ? 36  LEU A CD1 1 
ATOM   234  C  CD2 . LEU A 1 36  ? 2.988   -1.548  -6.549  1.00 16.65 ? 36  LEU A CD2 1 
ATOM   235  N  N   . VAL A 1 37  ? 2.017   -5.785  -4.347  1.00 15.48 ? 37  VAL A N   1 
ATOM   236  C  CA  . VAL A 1 37  ? 1.514   -7.089  -3.856  1.00 16.19 ? 37  VAL A CA  1 
ATOM   237  C  C   . VAL A 1 37  ? 0.352   -7.532  -4.737  1.00 17.10 ? 37  VAL A C   1 
ATOM   238  O  O   . VAL A 1 37  ? -0.244  -6.710  -5.462  1.00 16.78 ? 37  VAL A O   1 
ATOM   239  C  CB  . VAL A 1 37  ? 1.126   -7.042  -2.366  1.00 17.68 ? 37  VAL A CB  1 
ATOM   240  C  CG1 . VAL A 1 37  ? 2.302   -6.641  -1.498  1.00 16.77 ? 37  VAL A CG1 1 
ATOM   241  C  CG2 . VAL A 1 37  ? -0.089  -6.151  -2.083  1.00 17.04 ? 37  VAL A CG2 1 
ATOM   242  N  N   . SER A 1 38  ? 0.073   -8.815  -4.721  1.00 17.39 ? 38  SER A N   1 
ATOM   243  C  CA  . SER A 1 38  ? -1.016  -9.365  -5.531  1.00 19.00 ? 38  SER A CA  1 
ATOM   244  C  C   . SER A 1 38  ? -2.364  -8.989  -4.908  1.00 20.20 ? 38  SER A C   1 
ATOM   245  O  O   . SER A 1 38  ? -2.477  -8.842  -3.687  1.00 20.30 ? 38  SER A O   1 
ATOM   246  C  CB  . SER A 1 38  ? -0.850  -10.832 -5.750  1.00 19.10 ? 38  SER A CB  1 
ATOM   247  O  OG  . SER A 1 38  ? -0.800  -11.535 -4.527  1.00 19.96 ? 38  SER A OG  1 
ATOM   248  N  N   . SER A 1 39  ? -3.349  -8.780  -5.765  1.00 19.53 ? 39  SER A N   1 
ATOM   249  C  CA  . SER A 1 39  ? -4.772  -8.629  -5.388  1.00 21.54 ? 39  SER A CA  1 
ATOM   250  C  C   . SER A 1 39  ? -5.219  -9.870  -4.641  1.00 24.51 ? 39  SER A C   1 
ATOM   251  O  O   . SER A 1 39  ? -4.876  -10.960 -5.080  1.00 25.75 ? 39  SER A O   1 
ATOM   252  C  CB  . SER A 1 39  ? -5.617  -8.365  -6.618  1.00 23.23 ? 39  SER A CB  1 
ATOM   253  O  OG  . SER A 1 39  ? -6.979  -8.668  -6.342  1.00 26.36 ? 39  SER A OG  1 
ATOM   254  N  N   . SER A 1 40  ? -5.990  -9.724  -3.570  1.00 23.74 ? 40  SER A N   1 
ATOM   255  C  CA  . SER A 1 40  ? -6.517  -10.876 -2.813  1.00 25.58 ? 40  SER A CA  1 
ATOM   256  C  C   . SER A 1 40  ? -7.613  -11.554 -3.650  1.00 30.31 ? 40  SER A C   1 
ATOM   257  O  O   . SER A 1 40  ? -7.704  -12.791 -3.617  1.00 39.29 ? 40  SER A O   1 
ATOM   258  C  CB  . SER A 1 40  ? -7.017  -10.438 -1.461  1.00 26.64 ? 40  SER A CB  1 
ATOM   259  O  OG  . SER A 1 40  ? -7.959  -9.392  -1.610  1.00 26.06 ? 40  SER A OG  1 
ATOM   260  N  N   . ARG A 1 41  ? -8.390  -10.781 -4.386  1.00 31.29 ? 41  ARG A N   1 
ATOM   261  C  CA  . ARG A 1 41  ? -9.568  -11.273 -5.147  1.00 40.09 ? 41  ARG A CA  1 
ATOM   262  C  C   . ARG A 1 41  ? -9.088  -11.942 -6.443  1.00 36.98 ? 41  ARG A C   1 
ATOM   263  O  O   . ARG A 1 41  ? -9.655  -12.978 -6.830  1.00 35.07 ? 41  ARG A O   1 
ATOM   264  C  CB  . ARG A 1 41  ? -10.500 -10.090 -5.435  1.00 49.15 ? 41  ARG A CB  1 
ATOM   265  C  CG  . ARG A 1 41  ? -11.978 -10.442 -5.385  1.00 63.44 ? 41  ARG A CG  1 
ATOM   266  C  CD  . ARG A 1 41  ? -12.434 -10.663 -3.958  1.00 68.94 ? 41  ARG A CD  1 
ATOM   267  N  NE  . ARG A 1 41  ? -13.880 -10.759 -3.848  1.00 77.17 ? 41  ARG A NE  1 
ATOM   268  C  CZ  . ARG A 1 41  ? -14.574 -10.629 -2.718  1.00 82.68 ? 41  ARG A CZ  1 
ATOM   269  N  NH1 . ARG A 1 41  ? -13.957 -10.375 -1.574  1.00 90.00 ? 41  ARG A NH1 1 
ATOM   270  N  NH2 . ARG A 1 41  ? -15.891 -10.749 -2.739  1.00 87.73 ? 41  ARG A NH2 1 
ATOM   271  N  N   . HIS A 1 42  ? -8.065  -11.358 -7.071  1.00 31.33 ? 42  HIS A N   1 
ATOM   272  C  CA  . HIS A 1 42  ? -7.524  -11.728 -8.400  1.00 31.62 ? 42  HIS A CA  1 
ATOM   273  C  C   . HIS A 1 42  ? -6.006  -11.743 -8.365  1.00 30.47 ? 42  HIS A C   1 
ATOM   274  O  O   . HIS A 1 42  ? -5.374  -10.726 -8.648  1.00 27.15 ? 42  HIS A O   1 
ATOM   275  C  CB  . HIS A 1 42  ? -8.007  -10.711 -9.413  1.00 32.38 ? 42  HIS A CB  1 
ATOM   276  C  CG  . HIS A 1 42  ? -9.486  -10.641 -9.459  1.00 37.83 ? 42  HIS A CG  1 
ATOM   277  N  ND1 . HIS A 1 42  ? -10.196 -9.663  -8.782  1.00 42.88 ? 42  HIS A ND1 1 
ATOM   278  C  CD2 . HIS A 1 42  ? -10.382 -11.413 -10.096 1.00 38.70 ? 42  HIS A CD2 1 
ATOM   279  C  CE1 . HIS A 1 42  ? -11.480 -9.843  -9.006  1.00 45.54 ? 42  HIS A CE1 1 
ATOM   280  N  NE2 . HIS A 1 42  ? -11.616 -10.908 -9.809  1.00 43.58 ? 42  HIS A NE2 1 
ATOM   281  N  N   . PRO A 1 43  ? -5.406  -12.873 -7.975  1.00 27.68 ? 43  PRO A N   1 
ATOM   282  C  CA  . PRO A 1 43  ? -3.969  -12.929 -7.709  1.00 26.98 ? 43  PRO A CA  1 
ATOM   283  C  C   . PRO A 1 43  ? -3.055  -12.683 -8.914  1.00 25.71 ? 43  PRO A C   1 
ATOM   284  O  O   . PRO A 1 43  ? -1.843  -12.490 -8.693  1.00 23.52 ? 43  PRO A O   1 
ATOM   285  C  CB  . PRO A 1 43  ? -3.759  -14.317 -7.083  1.00 29.28 ? 43  PRO A CB  1 
ATOM   286  C  CG  . PRO A 1 43  ? -5.119  -14.745 -6.602  1.00 32.64 ? 43  PRO A CG  1 
ATOM   287  C  CD  . PRO A 1 43  ? -6.105  -14.104 -7.554  1.00 32.69 ? 43  PRO A CD  1 
ATOM   288  N  N   . ASP A 1 44  ? -3.601  -12.644 -10.148 1.00 24.06 ? 44  ASP A N   1 
ATOM   289  C  CA  . ASP A 1 44  ? -2.773  -12.291 -11.332 1.00 26.97 ? 44  ASP A CA  1 
ATOM   290  C  C   . ASP A 1 44  ? -2.692  -10.774 -11.520 1.00 23.05 ? 44  ASP A C   1 
ATOM   291  O  O   . ASP A 1 44  ? -2.035  -10.333 -12.472 1.00 24.92 ? 44  ASP A O   1 
ATOM   292  C  CB  . ASP A 1 44  ? -3.269  -12.974 -12.615 1.00 29.56 ? 44  ASP A CB  1 
ATOM   293  C  CG  . ASP A 1 44  ? -4.675  -12.633 -13.074 1.00 37.93 ? 44  ASP A CG  1 
ATOM   294  O  OD1 . ASP A 1 44  ? -5.353  -11.776 -12.463 1.00 36.80 ? 44  ASP A OD1 1 
ATOM   295  O  OD2 . ASP A 1 44  ? -5.106  -13.280 -14.049 1.00 42.11 ? 44  ASP A OD2 1 
ATOM   296  N  N   . ARG A 1 45  ? -3.288  -10.005 -10.622 1.00 21.68 ? 45  ARG A N   1 
ATOM   297  C  CA  . ARG A 1 45  ? -3.238  -8.513  -10.683 1.00 20.28 ? 45  ARG A CA  1 
ATOM   298  C  C   . ARG A 1 45  ? -2.365  -7.975  -9.549  1.00 18.41 ? 45  ARG A C   1 
ATOM   299  O  O   . ARG A 1 45  ? -2.266  -8.660  -8.507  1.00 19.54 ? 45  ARG A O   1 
ATOM   300  C  CB  . ARG A 1 45  ? -4.643  -7.933  -10.510 1.00 24.75 ? 45  ARG A CB  1 
ATOM   301  C  CG  . ARG A 1 45  ? -5.647  -8.409  -11.552 1.00 27.48 ? 45  ARG A CG  1 
ATOM   302  C  CD  . ARG A 1 45  ? -7.052  -7.875  -11.251 1.00 29.67 ? 45  ARG A CD  1 
ATOM   303  N  NE  . ARG A 1 45  ? -8.060  -8.644  -11.979 1.00 32.99 ? 45  ARG A NE  1 
ATOM   304  C  CZ  . ARG A 1 45  ? -9.367  -8.410  -11.932 1.00 36.80 ? 45  ARG A CZ  1 
ATOM   305  N  NH1 . ARG A 1 45  ? -9.841  -7.417  -11.203 1.00 38.14 ? 45  ARG A NH1 1 
ATOM   306  N  NH2 . ARG A 1 45  ? -10.198 -9.138  -12.657 1.00 40.12 ? 45  ARG A NH2 1 
ATOM   307  N  N   . TRP A 1 46  ? -1.780  -6.802  -9.754  1.00 16.53 ? 46  TRP A N   1 
ATOM   308  C  CA  . TRP A 1 46  ? -0.922  -6.106  -8.746  1.00 16.42 ? 46  TRP A CA  1 
ATOM   309  C  C   . TRP A 1 46  ? -1.653  -4.878  -8.170  1.00 17.33 ? 46  TRP A C   1 
ATOM   310  O  O   . TRP A 1 46  ? -2.406  -4.190  -8.891  1.00 17.78 ? 46  TRP A O   1 
ATOM   311  C  CB  . TRP A 1 46  ? 0.412   -5.690  -9.360  1.00 17.04 ? 46  TRP A CB  1 
ATOM   312  C  CG  . TRP A 1 46  ? 1.204   -6.866  -9.843  1.00 19.29 ? 46  TRP A CG  1 
ATOM   313  C  CD1 . TRP A 1 46  ? 1.343   -7.289  -11.129 1.00 20.80 ? 46  TRP A CD1 1 
ATOM   314  C  CD2 . TRP A 1 46  ? 1.903   -7.822  -9.031  1.00 19.53 ? 46  TRP A CD2 1 
ATOM   315  N  NE1 . TRP A 1 46  ? 2.126   -8.417  -11.181 1.00 20.39 ? 46  TRP A NE1 1 
ATOM   316  C  CE2 . TRP A 1 46  ? 2.506   -8.754  -9.903  1.00 20.94 ? 46  TRP A CE2 1 
ATOM   317  C  CE3 . TRP A 1 46  ? 2.142   -7.920  -7.649  1.00 20.07 ? 46  TRP A CE3 1 
ATOM   318  C  CZ2 . TRP A 1 46  ? 3.265   -9.825  -9.420  1.00 21.75 ? 46  TRP A CZ2 1 
ATOM   319  C  CZ3 . TRP A 1 46  ? 2.898   -8.967  -7.176  1.00 20.98 ? 46  TRP A CZ3 1 
ATOM   320  C  CH2 . TRP A 1 46  ? 3.465   -9.896  -8.058  1.00 21.72 ? 46  TRP A CH2 1 
ATOM   321  N  N   . ILE A 1 47  ? -1.369  -4.575  -6.910  1.00 16.18 ? 47  ILE A N   1 
ATOM   322  C  CA  . ILE A 1 47  ? -1.896  -3.384  -6.188  1.00 16.42 ? 47  ILE A CA  1 
ATOM   323  C  C   . ILE A 1 47  ? -0.779  -2.821  -5.317  1.00 16.77 ? 47  ILE A C   1 
ATOM   324  O  O   . ILE A 1 47  ? 0.228   -3.494  -5.019  1.00 16.59 ? 47  ILE A O   1 
ATOM   325  C  CB  . ILE A 1 47  ? -3.082  -3.756  -5.294  1.00 16.56 ? 47  ILE A CB  1 
ATOM   326  C  CG1 . ILE A 1 47  ? -2.625  -4.618  -4.114  1.00 18.04 ? 47  ILE A CG1 1 
ATOM   327  C  CG2 . ILE A 1 47  ? -4.167  -4.461  -6.104  1.00 18.01 ? 47  ILE A CG2 1 
ATOM   328  C  CD1 . ILE A 1 47  ? -3.687  -4.929  -3.079  1.00 18.06 ? 47  ILE A CD1 1 
ATOM   329  N  N   . VAL A 1 48  ? -0.993  -1.602  -4.867  1.00 15.51 ? 48  VAL A N   1 
ATOM   330  C  CA  . VAL A 1 48  ? -0.171  -0.952  -3.825  1.00 15.93 ? 48  VAL A CA  1 
ATOM   331  C  C   . VAL A 1 48  ? -0.700  -1.410  -2.473  1.00 15.80 ? 48  VAL A C   1 
ATOM   332  O  O   . VAL A 1 48  ? -1.904  -1.270  -2.197  1.00 17.28 ? 48  VAL A O   1 
ATOM   333  C  CB  . VAL A 1 48  ? -0.202  0.573   -3.957  1.00 16.13 ? 48  VAL A CB  1 
ATOM   334  C  CG1 . VAL A 1 48  ? 0.547   1.234   -2.819  1.00 17.86 ? 48  VAL A CG1 1 
ATOM   335  C  CG2 . VAL A 1 48  ? 0.310   1.033   -5.297  1.00 16.68 ? 48  VAL A CG2 1 
ATOM   336  N  N   . PRO A 1 49  ? 0.153   -2.003  -1.613  1.00 15.80 ? 49  PRO A N   1 
ATOM   337  C  CA  . PRO A 1 49  ? -0.331  -2.493  -0.317  1.00 14.59 ? 49  PRO A CA  1 
ATOM   338  C  C   . PRO A 1 49  ? -0.892  -1.350  0.555   1.00 15.37 ? 49  PRO A C   1 
ATOM   339  O  O   . PRO A 1 49  ? -0.312  -0.281  0.640   1.00 15.09 ? 49  PRO A O   1 
ATOM   340  C  CB  . PRO A 1 49  ? 0.912   -3.142  0.306   1.00 15.22 ? 49  PRO A CB  1 
ATOM   341  C  CG  . PRO A 1 49  ? 2.081   -2.402  -0.333  1.00 16.68 ? 49  PRO A CG  1 
ATOM   342  C  CD  . PRO A 1 49  ? 1.621   -2.163  -1.771  1.00 16.51 ? 49  PRO A CD  1 
ATOM   343  N  N   . GLY A 1 50  ? -2.003  -1.618  1.218   1.00 15.49 ? 50  GLY A N   1 
ATOM   344  C  CA  . GLY A 1 50  ? -2.639  -0.616  2.086   1.00 16.49 ? 50  GLY A CA  1 
ATOM   345  C  C   . GLY A 1 50  ? -3.960  -1.129  2.573   1.00 16.15 ? 50  GLY A C   1 
ATOM   346  O  O   . GLY A 1 50  ? -4.354  -2.243  2.178   1.00 15.00 ? 50  GLY A O   1 
ATOM   347  N  N   . GLY A 1 51  ? -4.588  -0.352  3.440   1.00 16.58 ? 51  GLY A N   1 
ATOM   348  C  CA  . GLY A 1 51  ? -5.844  -0.850  4.015   1.00 17.95 ? 51  GLY A CA  1 
ATOM   349  C  C   . GLY A 1 51  ? -6.490  0.126   4.975   1.00 16.10 ? 51  GLY A C   1 
ATOM   350  O  O   . GLY A 1 51  ? -6.085  1.285   5.039   1.00 15.85 ? 51  GLY A O   1 
ATOM   351  N  N   . GLY A 1 52  ? -7.495  -0.357  5.689   1.00 16.16 ? 52  GLY A N   1 
ATOM   352  C  CA  . GLY A 1 52  ? -8.355  0.537   6.482   1.00 16.66 ? 52  GLY A CA  1 
ATOM   353  C  C   . GLY A 1 52  ? -7.660  1.058   7.732   1.00 17.43 ? 52  GLY A C   1 
ATOM   354  O  O   . GLY A 1 52  ? -6.905  0.306   8.384   1.00 17.92 ? 52  GLY A O   1 
ATOM   355  N  N   . MET A 1 53  ? -7.854  2.341   8.036   1.00 17.63 ? 53  MET A N   1 
ATOM   356  C  CA  A MET A 1 53  ? -7.427  2.939   9.330   0.51 17.56 ? 53  MET A CA  1 
ATOM   357  C  CA  B MET A 1 53  ? -7.433  2.922   9.337   0.49 17.72 ? 53  MET A CA  1 
ATOM   358  C  C   . MET A 1 53  ? -8.357  2.409   10.436  1.00 18.36 ? 53  MET A C   1 
ATOM   359  O  O   . MET A 1 53  ? -9.583  2.348   10.213  1.00 20.15 ? 53  MET A O   1 
ATOM   360  C  CB  A MET A 1 53  ? -7.436  4.470   9.240   0.51 17.71 ? 53  MET A CB  1 
ATOM   361  C  CB  B MET A 1 53  ? -7.522  4.439   9.308   0.49 18.09 ? 53  MET A CB  1 
ATOM   362  C  CG  A MET A 1 53  ? -6.371  4.994   8.284   0.51 17.89 ? 53  MET A CG  1 
ATOM   363  C  CG  B MET A 1 53  ? -6.611  5.046   8.317   0.49 18.16 ? 53  MET A CG  1 
ATOM   364  S  SD  A MET A 1 53  ? -6.459  6.738   7.789   0.51 18.22 ? 53  MET A SD  1 
ATOM   365  S  SD  B MET A 1 53  ? -6.590  6.776   8.641   0.49 19.65 ? 53  MET A SD  1 
ATOM   366  C  CE  A MET A 1 53  ? -6.215  7.510   9.390   0.51 19.03 ? 53  MET A CE  1 
ATOM   367  C  CE  B MET A 1 53  ? -6.283  7.433   7.003   0.49 18.70 ? 53  MET A CE  1 
ATOM   368  N  N   . GLU A 1 54  ? -7.792  2.004   11.574  1.00 17.73 ? 54  GLU A N   1 
ATOM   369  C  CA  . GLU A 1 54  ? -8.644  1.587   12.712  1.00 19.21 ? 54  GLU A CA  1 
ATOM   370  C  C   . GLU A 1 54  ? -9.093  2.825   13.473  1.00 17.75 ? 54  GLU A C   1 
ATOM   371  O  O   . GLU A 1 54  ? -8.552  3.924   13.317  1.00 17.32 ? 54  GLU A O   1 
ATOM   372  C  CB  . GLU A 1 54  ? -7.839  0.617   13.579  1.00 21.68 ? 54  GLU A CB  1 
ATOM   373  C  CG  . GLU A 1 54  ? -7.478  -0.663  12.852  1.00 24.37 ? 54  GLU A CG  1 
ATOM   374  C  CD  . GLU A 1 54  ? -8.621  -1.583  12.455  1.00 30.49 ? 54  GLU A CD  1 
ATOM   375  O  OE1 . GLU A 1 54  ? -9.631  -1.609  13.179  1.00 31.52 ? 54  GLU A OE1 1 
ATOM   376  O  OE2 . GLU A 1 54  ? -8.503  -2.313  11.406  1.00 34.92 ? 54  GLU A OE2 1 
ATOM   377  N  N   . PRO A 1 55  ? -10.060 2.693   14.420  1.00 18.61 ? 55  PRO A N   1 
ATOM   378  C  CA  . PRO A 1 55  ? -10.501 3.860   15.176  1.00 19.59 ? 55  PRO A CA  1 
ATOM   379  C  C   . PRO A 1 55  ? -9.360  4.549   15.920  1.00 19.67 ? 55  PRO A C   1 
ATOM   380  O  O   . PRO A 1 55  ? -8.546  3.863   16.515  1.00 19.30 ? 55  PRO A O   1 
ATOM   381  C  CB  . PRO A 1 55  ? -11.572 3.268   16.110  1.00 18.90 ? 55  PRO A CB  1 
ATOM   382  C  CG  . PRO A 1 55  ? -12.085 2.075   15.371  1.00 18.70 ? 55  PRO A CG  1 
ATOM   383  C  CD  . PRO A 1 55  ? -10.853 1.480   14.692  1.00 19.50 ? 55  PRO A CD  1 
ATOM   384  N  N   . GLU A 1 56  ? -9.316  5.857   15.815  1.00 18.45 ? 56  GLU A N   1 
ATOM   385  C  CA  . GLU A 1 56  ? -8.300  6.750   16.380  1.00 21.59 ? 56  GLU A CA  1 
ATOM   386  C  C   . GLU A 1 56  ? -6.881  6.373   15.929  1.00 24.38 ? 56  GLU A C   1 
ATOM   387  O  O   . GLU A 1 56  ? -5.970  6.871   16.550  1.00 24.18 ? 56  GLU A O   1 
ATOM   388  C  CB  . GLU A 1 56  ? -8.366  6.728   17.915  1.00 23.66 ? 56  GLU A CB  1 
ATOM   389  C  CG  . GLU A 1 56  ? -9.735  7.153   18.430  1.00 26.76 ? 56  GLU A CG  1 
ATOM   390  C  CD  . GLU A 1 56  ? -9.894  7.144   19.950  1.00 31.13 ? 56  GLU A CD  1 
ATOM   391  O  OE1 . GLU A 1 56  ? -9.642  6.110   20.585  1.00 34.13 ? 56  GLU A OE1 1 
ATOM   392  O  OE2 . GLU A 1 56  ? -10.406 8.129   20.451  1.00 36.75 ? 56  GLU A OE2 1 
ATOM   393  N  N   . GLU A 1 57  ? -6.684  5.582   14.870  1.00 20.10 ? 57  GLU A N   1 
ATOM   394  C  CA  . GLU A 1 57  ? -5.327  5.211   14.421  1.00 19.32 ? 57  GLU A CA  1 
ATOM   395  C  C   . GLU A 1 57  ? -4.753  6.332   13.557  1.00 19.82 ? 57  GLU A C   1 
ATOM   396  O  O   . GLU A 1 57  ? -5.349  6.673   12.538  1.00 19.72 ? 57  GLU A O   1 
ATOM   397  C  CB  . GLU A 1 57  ? -5.408  3.877   13.710  1.00 19.90 ? 57  GLU A CB  1 
ATOM   398  C  CG  . GLU A 1 57  ? -4.026  3.337   13.360  1.00 20.39 ? 57  GLU A CG  1 
ATOM   399  C  CD  . GLU A 1 57  ? -4.061  1.998   12.645  1.00 21.89 ? 57  GLU A CD  1 
ATOM   400  O  OE1 . GLU A 1 57  ? -5.016  1.746   11.866  1.00 19.87 ? 57  GLU A OE1 1 
ATOM   401  O  OE2 . GLU A 1 57  ? -3.178  1.142   12.943  1.00 21.59 ? 57  GLU A OE2 1 
ATOM   402  N  N   . GLU A 1 58  ? -3.555  6.801   13.858  1.00 18.32 ? 58  GLU A N   1 
ATOM   403  C  CA  . GLU A 1 58  ? -2.874  7.797   13.009  1.00 19.97 ? 58  GLU A CA  1 
ATOM   404  C  C   . GLU A 1 58  ? -2.722  7.190   11.606  1.00 19.05 ? 58  GLU A C   1 
ATOM   405  O  O   . GLU A 1 58  ? -2.392  6.009   11.484  1.00 18.11 ? 58  GLU A O   1 
ATOM   406  C  CB  . GLU A 1 58  ? -1.522  8.115   13.610  1.00 24.12 ? 58  GLU A CB  1 
ATOM   407  C  CG  . GLU A 1 58  ? -1.634  8.980   14.856  1.00 29.97 ? 58  GLU A CG  1 
ATOM   408  C  CD  . GLU A 1 58  ? -1.897  10.454  14.566  1.00 41.24 ? 58  GLU A CD  1 
ATOM   409  O  OE1 . GLU A 1 58  ? -1.649  10.914  13.411  1.00 44.50 ? 58  GLU A OE1 1 
ATOM   410  O  OE2 . GLU A 1 58  ? -2.349  11.151  15.497  1.00 51.15 ? 58  GLU A OE2 1 
ATOM   411  N  N   . PRO A 1 59  ? -2.871  7.970   10.529  1.00 18.21 ? 59  PRO A N   1 
ATOM   412  C  CA  . PRO A 1 59  ? -2.722  7.414   9.189   1.00 19.09 ? 59  PRO A CA  1 
ATOM   413  C  C   . PRO A 1 59  ? -1.334  6.798   8.954   1.00 18.01 ? 59  PRO A C   1 
ATOM   414  O  O   . PRO A 1 59  ? -1.271  5.734   8.307   1.00 17.31 ? 59  PRO A O   1 
ATOM   415  C  CB  . PRO A 1 59  ? -3.049  8.563   8.233   1.00 20.01 ? 59  PRO A CB  1 
ATOM   416  C  CG  . PRO A 1 59  ? -3.097  9.802   9.080   1.00 22.89 ? 59  PRO A CG  1 
ATOM   417  C  CD  . PRO A 1 59  ? -3.265  9.390   10.524  1.00 20.39 ? 59  PRO A CD  1 
ATOM   418  N  N   . SER A 1 60  ? -0.254  7.430   9.439   1.00 18.31 ? 60  SER A N   1 
ATOM   419  C  CA  . SER A 1 60  ? 1.135   6.918   9.236   1.00 19.60 ? 60  SER A CA  1 
ATOM   420  C  C   . SER A 1 60  ? 1.302   5.561   9.923   1.00 20.15 ? 60  SER A C   1 
ATOM   421  O  O   . SER A 1 60  ? 2.007   4.683   9.398   1.00 20.75 ? 60  SER A O   1 
ATOM   422  C  CB  . SER A 1 60  ? 2.172   7.882   9.720   1.00 22.49 ? 60  SER A CB  1 
ATOM   423  O  OG  . SER A 1 60  ? 2.033   8.190   11.092  1.00 24.02 ? 60  SER A OG  1 
ATOM   424  N  N   . VAL A 1 61  ? 0.595   5.352   11.039  1.00 17.77 ? 61  VAL A N   1 
ATOM   425  C  CA  . VAL A 1 61  ? 0.671   4.095   11.813  1.00 18.59 ? 61  VAL A CA  1 
ATOM   426  C  C   . VAL A 1 61  ? -0.097  3.028   11.041  1.00 18.19 ? 61  VAL A C   1 
ATOM   427  O  O   . VAL A 1 61  ? 0.403   1.927   10.885  1.00 17.15 ? 61  VAL A O   1 
ATOM   428  C  CB  . VAL A 1 61  ? 0.098   4.315   13.232  1.00 19.13 ? 61  VAL A CB  1 
ATOM   429  C  CG1 . VAL A 1 61  ? -0.098  2.995   13.963  1.00 18.92 ? 61  VAL A CG1 1 
ATOM   430  C  CG2 . VAL A 1 61  ? 1.021   5.263   13.978  1.00 20.55 ? 61  VAL A CG2 1 
ATOM   431  N  N   . ALA A 1 62  ? -1.286  3.366   10.539  1.00 15.51 ? 62  ALA A N   1 
ATOM   432  C  CA  . ALA A 1 62  ? -2.095  2.426   9.751   1.00 16.38 ? 62  ALA A CA  1 
ATOM   433  C  C   . ALA A 1 62  ? -1.319  2.019   8.478   1.00 16.38 ? 62  ALA A C   1 
ATOM   434  O  O   . ALA A 1 62  ? -1.342  0.852   8.105   1.00 15.32 ? 62  ALA A O   1 
ATOM   435  C  CB  . ALA A 1 62  ? -3.413  3.090   9.368   1.00 16.64 ? 62  ALA A CB  1 
ATOM   436  N  N   . ALA A 1 63  ? -0.642  2.960   7.847   1.00 15.88 ? 63  ALA A N   1 
ATOM   437  C  CA  . ALA A 1 63  ? 0.081   2.699   6.572   1.00 17.39 ? 63  ALA A CA  1 
ATOM   438  C  C   . ALA A 1 63  ? 1.161   1.652   6.826   1.00 18.18 ? 63  ALA A C   1 
ATOM   439  O  O   . ALA A 1 63  ? 1.240   0.650   6.048   1.00 17.21 ? 63  ALA A O   1 
ATOM   440  C  CB  . ALA A 1 63  ? 0.700   3.973   6.057   1.00 17.16 ? 63  ALA A CB  1 
ATOM   441  N  N   . VAL A 1 64  ? 1.992   1.879   7.854   1.00 17.60 ? 64  VAL A N   1 
ATOM   442  C  CA  . VAL A 1 64  ? 3.114   0.965   8.191   1.00 19.46 ? 64  VAL A CA  1 
ATOM   443  C  C   . VAL A 1 64  ? 2.579   -0.401  8.635   1.00 19.24 ? 64  VAL A C   1 
ATOM   444  O  O   . VAL A 1 64  ? 3.160   -1.402  8.231   1.00 17.12 ? 64  VAL A O   1 
ATOM   445  C  CB  . VAL A 1 64  ? 3.995   1.633   9.254   1.00 23.13 ? 64  VAL A CB  1 
ATOM   446  C  CG1 . VAL A 1 64  ? 4.933   0.667   9.928   1.00 28.75 ? 64  VAL A CG1 1 
ATOM   447  C  CG2 . VAL A 1 64  ? 4.718   2.786   8.574   1.00 24.02 ? 64  VAL A CG2 1 
ATOM   448  N  N   . ARG A 1 65  ? 1.466   -0.430  9.368   1.00 17.14 ? 65  ARG A N   1 
ATOM   449  C  CA  . ARG A 1 65  ? 0.848   -1.692  9.820   1.00 16.62 ? 65  ARG A CA  1 
ATOM   450  C  C   . ARG A 1 65  ? 0.326   -2.502  8.624   1.00 18.28 ? 65  ARG A C   1 
ATOM   451  O  O   . ARG A 1 65  ? 0.613   -3.699  8.513   1.00 17.35 ? 65  ARG A O   1 
ATOM   452  C  CB  . ARG A 1 65  ? -0.269  -1.372  10.807  1.00 16.94 ? 65  ARG A CB  1 
ATOM   453  C  CG  . ARG A 1 65  ? -1.007  -2.613  11.256  1.00 17.66 ? 65  ARG A CG  1 
ATOM   454  C  CD  . ARG A 1 65  ? -2.172  -2.333  12.210  1.00 19.44 ? 65  ARG A CD  1 
ATOM   455  N  NE  . ARG A 1 65  ? -3.079  -1.348  11.676  1.00 18.51 ? 65  ARG A NE  1 
ATOM   456  C  CZ  . ARG A 1 65  ? -3.879  -1.531  10.619  1.00 19.03 ? 65  ARG A CZ  1 
ATOM   457  N  NH1 . ARG A 1 65  ? -3.909  -2.676  9.959   1.00 18.43 ? 65  ARG A NH1 1 
ATOM   458  N  NH2 . ARG A 1 65  ? -4.612  -0.513  10.190  1.00 19.33 ? 65  ARG A NH2 1 
ATOM   459  N  N   . GLU A 1 66  ? -0.401  -1.852  7.723   1.00 16.40 ? 66  GLU A N   1 
ATOM   460  C  CA  . GLU A 1 66  ? -0.991  -2.583  6.585   1.00 17.19 ? 66  GLU A CA  1 
ATOM   461  C  C   . GLU A 1 66  ? 0.143   -3.112  5.689   1.00 15.13 ? 66  GLU A C   1 
ATOM   462  O  O   . GLU A 1 66  ? -0.003  -4.182  5.176   1.00 16.55 ? 66  GLU A O   1 
ATOM   463  C  CB  . GLU A 1 66  ? -1.977  -1.701  5.797   1.00 16.94 ? 66  GLU A CB  1 
ATOM   464  C  CG  . GLU A 1 66  ? -3.256  -1.549  6.533   1.00 16.22 ? 66  GLU A CG  1 
ATOM   465  C  CD  . GLU A 1 66  ? -4.183  -2.749  6.443   1.00 17.79 ? 66  GLU A CD  1 
ATOM   466  O  OE1 . GLU A 1 66  ? -5.121  -2.799  7.271   1.00 17.54 ? 66  GLU A OE1 1 
ATOM   467  O  OE2 . GLU A 1 66  ? -3.973  -3.594  5.566   1.00 16.47 ? 66  GLU A OE2 1 
ATOM   468  N  N   . VAL A 1 67  ? 1.215   -2.361  5.491   1.00 15.71 ? 67  VAL A N   1 
ATOM   469  C  CA  A VAL A 1 67  ? 2.382   -2.813  4.680   0.50 15.76 ? 67  VAL A CA  1 
ATOM   470  C  CA  B VAL A 1 67  ? 2.301   -2.880  4.617   0.50 15.93 ? 67  VAL A CA  1 
ATOM   471  C  C   . VAL A 1 67  ? 3.052   -4.033  5.328   1.00 15.94 ? 67  VAL A C   1 
ATOM   472  O  O   . VAL A 1 67  ? 3.429   -4.968  4.619   1.00 17.27 ? 67  VAL A O   1 
ATOM   473  C  CB  A VAL A 1 67  ? 3.428   -1.703  4.509   0.50 15.96 ? 67  VAL A CB  1 
ATOM   474  C  CB  B VAL A 1 67  ? 3.206   -1.767  4.051   0.50 16.79 ? 67  VAL A CB  1 
ATOM   475  C  CG1 A VAL A 1 67  ? 4.758   -2.274  4.036   0.50 16.30 ? 67  VAL A CG1 1 
ATOM   476  C  CG1 B VAL A 1 67  ? 2.362   -0.792  3.247   0.50 17.25 ? 67  VAL A CG1 1 
ATOM   477  C  CG2 A VAL A 1 67  ? 2.919   -0.643  3.561   0.50 17.21 ? 67  VAL A CG2 1 
ATOM   478  C  CG2 B VAL A 1 67  ? 4.059   -1.047  5.077   0.50 17.71 ? 67  VAL A CG2 1 
ATOM   479  N  N   . CYS A 1 68  ? 3.176   -4.042  6.648   1.00 15.90 ? 68  CYS A N   1 
ATOM   480  C  CA  . CYS A 1 68  ? 3.709   -5.223  7.360   1.00 18.07 ? 68  CYS A CA  1 
ATOM   481  C  C   . CYS A 1 68  ? 2.786   -6.447  7.157   1.00 17.64 ? 68  CYS A C   1 
ATOM   482  O  O   . CYS A 1 68  ? 3.269   -7.510  6.764   1.00 18.72 ? 68  CYS A O   1 
ATOM   483  C  CB  . CYS A 1 68  ? 3.945   -4.874  8.821   1.00 19.30 ? 68  CYS A CB  1 
ATOM   484  S  SG  . CYS A 1 68  ? 4.514   -6.340  9.746   1.00 25.48 ? 68  CYS A SG  1 
ATOM   485  N  N   . GLU A 1 69  ? 1.483   -6.275  7.315   1.00 17.36 ? 69  GLU A N   1 
ATOM   486  C  CA  . GLU A 1 69  ? 0.485   -7.357  7.162   1.00 16.76 ? 69  GLU A CA  1 
ATOM   487  C  C   . GLU A 1 69  ? 0.484   -7.883  5.723   1.00 18.12 ? 69  GLU A C   1 
ATOM   488  O  O   . GLU A 1 69  ? 0.440   -9.114  5.496   1.00 18.97 ? 69  GLU A O   1 
ATOM   489  C  CB  . GLU A 1 69  ? -0.893  -6.821  7.520   1.00 18.31 ? 69  GLU A CB  1 
ATOM   490  C  CG  . GLU A 1 69  ? -1.087  -6.472  8.993   1.00 18.95 ? 69  GLU A CG  1 
ATOM   491  C  CD  . GLU A 1 69  ? -2.412  -5.760  9.298   1.00 21.43 ? 69  GLU A CD  1 
ATOM   492  O  OE1 . GLU A 1 69  ? -2.627  -5.410  10.482  1.00 20.71 ? 69  GLU A OE1 1 
ATOM   493  O  OE2 . GLU A 1 69  ? -3.207  -5.481  8.340   1.00 20.00 ? 69  GLU A OE2 1 
ATOM   494  N  N   . GLU A 1 70  ? 0.423   -6.996  4.730   1.00 17.09 ? 70  GLU A N   1 
ATOM   495  C  CA  . GLU A 1 70  ? 0.124   -7.384  3.332   1.00 17.06 ? 70  GLU A CA  1 
ATOM   496  C  C   . GLU A 1 70  ? 1.403   -7.744  2.577   1.00 15.87 ? 70  GLU A C   1 
ATOM   497  O  O   . GLU A 1 70  ? 1.346   -8.600  1.711   1.00 16.40 ? 70  GLU A O   1 
ATOM   498  C  CB  . GLU A 1 70  ? -0.628  -6.260  2.620   1.00 17.11 ? 70  GLU A CB  1 
ATOM   499  C  CG  . GLU A 1 70  ? -1.998  -6.013  3.236   1.00 17.26 ? 70  GLU A CG  1 
ATOM   500  C  CD  . GLU A 1 70  ? -2.960  -5.143  2.418   1.00 17.73 ? 70  GLU A CD  1 
ATOM   501  O  OE1 . GLU A 1 70  ? -4.120  -4.961  2.885   1.00 16.63 ? 70  GLU A OE1 1 
ATOM   502  O  OE2 . GLU A 1 70  ? -2.572  -4.682  1.326   1.00 17.09 ? 70  GLU A OE2 1 
ATOM   503  N  N   . ALA A 1 71  ? 2.499   -7.010  2.809   1.00 16.39 ? 71  ALA A N   1 
ATOM   504  C  CA  . ALA A 1 71  ? 3.740   -7.098  2.027   1.00 16.71 ? 71  ALA A CA  1 
ATOM   505  C  C   . ALA A 1 71  ? 4.916   -7.686  2.816   1.00 16.30 ? 71  ALA A C   1 
ATOM   506  O  O   . ALA A 1 71  ? 5.917   -8.044  2.168   1.00 17.01 ? 71  ALA A O   1 
ATOM   507  C  CB  . ALA A 1 71  ? 4.119   -5.740  1.504   1.00 16.56 ? 71  ALA A CB  1 
ATOM   508  N  N   . GLY A 1 72  ? 4.841   -7.768  4.128   1.00 17.15 ? 72  GLY A N   1 
ATOM   509  C  CA  . GLY A 1 72  ? 5.912   -8.410  4.912   1.00 16.85 ? 72  GLY A CA  1 
ATOM   510  C  C   . GLY A 1 72  ? 7.178   -7.596  4.911   1.00 18.44 ? 72  GLY A C   1 
ATOM   511  O  O   . GLY A 1 72  ? 8.264   -8.210  4.885   1.00 19.24 ? 72  GLY A O   1 
ATOM   512  N  N   . VAL A 1 73  ? 7.072   -6.264  4.853   1.00 16.83 ? 73  VAL A N   1 
ATOM   513  C  CA  . VAL A 1 73  ? 8.261   -5.378  4.859   1.00 17.84 ? 73  VAL A CA  1 
ATOM   514  C  C   . VAL A 1 73  ? 8.109   -4.316  5.960   1.00 19.09 ? 73  VAL A C   1 
ATOM   515  O  O   . VAL A 1 73  ? 6.990   -3.961  6.375   1.00 18.39 ? 73  VAL A O   1 
ATOM   516  C  CB  . VAL A 1 73  ? 8.599   -4.746  3.497   1.00 18.75 ? 73  VAL A CB  1 
ATOM   517  C  CG1 . VAL A 1 73  ? 8.864   -5.785  2.435   1.00 20.47 ? 73  VAL A CG1 1 
ATOM   518  C  CG2 . VAL A 1 73  ? 7.536   -3.756  3.035   1.00 19.29 ? 73  VAL A CG2 1 
ATOM   519  N  N   . LYS A 1 74  ? 9.253   -3.811  6.406   1.00 17.94 ? 74  LYS A N   1 
ATOM   520  C  CA  . LYS A 1 74  ? 9.357   -2.717  7.371   1.00 18.02 ? 74  LYS A CA  1 
ATOM   521  C  C   . LYS A 1 74  ? 10.438  -1.771  6.872   1.00 17.84 ? 74  LYS A C   1 
ATOM   522  O  O   . LYS A 1 74  ? 11.324  -2.185  6.057   1.00 17.61 ? 74  LYS A O   1 
ATOM   523  C  CB  . LYS A 1 74  ? 9.674   -3.240  8.777   1.00 19.93 ? 74  LYS A CB  1 
ATOM   524  C  CG  . LYS A 1 74  ? 8.572   -4.138  9.338   1.00 22.97 ? 74  LYS A CG  1 
ATOM   525  C  CD  . LYS A 1 74  ? 8.797   -4.566  10.759  1.00 25.03 ? 74  LYS A CD  1 
ATOM   526  C  CE  . LYS A 1 74  ? 7.893   -5.697  11.164  1.00 27.56 ? 74  LYS A CE  1 
ATOM   527  N  NZ  . LYS A 1 74  ? 6.468   -5.295  11.146  1.00 31.10 ? 74  LYS A NZ  1 
ATOM   528  N  N   . GLY A 1 75  ? 10.391  -0.537  7.332   1.00 17.10 ? 75  GLY A N   1 
ATOM   529  C  CA  . GLY A 1 75  ? 11.444  0.398   6.933   1.00 16.90 ? 75  GLY A CA  1 
ATOM   530  C  C   . GLY A 1 75  ? 11.291  1.751   7.575   1.00 19.42 ? 75  GLY A C   1 
ATOM   531  O  O   . GLY A 1 75  ? 10.693  1.855   8.665   1.00 18.50 ? 75  GLY A O   1 
ATOM   532  N  N   . THR A 1 76  ? 11.879  2.753   6.932   1.00 18.33 ? 76  THR A N   1 
ATOM   533  C  CA  . THR A 1 76  ? 11.923  4.129   7.461   1.00 19.55 ? 76  THR A CA  1 
ATOM   534  C  C   . THR A 1 76  ? 10.807  4.946   6.813   1.00 19.82 ? 76  THR A C   1 
ATOM   535  O  O   . THR A 1 76  ? 10.842  5.113   5.571   1.00 19.37 ? 76  THR A O   1 
ATOM   536  C  CB  . THR A 1 76  ? 13.261  4.803   7.177   1.00 21.44 ? 76  THR A CB  1 
ATOM   537  O  OG1 . THR A 1 76  ? 14.202  3.896   7.726   1.00 24.65 ? 76  THR A OG1 1 
ATOM   538  C  CG2 . THR A 1 76  ? 13.371  6.168   7.814   1.00 24.94 ? 76  THR A CG2 1 
ATOM   539  N  N   . LEU A 1 77  ? 9.848   5.377   7.617   1.00 19.25 ? 77  LEU A N   1 
ATOM   540  C  CA  . LEU A 1 77  ? 8.693   6.121   7.084   1.00 20.80 ? 77  LEU A CA  1 
ATOM   541  C  C   . LEU A 1 77  ? 9.179   7.472   6.597   1.00 21.89 ? 77  LEU A C   1 
ATOM   542  O  O   . LEU A 1 77  ? 9.955   8.135   7.320   1.00 22.59 ? 77  LEU A O   1 
ATOM   543  C  CB  . LEU A 1 77  ? 7.619   6.275   8.153   1.00 23.51 ? 77  LEU A CB  1 
ATOM   544  C  CG  . LEU A 1 77  ? 6.345   6.917   7.622   1.00 26.63 ? 77  LEU A CG  1 
ATOM   545  C  CD1 . LEU A 1 77  ? 5.637   6.010   6.615   1.00 26.10 ? 77  LEU A CD1 1 
ATOM   546  C  CD2 . LEU A 1 77  ? 5.456   7.310   8.777   1.00 34.08 ? 77  LEU A CD2 1 
ATOM   547  N  N   . GLY A 1 78  ? 8.762   7.849   5.383   1.00 20.84 ? 78  GLY A N   1 
ATOM   548  C  CA  . GLY A 1 78  ? 9.091   9.158   4.809   1.00 20.55 ? 78  GLY A CA  1 
ATOM   549  C  C   . GLY A 1 78  ? 7.861   10.053  4.717   1.00 19.40 ? 78  GLY A C   1 
ATOM   550  O  O   . GLY A 1 78  ? 6.920   9.914   5.527   1.00 20.95 ? 78  GLY A O   1 
ATOM   551  N  N   . ARG A 1 79  ? 7.848   10.913  3.714   1.00 19.99 ? 79  ARG A N   1 
ATOM   552  C  CA  . ARG A 1 79  ? 6.831   11.991  3.578   1.00 20.30 ? 79  ARG A CA  1 
ATOM   553  C  C   . ARG A 1 79  ? 5.463   11.401  3.208   1.00 19.35 ? 79  ARG A C   1 
ATOM   554  O  O   . ARG A 1 79  ? 5.366   10.363  2.532   1.00 18.87 ? 79  ARG A O   1 
ATOM   555  C  CB  . ARG A 1 79  ? 7.280   12.976  2.515   1.00 23.33 ? 79  ARG A CB  1 
ATOM   556  C  CG  . ARG A 1 79  ? 7.234   12.426  1.091   1.00 25.18 ? 79  ARG A CG  1 
ATOM   557  C  CD  . ARG A 1 79  ? 8.125   13.253  0.175   1.00 30.58 ? 79  ARG A CD  1 
ATOM   558  N  NE  . ARG A 1 79  ? 8.190   12.774  -1.195  1.00 29.89 ? 79  ARG A NE  1 
ATOM   559  C  CZ  . ARG A 1 79  ? 9.092   11.882  -1.688  1.00 34.27 ? 79  ARG A CZ  1 
ATOM   560  N  NH1 . ARG A 1 79  ? 9.956   11.326  -0.900  1.00 26.76 ? 79  ARG A NH1 1 
ATOM   561  N  NH2 . ARG A 1 79  ? 9.081   11.553  -2.946  1.00 34.83 ? 79  ARG A NH2 1 
ATOM   562  N  N   . LEU A 1 80  ? 4.414   12.115  3.614   1.00 19.83 ? 80  LEU A N   1 
ATOM   563  C  CA  . LEU A 1 80  ? 3.065   11.957  3.016   1.00 18.88 ? 80  LEU A CA  1 
ATOM   564  C  C   . LEU A 1 80  ? 3.112   12.469  1.589   1.00 19.04 ? 80  LEU A C   1 
ATOM   565  O  O   . LEU A 1 80  ? 3.518   13.632  1.376   1.00 19.65 ? 80  LEU A O   1 
ATOM   566  C  CB  . LEU A 1 80  ? 2.065   12.760  3.862   1.00 19.47 ? 80  LEU A CB  1 
ATOM   567  C  CG  . LEU A 1 80  ? 0.641   12.771  3.332   1.00 19.03 ? 80  LEU A CG  1 
ATOM   568  C  CD1 . LEU A 1 80  ? 0.036   11.381  3.355   1.00 20.01 ? 80  LEU A CD1 1 
ATOM   569  C  CD2 . LEU A 1 80  ? -0.239  13.734  4.125   1.00 21.87 ? 80  LEU A CD2 1 
ATOM   570  N  N   . VAL A 1 81  ? 2.770   11.626  0.632   1.00 17.79 ? 81  VAL A N   1 
ATOM   571  C  CA  . VAL A 1 81  ? 2.706   11.993  -0.811  1.00 18.19 ? 81  VAL A CA  1 
ATOM   572  C  C   . VAL A 1 81  ? 1.421   12.792  -1.050  1.00 18.24 ? 81  VAL A C   1 
ATOM   573  O  O   . VAL A 1 81  ? 1.470   13.828  -1.711  1.00 18.14 ? 81  VAL A O   1 
ATOM   574  C  CB  . VAL A 1 81  ? 2.748   10.746  -1.703  1.00 19.45 ? 81  VAL A CB  1 
ATOM   575  C  CG1 . VAL A 1 81  ? 2.588   11.116  -3.152  1.00 19.23 ? 81  VAL A CG1 1 
ATOM   576  C  CG2 . VAL A 1 81  ? 4.075   9.982   -1.492  1.00 21.95 ? 81  VAL A CG2 1 
ATOM   577  N  N   . GLY A 1 82  ? 0.302   12.307  -0.544  1.00 17.11 ? 82  GLY A N   1 
ATOM   578  C  CA  . GLY A 1 82  ? -0.977  12.992  -0.722  1.00 16.96 ? 82  GLY A CA  1 
ATOM   579  C  C   . GLY A 1 82  ? -2.091  12.120  -0.255  1.00 17.52 ? 82  GLY A C   1 
ATOM   580  O  O   . GLY A 1 82  ? -1.839  11.027  0.290   1.00 17.23 ? 82  GLY A O   1 
ATOM   581  N  N   . ILE A 1 83  ? -3.297  12.621  -0.441  1.00 16.49 ? 83  ILE A N   1 
ATOM   582  C  CA  . ILE A 1 83  ? -4.554  11.971  -0.021  1.00 16.66 ? 83  ILE A CA  1 
ATOM   583  C  C   . ILE A 1 83  ? -5.378  11.764  -1.282  1.00 17.25 ? 83  ILE A C   1 
ATOM   584  O  O   . ILE A 1 83  ? -5.690  12.739  -1.975  1.00 17.67 ? 83  ILE A O   1 
ATOM   585  C  CB  . ILE A 1 83  ? -5.282  12.815  1.031   1.00 18.50 ? 83  ILE A CB  1 
ATOM   586  C  CG1 . ILE A 1 83  ? -4.357  13.121  2.222   1.00 20.45 ? 83  ILE A CG1 1 
ATOM   587  C  CG2 . ILE A 1 83  ? -6.531  12.061  1.463   1.00 18.92 ? 83  ILE A CG2 1 
ATOM   588  C  CD1 . ILE A 1 83  ? -4.983  14.117  3.229   1.00 23.32 ? 83  ILE A CD1 1 
ATOM   589  N  N   . PHE A 1 84  ? -5.753  10.536  -1.555  1.00 15.38 ? 84  PHE A N   1 
ATOM   590  C  CA  . PHE A 1 84  ? -6.248  10.105  -2.878  1.00 15.12 ? 84  PHE A CA  1 
ATOM   591  C  C   . PHE A 1 84  ? -7.615  9.485   -2.724  1.00 16.16 ? 84  PHE A C   1 
ATOM   592  O  O   . PHE A 1 84  ? -7.771  8.560   -1.961  1.00 17.64 ? 84  PHE A O   1 
ATOM   593  C  CB  . PHE A 1 84  ? -5.312  9.069   -3.534  1.00 15.52 ? 84  PHE A CB  1 
ATOM   594  C  CG  . PHE A 1 84  ? -3.969  9.640   -3.919  1.00 15.20 ? 84  PHE A CG  1 
ATOM   595  C  CD1 . PHE A 1 84  ? -2.960  9.805   -2.977  1.00 15.51 ? 84  PHE A CD1 1 
ATOM   596  C  CD2 . PHE A 1 84  ? -3.699  9.982   -5.233  1.00 16.19 ? 84  PHE A CD2 1 
ATOM   597  C  CE1 . PHE A 1 84  ? -1.732  10.336  -3.333  1.00 16.05 ? 84  PHE A CE1 1 
ATOM   598  C  CE2 . PHE A 1 84  ? -2.468  10.503  -5.603  1.00 16.19 ? 84  PHE A CE2 1 
ATOM   599  C  CZ  . PHE A 1 84  ? -1.479  10.660  -4.659  1.00 17.75 ? 84  PHE A CZ  1 
ATOM   600  N  N   . GLU A 1 85  ? -8.583  9.976   -3.463  1.00 17.34 ? 85  GLU A N   1 
ATOM   601  C  CA  . GLU A 1 85  ? -9.938  9.386   -3.432  1.00 18.85 ? 85  GLU A CA  1 
ATOM   602  C  C   . GLU A 1 85  ? -10.161 8.463   -4.602  1.00 20.38 ? 85  GLU A C   1 
ATOM   603  O  O   . GLU A 1 85  ? -9.716  8.767   -5.723  1.00 20.33 ? 85  GLU A O   1 
ATOM   604  C  CB  . GLU A 1 85  ? -10.973 10.484  -3.533  1.00 22.39 ? 85  GLU A CB  1 
ATOM   605  C  CG  . GLU A 1 85  ? -10.942 11.331  -2.324  1.00 25.82 ? 85  GLU A CG  1 
ATOM   606  C  CD  . GLU A 1 85  ? -11.798 12.568  -2.437  1.00 31.71 ? 85  GLU A CD  1 
ATOM   607  O  OE1 . GLU A 1 85  ? -12.797 12.533  -3.207  1.00 27.37 ? 85  GLU A OE1 1 
ATOM   608  O  OE2 . GLU A 1 85  ? -11.445 13.502  -1.695  1.00 33.36 ? 85  GLU A OE2 1 
ATOM   609  N  N   . ASN A 1 86  ? -10.925 7.434   -4.346  1.00 17.50 ? 86  ASN A N   1 
ATOM   610  C  CA  . ASN A 1 86  ? -11.502 6.537   -5.354  1.00 20.98 ? 86  ASN A CA  1 
ATOM   611  C  C   . ASN A 1 86  ? -13.010 6.811   -5.277  1.00 22.81 ? 86  ASN A C   1 
ATOM   612  O  O   . ASN A 1 86  ? -13.669 6.346   -4.307  1.00 20.37 ? 86  ASN A O   1 
ATOM   613  C  CB  . ASN A 1 86  ? -11.088 5.086   -5.146  1.00 19.70 ? 86  ASN A CB  1 
ATOM   614  C  CG  . ASN A 1 86  ? -11.710 4.162   -6.175  1.00 24.62 ? 86  ASN A CG  1 
ATOM   615  O  OD1 . ASN A 1 86  ? -12.839 4.407   -6.655  1.00 23.03 ? 86  ASN A OD1 1 
ATOM   616  N  ND2 . ASN A 1 86  ? -10.941 3.137   -6.562  1.00 27.27 ? 86  ASN A ND2 1 
ATOM   617  N  N   . GLN A 1 87  ? -13.516 7.582   -6.249  1.00 23.95 ? 87  GLN A N   1 
ATOM   618  C  CA  . GLN A 1 87  ? -14.941 8.020   -6.292  1.00 27.13 ? 87  GLN A CA  1 
ATOM   619  C  C   . GLN A 1 87  ? -15.847 6.804   -6.460  1.00 28.06 ? 87  GLN A C   1 
ATOM   620  O  O   . GLN A 1 87  ? -16.888 6.749   -5.800  1.00 32.08 ? 87  GLN A O   1 
ATOM   621  C  CB  . GLN A 1 87  ? -15.143 9.019   -7.431  1.00 32.49 ? 87  GLN A CB  1 
ATOM   622  C  CG  . GLN A 1 87  ? -16.606 9.343   -7.676  1.00 45.92 ? 87  GLN A CG  1 
ATOM   623  C  CD  . GLN A 1 87  ? -16.752 10.717  -8.278  1.00 58.83 ? 87  GLN A CD  1 
ATOM   624  O  OE1 . GLN A 1 87  ? -15.805 11.270  -8.851  1.00 72.09 ? 87  GLN A OE1 1 
ATOM   625  N  NE2 . GLN A 1 87  ? -17.936 11.290  -8.119  1.00 65.16 ? 87  GLN A NE2 1 
ATOM   626  N  N   . GLU A 1 88  ? -15.459 5.839   -7.277  1.00 28.71 ? 88  GLU A N   1 
ATOM   627  C  CA  . GLU A 1 88  ? -16.299 4.661   -7.567  1.00 30.94 ? 88  GLU A CA  1 
ATOM   628  C  C   . GLU A 1 88  ? -16.442 3.780   -6.317  1.00 31.13 ? 88  GLU A C   1 
ATOM   629  O  O   . GLU A 1 88  ? -17.526 3.232   -6.097  1.00 30.12 ? 88  GLU A O   1 
ATOM   630  C  CB  . GLU A 1 88  ? -15.689 3.838   -8.711  1.00 39.41 ? 88  GLU A CB  1 
ATOM   631  C  CG  . GLU A 1 88  ? -16.638 2.767   -9.209  1.00 47.88 ? 88  GLU A CG  1 
ATOM   632  C  CD  . GLU A 1 88  ? -15.974 1.592   -9.907  1.00 64.73 ? 88  GLU A CD  1 
ATOM   633  O  OE1 . GLU A 1 88  ? -16.476 0.442   -9.745  1.00 69.36 ? 88  GLU A OE1 1 
ATOM   634  O  OE2 . GLU A 1 88  ? -14.955 1.829   -10.610 1.00 70.55 ? 88  GLU A OE2 1 
ATOM   635  N  N   . ARG A 1 89  ? -15.368 3.553   -5.562  1.00 24.65 ? 89  ARG A N   1 
ATOM   636  C  CA  . ARG A 1 89  ? -15.376 2.635   -4.396  1.00 25.32 ? 89  ARG A CA  1 
ATOM   637  C  C   . ARG A 1 89  ? -15.616 3.412   -3.087  1.00 21.38 ? 89  ARG A C   1 
ATOM   638  O  O   . ARG A 1 89  ? -15.702 2.766   -2.039  1.00 23.80 ? 89  ARG A O   1 
ATOM   639  C  CB  . ARG A 1 89  ? -14.057 1.855   -4.350  1.00 29.26 ? 89  ARG A CB  1 
ATOM   640  C  CG  . ARG A 1 89  ? -13.737 1.157   -5.666  1.00 32.76 ? 89  ARG A CG  1 
ATOM   641  C  CD  . ARG A 1 89  ? -14.947 0.394   -6.172  1.00 39.05 ? 89  ARG A CD  1 
ATOM   642  N  NE  . ARG A 1 89  ? -15.353 -0.589  -5.189  1.00 46.12 ? 89  ARG A NE  1 
ATOM   643  C  CZ  . ARG A 1 89  ? -16.481 -1.301  -5.220  1.00 55.15 ? 89  ARG A CZ  1 
ATOM   644  N  NH1 . ARG A 1 89  ? -17.368 -1.132  -6.189  1.00 56.91 ? 89  ARG A NH1 1 
ATOM   645  N  NH2 . ARG A 1 89  ? -16.713 -2.189  -4.265  1.00 57.23 ? 89  ARG A NH2 1 
ATOM   646  N  N   . LYS A 1 90  ? -15.587 4.737   -3.140  1.00 22.35 ? 90  LYS A N   1 
ATOM   647  C  CA  . LYS A 1 90  ? -15.891 5.647   -2.005  1.00 21.69 ? 90  LYS A CA  1 
ATOM   648  C  C   . LYS A 1 90  ? -14.880 5.395   -0.880  1.00 21.23 ? 90  LYS A C   1 
ATOM   649  O  O   . LYS A 1 90  ? -15.267 5.104   0.304   1.00 19.26 ? 90  LYS A O   1 
ATOM   650  C  CB  . LYS A 1 90  ? -17.355 5.516   -1.541  1.00 27.18 ? 90  LYS A CB  1 
ATOM   651  C  CG  . LYS A 1 90  ? -18.380 5.900   -2.596  1.00 37.18 ? 90  LYS A CG  1 
ATOM   652  C  CD  . LYS A 1 90  ? -19.807 5.592   -2.164  1.00 47.90 ? 90  LYS A CD  1 
ATOM   653  C  CE  . LYS A 1 90  ? -20.067 4.113   -1.932  1.00 55.82 ? 90  LYS A CE  1 
ATOM   654  N  NZ  . LYS A 1 90  ? -21.509 3.838   -1.719  1.00 63.54 ? 90  LYS A NZ  1 
ATOM   655  N  N   . HIS A 1 91  ? -13.607 5.570   -1.206  1.00 18.37 ? 91  HIS A N   1 
ATOM   656  C  CA  . HIS A 1 91  ? -12.566 5.541   -0.164  1.00 17.52 ? 91  HIS A CA  1 
ATOM   657  C  C   . HIS A 1 91  ? -11.516 6.595   -0.401  1.00 16.77 ? 91  HIS A C   1 
ATOM   658  O  O   . HIS A 1 91  ? -11.375 7.085   -1.495  1.00 16.70 ? 91  HIS A O   1 
ATOM   659  C  CB  . HIS A 1 91  ? -12.035 4.119   0.027   1.00 18.60 ? 91  HIS A CB  1 
ATOM   660  C  CG  . HIS A 1 91  ? -11.410 3.425   -1.144  1.00 18.46 ? 91  HIS A CG  1 
ATOM   661  N  ND1 . HIS A 1 91  ? -10.270 3.882   -1.788  1.00 18.20 ? 91  HIS A ND1 1 
ATOM   662  C  CD2 . HIS A 1 91  ? -11.733 2.245   -1.707  1.00 21.52 ? 91  HIS A CD2 1 
ATOM   663  C  CE1 . HIS A 1 91  ? -9.922  2.978   -2.700  1.00 22.02 ? 91  HIS A CE1 1 
ATOM   664  N  NE2 . HIS A 1 91  ? -10.827 1.982   -2.701  1.00 22.01 ? 91  HIS A NE2 1 
ATOM   665  N  N   . ARG A 1 92  ? -10.814 6.926   0.664   1.00 16.38 ? 92  ARG A N   1 
ATOM   666  C  CA  . ARG A 1 92  ? -9.861  8.048   0.704   1.00 15.26 ? 92  ARG A CA  1 
ATOM   667  C  C   . ARG A 1 92  ? -8.615  7.561   1.404   1.00 15.22 ? 92  ARG A C   1 
ATOM   668  O  O   . ARG A 1 92  ? -8.697  7.162   2.593   1.00 16.55 ? 92  ARG A O   1 
ATOM   669  C  CB  . ARG A 1 92  ? -10.496 9.255   1.409   1.00 15.10 ? 92  ARG A CB  1 
ATOM   670  C  CG  . ARG A 1 92  ? -9.567  10.461  1.460   1.00 17.99 ? 92  ARG A CG  1 
ATOM   671  C  CD  . ARG A 1 92  ? -10.226 11.740  2.002   1.00 20.98 ? 92  ARG A CD  1 
ATOM   672  N  NE  . ARG A 1 92  ? -11.291 12.209  1.108   1.00 22.34 ? 92  ARG A NE  1 
ATOM   673  C  CZ  . ARG A 1 92  ? -12.613 12.078  1.316   1.00 24.38 ? 92  ARG A CZ  1 
ATOM   674  N  NH1 . ARG A 1 92  ? -13.067 11.551  2.440   1.00 22.53 ? 92  ARG A NH1 1 
ATOM   675  N  NH2 . ARG A 1 92  ? -13.483 12.539  0.436   1.00 23.74 ? 92  ARG A NH2 1 
ATOM   676  N  N   . THR A 1 93  ? -7.489  7.563   0.690   1.00 15.88 ? 93  THR A N   1 
ATOM   677  C  CA  . THR A 1 93  ? -6.257  6.906   1.132   1.00 14.64 ? 93  THR A CA  1 
ATOM   678  C  C   . THR A 1 93  ? -5.142  7.915   1.345   1.00 14.54 ? 93  THR A C   1 
ATOM   679  O  O   . THR A 1 93  ? -4.776  8.647   0.398   1.00 15.63 ? 93  THR A O   1 
ATOM   680  C  CB  . THR A 1 93  ? -5.815  5.840   0.118   1.00 15.53 ? 93  THR A CB  1 
ATOM   681  O  OG1 . THR A 1 93  ? -6.876  4.919   -0.131  1.00 14.80 ? 93  THR A OG1 1 
ATOM   682  C  CG2 . THR A 1 93  ? -4.608  5.044   0.585   1.00 15.58 ? 93  THR A CG2 1 
ATOM   683  N  N   . TYR A 1 94  ? -4.555  7.882   2.535   1.00 14.24 ? 94  TYR A N   1 
ATOM   684  C  CA  . TYR A 1 94  ? -3.287  8.600   2.826   1.00 16.02 ? 94  TYR A CA  1 
ATOM   685  C  C   . TYR A 1 94  ? -2.133  7.746   2.289   1.00 15.85 ? 94  TYR A C   1 
ATOM   686  O  O   . TYR A 1 94  ? -1.999  6.601   2.701   1.00 16.96 ? 94  TYR A O   1 
ATOM   687  C  CB  . TYR A 1 94  ? -3.118  8.800   4.332   1.00 16.22 ? 94  TYR A CB  1 
ATOM   688  C  CG  . TYR A 1 94  ? -3.950  9.901   4.938   1.00 19.17 ? 94  TYR A CG  1 
ATOM   689  C  CD1 . TYR A 1 94  ? -5.315  9.762   5.065   1.00 20.26 ? 94  TYR A CD1 1 
ATOM   690  C  CD2 . TYR A 1 94  ? -3.324  11.044  5.429   1.00 19.77 ? 94  TYR A CD2 1 
ATOM   691  C  CE1 . TYR A 1 94  ? -6.088  10.779  5.613   1.00 26.66 ? 94  TYR A CE1 1 
ATOM   692  C  CE2 . TYR A 1 94  ? -4.082  12.061  5.992   1.00 24.14 ? 94  TYR A CE2 1 
ATOM   693  C  CZ  . TYR A 1 94  ? -5.453  11.917  6.081   1.00 26.10 ? 94  TYR A CZ  1 
ATOM   694  O  OH  . TYR A 1 94  ? -6.184  12.905  6.659   1.00 29.40 ? 94  TYR A OH  1 
ATOM   695  N  N   . VAL A 1 95  ? -1.293  8.300   1.436   1.00 15.89 ? 95  VAL A N   1 
ATOM   696  C  CA  . VAL A 1 95  ? -0.199  7.534   0.781   1.00 14.91 ? 95  VAL A CA  1 
ATOM   697  C  C   . VAL A 1 95  ? 1.119   8.098   1.247   1.00 17.02 ? 95  VAL A C   1 
ATOM   698  O  O   . VAL A 1 95  ? 1.369   9.307   1.024   1.00 18.13 ? 95  VAL A O   1 
ATOM   699  C  CB  . VAL A 1 95  ? -0.314  7.567   -0.753  1.00 15.58 ? 95  VAL A CB  1 
ATOM   700  C  CG1 . VAL A 1 95  ? 0.908   6.909   -1.401  1.00 16.81 ? 95  VAL A CG1 1 
ATOM   701  C  CG2 . VAL A 1 95  ? -1.599  6.915   -1.195  1.00 15.95 ? 95  VAL A CG2 1 
ATOM   702  N  N   . TYR A 1 96  ? 1.934   7.253   1.859   1.00 15.74 ? 96  TYR A N   1 
ATOM   703  C  CA  . TYR A 1 96  ? 3.268   7.647   2.399   1.00 16.75 ? 96  TYR A CA  1 
ATOM   704  C  C   . TYR A 1 96  ? 4.395   6.952   1.648   1.00 17.54 ? 96  TYR A C   1 
ATOM   705  O  O   . TYR A 1 96  ? 4.188   5.918   1.067   1.00 18.12 ? 96  TYR A O   1 
ATOM   706  C  CB  . TYR A 1 96  ? 3.401   7.208   3.859   1.00 16.91 ? 96  TYR A CB  1 
ATOM   707  C  CG  . TYR A 1 96  ? 2.545   7.975   4.813   1.00 16.13 ? 96  TYR A CG  1 
ATOM   708  C  CD1 . TYR A 1 96  ? 1.239   7.559   5.023   1.00 18.26 ? 96  TYR A CD1 1 
ATOM   709  C  CD2 . TYR A 1 96  ? 2.995   9.120   5.434   1.00 18.47 ? 96  TYR A CD2 1 
ATOM   710  C  CE1 . TYR A 1 96  ? 0.402   8.257   5.870   1.00 18.66 ? 96  TYR A CE1 1 
ATOM   711  C  CE2 . TYR A 1 96  ? 2.157   9.853   6.272   1.00 17.82 ? 96  TYR A CE2 1 
ATOM   712  C  CZ  . TYR A 1 96  ? 0.860   9.409   6.490   1.00 20.37 ? 96  TYR A CZ  1 
ATOM   713  O  OH  . TYR A 1 96  ? 0.030   10.116  7.305   1.00 23.73 ? 96  TYR A OH  1 
ATOM   714  N  N   . VAL A 1 97  ? 5.558   7.597   1.601   1.00 17.08 ? 97  VAL A N   1 
ATOM   715  C  CA  . VAL A 1 97  ? 6.817   6.946   1.192   1.00 18.89 ? 97  VAL A CA  1 
ATOM   716  C  C   . VAL A 1 97  ? 7.303   6.083   2.359   1.00 18.01 ? 97  VAL A C   1 
ATOM   717  O  O   . VAL A 1 97  ? 7.259   6.520   3.538   1.00 18.37 ? 97  VAL A O   1 
ATOM   718  C  CB  . VAL A 1 97  ? 7.865   7.997   0.830   1.00 19.93 ? 97  VAL A CB  1 
ATOM   719  C  CG1 . VAL A 1 97  ? 9.230   7.338   0.651   1.00 20.65 ? 97  VAL A CG1 1 
ATOM   720  C  CG2 . VAL A 1 97  ? 7.419   8.791   -0.371  1.00 21.49 ? 97  VAL A CG2 1 
ATOM   721  N  N   . LEU A 1 98  ? 7.730   4.864   2.049   1.00 17.87 ? 98  LEU A N   1 
ATOM   722  C  CA  A LEU A 1 98  ? 8.448   3.997   3.031   0.50 16.63 ? 98  LEU A CA  1 
ATOM   723  C  CA  B LEU A 1 98  ? 8.436   3.988   3.022   0.50 18.30 ? 98  LEU A CA  1 
ATOM   724  C  C   . LEU A 1 98  ? 9.721   3.500   2.350   1.00 17.17 ? 98  LEU A C   1 
ATOM   725  O  O   . LEU A 1 98  ? 9.614   2.915   1.284   1.00 18.34 ? 98  LEU A O   1 
ATOM   726  C  CB  A LEU A 1 98  ? 7.552   2.843   3.483   0.50 16.35 ? 98  LEU A CB  1 
ATOM   727  C  CB  B LEU A 1 98  ? 7.500   2.844   3.416   0.50 20.54 ? 98  LEU A CB  1 
ATOM   728  C  CG  A LEU A 1 98  ? 8.131   1.838   4.494   0.50 16.51 ? 98  LEU A CG  1 
ATOM   729  C  CG  B LEU A 1 98  ? 7.984   1.886   4.506   0.50 23.66 ? 98  LEU A CG  1 
ATOM   730  C  CD1 A LEU A 1 98  ? 8.060   2.384   5.907   0.50 15.88 ? 98  LEU A CD1 1 
ATOM   731  C  CD1 B LEU A 1 98  ? 8.815   0.762   3.918   0.50 25.08 ? 98  LEU A CD1 1 
ATOM   732  C  CD2 A LEU A 1 98  ? 7.343   0.531   4.447   0.50 15.22 ? 98  LEU A CD2 1 
ATOM   733  C  CD2 B LEU A 1 98  ? 8.739   2.627   5.589   0.50 22.77 ? 98  LEU A CD2 1 
ATOM   734  N  N   . ILE A 1 99  ? 10.876  3.727   2.974   1.00 17.05 ? 99  ILE A N   1 
ATOM   735  C  CA  . ILE A 1 99  ? 12.144  3.163   2.457   1.00 17.59 ? 99  ILE A CA  1 
ATOM   736  C  C   . ILE A 1 99  ? 12.355  1.822   3.160   1.00 16.64 ? 99  ILE A C   1 
ATOM   737  O  O   . ILE A 1 99  ? 12.562  1.771   4.368   1.00 17.57 ? 99  ILE A O   1 
ATOM   738  C  CB  . ILE A 1 99  ? 13.330  4.122   2.615   1.00 18.91 ? 99  ILE A CB  1 
ATOM   739  C  CG1 . ILE A 1 99  ? 12.996  5.497   2.030   1.00 20.09 ? 99  ILE A CG1 1 
ATOM   740  C  CG2 . ILE A 1 99  ? 14.608  3.497   2.051   1.00 21.55 ? 99  ILE A CG2 1 
ATOM   741  C  CD1 . ILE A 1 99  ? 12.485  5.444   0.616   1.00 21.96 ? 99  ILE A CD1 1 
ATOM   742  N  N   . VAL A 1 100 ? 12.226  0.740   2.394   1.00 16.99 ? 100 VAL A N   1 
ATOM   743  C  CA  . VAL A 1 100 ? 12.272  -0.641  2.936   1.00 17.10 ? 100 VAL A CA  1 
ATOM   744  C  C   . VAL A 1 100 ? 13.673  -0.963  3.446   1.00 16.64 ? 100 VAL A C   1 
ATOM   745  O  O   . VAL A 1 100 ? 14.647  -0.784  2.704   1.00 17.67 ? 100 VAL A O   1 
ATOM   746  C  CB  . VAL A 1 100 ? 11.861  -1.654  1.871   1.00 17.80 ? 100 VAL A CB  1 
ATOM   747  C  CG1 . VAL A 1 100 ? 12.066  -3.056  2.388   1.00 17.95 ? 100 VAL A CG1 1 
ATOM   748  C  CG2 . VAL A 1 100 ? 10.407  -1.436  1.489   1.00 19.83 ? 100 VAL A CG2 1 
ATOM   749  N  N   . THR A 1 101 ? 13.751  -1.400  4.702   1.00 17.22 ? 101 THR A N   1 
ATOM   750  C  CA  . THR A 1 101 ? 15.036  -1.834  5.336   1.00 19.89 ? 101 THR A CA  1 
ATOM   751  C  C   . THR A 1 101 ? 14.977  -3.282  5.816   1.00 19.37 ? 101 THR A C   1 
ATOM   752  O  O   . THR A 1 101 ? 16.036  -3.827  6.135   1.00 21.46 ? 101 THR A O   1 
ATOM   753  C  CB  . THR A 1 101 ? 15.472  -0.901  6.475   1.00 20.27 ? 101 THR A CB  1 
ATOM   754  O  OG1 . THR A 1 101 ? 14.555  -1.065  7.545   1.00 19.80 ? 101 THR A OG1 1 
ATOM   755  C  CG2 . THR A 1 101 ? 15.637  0.530   6.014   1.00 23.46 ? 101 THR A CG2 1 
ATOM   756  N  N   A GLU A 1 102 ? 13.798  -3.889  5.899   0.50 17.57 ? 102 GLU A N   1 
ATOM   757  N  N   B GLU A 1 102 ? 13.805  -3.892  5.818   0.50 17.71 ? 102 GLU A N   1 
ATOM   758  C  CA  A GLU A 1 102 ? 13.640  -5.278  6.397   0.50 17.29 ? 102 GLU A CA  1 
ATOM   759  C  CA  B GLU A 1 102 ? 13.607  -5.257  6.339   0.50 17.43 ? 102 GLU A CA  1 
ATOM   760  C  C   A GLU A 1 102 ? 12.625  -6.018  5.528   0.50 17.77 ? 102 GLU A C   1 
ATOM   761  C  C   B GLU A 1 102 ? 12.649  -5.977  5.411   0.50 17.71 ? 102 GLU A C   1 
ATOM   762  O  O   A GLU A 1 102 ? 11.468  -5.542  5.418   0.50 17.11 ? 102 GLU A O   1 
ATOM   763  O  O   B GLU A 1 102 ? 11.575  -5.430  5.117   0.50 17.00 ? 102 GLU A O   1 
ATOM   764  C  CB  A GLU A 1 102 ? 13.212  -5.274  7.863   0.50 18.00 ? 102 GLU A CB  1 
ATOM   765  C  CB  B GLU A 1 102 ? 13.033  -5.189  7.743   0.50 18.20 ? 102 GLU A CB  1 
ATOM   766  C  CG  A GLU A 1 102 ? 14.151  -4.482  8.785   0.50 19.05 ? 102 GLU A CG  1 
ATOM   767  C  CG  B GLU A 1 102 ? 12.500  -6.502  8.269   0.50 19.98 ? 102 GLU A CG  1 
ATOM   768  C  CD  A GLU A 1 102 ? 13.897  -4.609  10.281  0.50 18.97 ? 102 GLU A CD  1 
ATOM   769  C  CD  B GLU A 1 102 ? 12.035  -6.421  9.715   0.50 21.10 ? 102 GLU A CD  1 
ATOM   770  O  OE1 A GLU A 1 102 ? 12.855  -5.168  10.606  0.50 19.87 ? 102 GLU A OE1 1 
ATOM   771  O  OE1 B GLU A 1 102 ? 12.358  -5.434  10.393  0.50 21.11 ? 102 GLU A OE1 1 
ATOM   772  O  OE2 A GLU A 1 102 ? 14.720  -4.091  11.115  0.50 17.22 ? 102 GLU A OE2 1 
ATOM   773  O  OE2 B GLU A 1 102 ? 11.349  -7.347  10.157  0.50 27.86 ? 102 GLU A OE2 1 
ATOM   774  N  N   . VAL A 1 103 ? 13.022  -7.175  4.995   1.00 17.15 ? 103 VAL A N   1 
ATOM   775  C  CA  . VAL A 1 103 ? 12.145  -8.025  4.180   1.00 17.94 ? 103 VAL A CA  1 
ATOM   776  C  C   . VAL A 1 103 ? 11.975  -9.305  4.969   1.00 19.19 ? 103 VAL A C   1 
ATOM   777  O  O   . VAL A 1 103 ? 12.958  -10.044 5.134   1.00 18.81 ? 103 VAL A O   1 
ATOM   778  C  CB  . VAL A 1 103 ? 12.695  -8.258  2.769   1.00 18.54 ? 103 VAL A CB  1 
ATOM   779  C  CG1 . VAL A 1 103 ? 11.775  -9.180  2.011   1.00 19.37 ? 103 VAL A CG1 1 
ATOM   780  C  CG2 . VAL A 1 103 ? 12.881  -6.917  2.059   1.00 18.52 ? 103 VAL A CG2 1 
ATOM   781  N  N   A LEU A 1 104 ? 10.747  -9.594  5.388   0.50 17.83 ? 104 LEU A N   1 
ATOM   782  N  N   B LEU A 1 104 ? 10.760  -9.541  5.453   0.50 18.61 ? 104 LEU A N   1 
ATOM   783  C  CA  A LEU A 1 104 ? 10.431  -10.742 6.275   0.50 19.75 ? 104 LEU A CA  1 
ATOM   784  C  CA  B LEU A 1 104 ? 10.404  -10.733 6.262   0.50 20.85 ? 104 LEU A CA  1 
ATOM   785  C  C   A LEU A 1 104 ? 9.858   -11.885 5.444   0.50 20.91 ? 104 LEU A C   1 
ATOM   786  C  C   B LEU A 1 104 ? 10.036  -11.878 5.318   0.50 21.64 ? 104 LEU A C   1 
ATOM   787  O  O   A LEU A 1 104 ? 9.015   -11.630 4.565   0.50 18.68 ? 104 LEU A O   1 
ATOM   788  O  O   B LEU A 1 104 ? 9.540   -11.619 4.185   0.50 19.41 ? 104 LEU A O   1 
ATOM   789  C  CB  A LEU A 1 104 ? 9.451   -10.296 7.366   0.50 19.41 ? 104 LEU A CB  1 
ATOM   790  C  CB  B LEU A 1 104 ? 9.247   -10.399 7.213   0.50 21.81 ? 104 LEU A CB  1 
ATOM   791  C  CG  A LEU A 1 104 ? 9.886   -9.068  8.140   0.50 22.58 ? 104 LEU A CG  1 
ATOM   792  C  CG  B LEU A 1 104 ? 9.601   -9.675  8.505   0.50 24.08 ? 104 LEU A CG  1 
ATOM   793  C  CD1 A LEU A 1 104 ? 8.816   -8.674  9.157   0.50 23.00 ? 104 LEU A CD1 1 
ATOM   794  C  CD1 B LEU A 1 104 ? 10.714  -10.404 9.250   0.50 25.43 ? 104 LEU A CD1 1 
ATOM   795  C  CD2 A LEU A 1 104 ? 11.254  -9.289  8.796   0.50 23.01 ? 104 LEU A CD2 1 
ATOM   796  C  CD2 B LEU A 1 104 ? 9.975   -8.209  8.248   0.50 26.38 ? 104 LEU A CD2 1 
ATOM   797  N  N   . GLU A 1 105 ? 10.269  -13.119 5.757   1.00 21.07 ? 105 GLU A N   1 
ATOM   798  C  CA  . GLU A 1 105 ? 9.986   -14.290 4.912   1.00 27.08 ? 105 GLU A CA  1 
ATOM   799  C  C   . GLU A 1 105 ? 8.570   -14.825 4.904   1.00 29.23 ? 105 GLU A C   1 
ATOM   800  O  O   . GLU A 1 105 ? 8.194   -15.323 3.784   1.00 38.42 ? 105 GLU A O   1 
ATOM   801  C  CB  . GLU A 1 105 ? 10.904  -15.448 5.235   1.00 27.09 ? 105 GLU A CB  1 
ATOM   802  C  CG  . GLU A 1 105 ? 12.138  -15.245 4.460   1.00 32.99 ? 105 GLU A CG  1 
ATOM   803  C  CD  . GLU A 1 105 ? 11.737  -15.152 2.997   1.00 42.74 ? 105 GLU A CD  1 
ATOM   804  O  OE1 . GLU A 1 105 ? 11.644  -14.002 2.486   1.00 35.91 ? 105 GLU A OE1 1 
ATOM   805  O  OE2 . GLU A 1 105 ? 11.443  -16.228 2.415   1.00 42.38 ? 105 GLU A OE2 1 
ATOM   806  N  N   . ASP A 1 106 ? 7.877   -14.837 6.019   1.00 29.23 ? 106 ASP A N   1 
ATOM   807  C  CA  . ASP A 1 106 ? 6.609   -15.615 6.127   1.00 30.47 ? 106 ASP A CA  1 
ATOM   808  C  C   . ASP A 1 106 ? 5.552   -14.766 6.815   1.00 32.01 ? 106 ASP A C   1 
ATOM   809  O  O   . ASP A 1 106 ? 5.131   -15.104 7.944   1.00 35.86 ? 106 ASP A O   1 
ATOM   810  C  CB  . ASP A 1 106 ? 6.794   -16.835 7.024   1.00 32.98 ? 106 ASP A CB  1 
ATOM   811  C  CG  . ASP A 1 106 ? 7.593   -17.905 6.323   1.00 38.43 ? 106 ASP A CG  1 
ATOM   812  O  OD1 . ASP A 1 106 ? 7.199   -18.251 5.196   1.00 38.22 ? 106 ASP A OD1 1 
ATOM   813  O  OD2 . ASP A 1 106 ? 8.618   -18.332 6.884   1.00 42.40 ? 106 ASP A OD2 1 
ATOM   814  N  N   . TRP A 1 107 ? 5.104   -13.720 6.138   1.00 24.42 ? 107 TRP A N   1 
ATOM   815  C  CA  . TRP A 1 107 ? 4.319   -12.612 6.731   1.00 22.30 ? 107 TRP A CA  1 
ATOM   816  C  C   . TRP A 1 107 ? 2.834   -12.966 6.725   1.00 21.09 ? 107 TRP A C   1 
ATOM   817  O  O   . TRP A 1 107 ? 2.453   -13.983 6.106   1.00 21.66 ? 107 TRP A O   1 
ATOM   818  C  CB  . TRP A 1 107 ? 4.640   -11.302 5.994   1.00 22.24 ? 107 TRP A CB  1 
ATOM   819  C  CG  . TRP A 1 107 ? 4.187   -11.222 4.563   1.00 20.57 ? 107 TRP A CG  1 
ATOM   820  C  CD1 . TRP A 1 107 ? 3.048   -10.608 4.123   1.00 20.21 ? 107 TRP A CD1 1 
ATOM   821  C  CD2 . TRP A 1 107 ? 4.797   -11.786 3.394   1.00 20.10 ? 107 TRP A CD2 1 
ATOM   822  N  NE1 . TRP A 1 107 ? 2.952   -10.691 2.770   1.00 18.27 ? 107 TRP A NE1 1 
ATOM   823  C  CE2 . TRP A 1 107 ? 3.982   -11.442 2.285   1.00 18.41 ? 107 TRP A CE2 1 
ATOM   824  C  CE3 . TRP A 1 107 ? 5.954   -12.540 3.149   1.00 20.65 ? 107 TRP A CE3 1 
ATOM   825  C  CZ2 . TRP A 1 107 ? 4.287   -11.816 0.984   1.00 19.32 ? 107 TRP A CZ2 1 
ATOM   826  C  CZ3 . TRP A 1 107 ? 6.260   -12.903 1.862   1.00 20.39 ? 107 TRP A CZ3 1 
ATOM   827  C  CH2 . TRP A 1 107 ? 5.435   -12.559 0.788   1.00 21.03 ? 107 TRP A CH2 1 
ATOM   828  N  N   . GLU A 1 108 ? 2.026   -12.161 7.391   1.00 22.13 ? 108 GLU A N   1 
ATOM   829  C  CA  . GLU A 1 108 ? 0.619   -12.515 7.668   1.00 22.15 ? 108 GLU A CA  1 
ATOM   830  C  C   . GLU A 1 108 ? -0.063  -12.987 6.376   1.00 22.94 ? 108 GLU A C   1 
ATOM   831  O  O   . GLU A 1 108 ? -0.679  -14.084 6.346   1.00 22.15 ? 108 GLU A O   1 
ATOM   832  C  CB  . GLU A 1 108 ? -0.073  -11.340 8.342   1.00 22.76 ? 108 GLU A CB  1 
ATOM   833  C  CG  . GLU A 1 108 ? -1.538  -11.567 8.627   1.00 27.04 ? 108 GLU A CG  1 
ATOM   834  C  CD  . GLU A 1 108 ? -2.108  -10.422 9.462   1.00 31.21 ? 108 GLU A CD  1 
ATOM   835  O  OE1 . GLU A 1 108 ? -1.437  -10.024 10.426  1.00 36.26 ? 108 GLU A OE1 1 
ATOM   836  O  OE2 . GLU A 1 108 ? -3.159  -9.857  9.096   1.00 32.95 ? 108 GLU A OE2 1 
ATOM   837  N  N   . ASP A 1 109 ? -0.049  -12.159 5.333   1.00 20.16 ? 109 ASP A N   1 
ATOM   838  C  CA  . ASP A 1 109 ? -0.828  -12.499 4.120   1.00 20.18 ? 109 ASP A CA  1 
ATOM   839  C  C   . ASP A 1 109 ? -0.140  -13.604 3.314   1.00 21.29 ? 109 ASP A C   1 
ATOM   840  O  O   . ASP A 1 109 ? -0.829  -14.272 2.560   1.00 21.44 ? 109 ASP A O   1 
ATOM   841  C  CB  . ASP A 1 109 ? -1.116  -11.246 3.302   1.00 19.58 ? 109 ASP A CB  1 
ATOM   842  C  CG  . ASP A 1 109 ? -2.291  -10.422 3.809   1.00 22.02 ? 109 ASP A CG  1 
ATOM   843  O  OD1 . ASP A 1 109 ? -2.913  -10.798 4.833   1.00 21.60 ? 109 ASP A OD1 1 
ATOM   844  O  OD2 . ASP A 1 109 ? -2.553  -9.420  3.200   1.00 21.27 ? 109 ASP A OD2 1 
ATOM   845  N  N   . SER A 1 110 ? 1.177   -13.798 3.385   1.00 22.30 ? 110 SER A N   1 
ATOM   846  C  CA  A SER A 1 110 ? 1.818   -14.955 2.708   0.50 22.50 ? 110 SER A CA  1 
ATOM   847  C  CA  B SER A 1 110 ? 1.783   -14.953 2.669   0.50 23.08 ? 110 SER A CA  1 
ATOM   848  C  C   . SER A 1 110 ? 1.238   -16.243 3.297   1.00 24.39 ? 110 SER A C   1 
ATOM   849  O  O   . SER A 1 110 ? 0.810   -17.130 2.529   1.00 27.14 ? 110 SER A O   1 
ATOM   850  C  CB  A SER A 1 110 ? 3.310   -14.939 2.854   0.50 23.15 ? 110 SER A CB  1 
ATOM   851  C  CB  B SER A 1 110 ? 3.290   -14.926 2.645   0.50 24.59 ? 110 SER A CB  1 
ATOM   852  O  OG  A SER A 1 110 ? 3.866   -16.088 2.247   0.50 21.42 ? 110 SER A OG  1 
ATOM   853  O  OG  B SER A 1 110 ? 3.828   -15.316 3.892   0.50 24.27 ? 110 SER A OG  1 
ATOM   854  N  N   . VAL A 1 111 ? 1.226   -16.309 4.612   1.00 25.09 ? 111 VAL A N   1 
ATOM   855  C  CA  . VAL A 1 111 ? 0.762   -17.511 5.358   1.00 28.89 ? 111 VAL A CA  1 
ATOM   856  C  C   . VAL A 1 111 ? -0.736  -17.695 5.129   1.00 29.57 ? 111 VAL A C   1 
ATOM   857  O  O   . VAL A 1 111 ? -1.162  -18.835 4.835   1.00 31.03 ? 111 VAL A O   1 
ATOM   858  C  CB  . VAL A 1 111 ? 1.104   -17.379 6.847   1.00 31.07 ? 111 VAL A CB  1 
ATOM   859  C  CG1 . VAL A 1 111 ? 0.443   -18.476 7.689   1.00 35.29 ? 111 VAL A CG1 1 
ATOM   860  C  CG2 . VAL A 1 111 ? 2.615   -17.391 7.042   1.00 32.83 ? 111 VAL A CG2 1 
ATOM   861  N  N   . ASN A 1 112 ? -1.512  -16.624 5.221   1.00 27.30 ? 112 ASN A N   1 
ATOM   862  C  CA  . ASN A 1 112 ? -2.990  -16.733 5.295   1.00 29.28 ? 112 ASN A CA  1 
ATOM   863  C  C   . ASN A 1 112 ? -3.595  -16.897 3.907   1.00 28.53 ? 112 ASN A C   1 
ATOM   864  O  O   . ASN A 1 112 ? -4.535  -17.703 3.816   1.00 29.97 ? 112 ASN A O   1 
ATOM   865  C  CB  . ASN A 1 112 ? -3.598  -15.564 6.059   1.00 29.93 ? 112 ASN A CB  1 
ATOM   866  C  CG  . ASN A 1 112 ? -3.307  -15.633 7.536   1.00 33.22 ? 112 ASN A CG  1 
ATOM   867  O  OD1 . ASN A 1 112 ? -2.868  -16.665 8.045   1.00 38.66 ? 112 ASN A OD1 1 
ATOM   868  N  ND2 . ASN A 1 112 ? -3.523  -14.537 8.224   1.00 38.90 ? 112 ASN A ND2 1 
ATOM   869  N  N   . ILE A 1 113 ? -3.186  -16.129 2.896   1.00 25.42 ? 113 ILE A N   1 
ATOM   870  C  CA  . ILE A 1 113 ? -3.884  -16.133 1.576   1.00 27.45 ? 113 ILE A CA  1 
ATOM   871  C  C   . ILE A 1 113 ? -2.894  -16.322 0.413   1.00 25.34 ? 113 ILE A C   1 
ATOM   872  O  O   . ILE A 1 113 ? -3.302  -16.195 -0.727  1.00 27.79 ? 113 ILE A O   1 
ATOM   873  C  CB  . ILE A 1 113 ? -4.728  -14.851 1.417   1.00 28.65 ? 113 ILE A CB  1 
ATOM   874  C  CG1 . ILE A 1 113 ? -3.856  -13.598 1.385   1.00 29.75 ? 113 ILE A CG1 1 
ATOM   875  C  CG2 . ILE A 1 113 ? -5.742  -14.730 2.528   1.00 30.80 ? 113 ILE A CG2 1 
ATOM   876  C  CD1 . ILE A 1 113 ? -4.615  -12.360 1.022   1.00 29.35 ? 113 ILE A CD1 1 
ATOM   877  N  N   . GLY A 1 114 ? -1.633  -16.636 0.675   1.00 24.32 ? 114 GLY A N   1 
ATOM   878  C  CA  . GLY A 1 114 ? -0.628  -16.784 -0.388  1.00 24.97 ? 114 GLY A CA  1 
ATOM   879  C  C   . GLY A 1 114 ? -0.398  -15.498 -1.167  1.00 23.69 ? 114 GLY A C   1 
ATOM   880  O  O   . GLY A 1 114 ? -0.028  -15.567 -2.346  1.00 23.86 ? 114 GLY A O   1 
ATOM   881  N  N   . ARG A 1 115 ? -0.535  -14.339 -0.520  1.00 22.83 ? 115 ARG A N   1 
ATOM   882  C  CA  . ARG A 1 115 ? -0.285  -13.059 -1.237  1.00 21.16 ? 115 ARG A CA  1 
ATOM   883  C  C   . ARG A 1 115 ? 1.158   -13.024 -1.738  1.00 21.87 ? 115 ARG A C   1 
ATOM   884  O  O   . ARG A 1 115 ? 2.076   -13.425 -0.969  1.00 23.12 ? 115 ARG A O   1 
ATOM   885  C  CB  . ARG A 1 115 ? -0.622  -11.855 -0.356  1.00 21.59 ? 115 ARG A CB  1 
ATOM   886  C  CG  . ARG A 1 115 ? -0.880  -10.627 -1.215  1.00 24.23 ? 115 ARG A CG  1 
ATOM   887  C  CD  . ARG A 1 115 ? -1.135  -9.316  -0.589  1.00 23.04 ? 115 ARG A CD  1 
ATOM   888  N  NE  . ARG A 1 115 ? -2.235  -9.179  0.306   1.00 23.39 ? 115 ARG A NE  1 
ATOM   889  C  CZ  . ARG A 1 115 ? -3.377  -8.566  0.033   1.00 20.63 ? 115 ARG A CZ  1 
ATOM   890  N  NH1 . ARG A 1 115 ? -3.668  -8.246  -1.201  1.00 19.65 ? 115 ARG A NH1 1 
ATOM   891  N  NH2 . ARG A 1 115 ? -4.219  -8.338  0.988   1.00 22.90 ? 115 ARG A NH2 1 
ATOM   892  N  N   . LYS A 1 116 ? 1.376   -12.533 -2.955  1.00 20.32 ? 116 LYS A N   1 
ATOM   893  C  CA  . LYS A 1 116 ? 2.721   -12.400 -3.547  1.00 21.06 ? 116 LYS A CA  1 
ATOM   894  C  C   . LYS A 1 116 ? 3.188   -10.951 -3.467  1.00 19.57 ? 116 LYS A C   1 
ATOM   895  O  O   . LYS A 1 116 ? 2.347   -10.050 -3.318  1.00 19.58 ? 116 LYS A O   1 
ATOM   896  C  CB  . LYS A 1 116 ? 2.697   -12.847 -5.020  1.00 24.46 ? 116 LYS A CB  1 
ATOM   897  C  CG  . LYS A 1 116 ? 2.166   -14.257 -5.234  1.00 31.92 ? 116 LYS A CG  1 
ATOM   898  C  CD  . LYS A 1 116 ? 2.095   -14.657 -6.686  1.00 35.75 ? 116 LYS A CD  1 
ATOM   899  C  CE  . LYS A 1 116 ? 1.163   -13.796 -7.508  1.00 39.62 ? 116 LYS A CE  1 
ATOM   900  N  NZ  . LYS A 1 116 ? 0.018   -14.586 -8.010  1.00 40.16 ? 116 LYS A NZ  1 
ATOM   901  N  N   . ARG A 1 117 ? 4.484   -10.735 -3.641  1.00 19.49 ? 117 ARG A N   1 
ATOM   902  C  CA  . ARG A 1 117 ? 5.100   -9.396  -3.710  1.00 18.40 ? 117 ARG A CA  1 
ATOM   903  C  C   . ARG A 1 117 ? 6.241   -9.414  -4.728  1.00 20.59 ? 117 ARG A C   1 
ATOM   904  O  O   . ARG A 1 117 ? 6.844   -10.490 -4.960  1.00 19.07 ? 117 ARG A O   1 
ATOM   905  C  CB  . ARG A 1 117 ? 5.622   -8.969  -2.346  1.00 17.38 ? 117 ARG A CB  1 
ATOM   906  C  CG  . ARG A 1 117 ? 6.764   -9.834  -1.834  1.00 18.38 ? 117 ARG A CG  1 
ATOM   907  C  CD  . ARG A 1 117 ? 7.146   -9.574  -0.393  1.00 18.19 ? 117 ARG A CD  1 
ATOM   908  N  NE  . ARG A 1 117 ? 8.138   -10.556 0.047   1.00 18.98 ? 117 ARG A NE  1 
ATOM   909  C  CZ  . ARG A 1 117 ? 8.588   -10.696 1.296   1.00 19.48 ? 117 ARG A CZ  1 
ATOM   910  N  NH1 . ARG A 1 117 ? 8.162   -9.889  2.255   1.00 18.19 ? 117 ARG A NH1 1 
ATOM   911  N  NH2 . ARG A 1 117 ? 9.479   -11.660 1.570   1.00 19.84 ? 117 ARG A NH2 1 
ATOM   912  N  N   . GLU A 1 118 ? 6.501   -8.273  -5.343  1.00 19.04 ? 118 GLU A N   1 
ATOM   913  C  CA  . GLU A 1 118 ? 7.492   -8.133  -6.394  1.00 19.88 ? 118 GLU A CA  1 
ATOM   914  C  C   . GLU A 1 118 ? 7.938   -6.685  -6.502  1.00 19.93 ? 118 GLU A C   1 
ATOM   915  O  O   . GLU A 1 118 ? 7.092   -5.770  -6.361  1.00 18.23 ? 118 GLU A O   1 
ATOM   916  C  CB  . GLU A 1 118 ? 6.865   -8.638  -7.689  1.00 24.72 ? 118 GLU A CB  1 
ATOM   917  C  CG  . GLU A 1 118 ? 7.833   -8.785  -8.795  1.00 27.65 ? 118 GLU A CG  1 
ATOM   918  C  CD  . GLU A 1 118 ? 7.210   -9.652  -9.875  1.00 35.47 ? 118 GLU A CD  1 
ATOM   919  O  OE1 . GLU A 1 118 ? 6.800   -10.831 -9.554  1.00 33.76 ? 118 GLU A OE1 1 
ATOM   920  O  OE2 . GLU A 1 118 ? 7.108   -9.141  -11.014 1.00 36.23 ? 118 GLU A OE2 1 
ATOM   921  N  N   . TRP A 1 119 ? 9.227   -6.498  -6.750  1.00 19.57 ? 119 TRP A N   1 
ATOM   922  C  CA  . TRP A 1 119 ? 9.817   -5.185  -7.047  1.00 18.77 ? 119 TRP A CA  1 
ATOM   923  C  C   . TRP A 1 119 ? 9.487   -4.842  -8.510  1.00 19.52 ? 119 TRP A C   1 
ATOM   924  O  O   . TRP A 1 119 ? 9.680   -5.709  -9.421  1.00 19.60 ? 119 TRP A O   1 
ATOM   925  C  CB  . TRP A 1 119 ? 11.334  -5.162  -6.822  1.00 19.38 ? 119 TRP A CB  1 
ATOM   926  C  CG  . TRP A 1 119 ? 11.763  -5.400  -5.406  1.00 20.48 ? 119 TRP A CG  1 
ATOM   927  C  CD1 . TRP A 1 119 ? 12.422  -6.489  -4.910  1.00 25.36 ? 119 TRP A CD1 1 
ATOM   928  C  CD2 . TRP A 1 119 ? 11.587  -4.504  -4.293  1.00 19.54 ? 119 TRP A CD2 1 
ATOM   929  N  NE1 . TRP A 1 119 ? 12.661  -6.341  -3.567  1.00 25.10 ? 119 TRP A NE1 1 
ATOM   930  C  CE2 . TRP A 1 119 ? 12.132  -5.139  -3.159  1.00 21.95 ? 119 TRP A CE2 1 
ATOM   931  C  CE3 . TRP A 1 119 ? 10.976  -3.258  -4.149  1.00 19.08 ? 119 TRP A CE3 1 
ATOM   932  C  CZ2 . TRP A 1 119 ? 12.087  -4.546  -1.899  1.00 21.57 ? 119 TRP A CZ2 1 
ATOM   933  C  CZ3 . TRP A 1 119 ? 10.941  -2.663  -2.906  1.00 19.58 ? 119 TRP A CZ3 1 
ATOM   934  C  CH2 . TRP A 1 119 ? 11.492  -3.304  -1.802  1.00 21.53 ? 119 TRP A CH2 1 
ATOM   935  N  N   . PHE A 1 120 ? 9.109   -3.605  -8.723  1.00 18.81 ? 120 PHE A N   1 
ATOM   936  C  CA  . PHE A 1 120 ? 8.838   -3.014  -10.063 1.00 19.18 ? 120 PHE A CA  1 
ATOM   937  C  C   . PHE A 1 120 ? 9.603   -1.724  -10.188 1.00 19.07 ? 120 PHE A C   1 
ATOM   938  O  O   . PHE A 1 120 ? 9.575   -0.899  -9.262  1.00 19.96 ? 120 PHE A O   1 
ATOM   939  C  CB  . PHE A 1 120 ? 7.355   -2.722  -10.216 1.00 17.44 ? 120 PHE A CB  1 
ATOM   940  C  CG  . PHE A 1 120 ? 6.494   -3.940  -10.403 1.00 17.95 ? 120 PHE A CG  1 
ATOM   941  C  CD1 . PHE A 1 120 ? 6.068   -4.691  -9.322  1.00 18.17 ? 120 PHE A CD1 1 
ATOM   942  C  CD2 . PHE A 1 120 ? 6.055   -4.304  -11.668 1.00 20.79 ? 120 PHE A CD2 1 
ATOM   943  C  CE1 . PHE A 1 120 ? 5.268   -5.812  -9.506  1.00 17.44 ? 120 PHE A CE1 1 
ATOM   944  C  CE2 . PHE A 1 120 ? 5.290   -5.441  -11.850 1.00 20.55 ? 120 PHE A CE2 1 
ATOM   945  C  CZ  . PHE A 1 120 ? 4.869   -6.171  -10.771 1.00 18.87 ? 120 PHE A CZ  1 
ATOM   946  N  N   . LYS A 1 121 ? 10.265  -1.508  -11.333 1.00 18.60 ? 121 LYS A N   1 
ATOM   947  C  CA  . LYS A 1 121 ? 10.660  -0.147  -11.693 1.00 19.65 ? 121 LYS A CA  1 
ATOM   948  C  C   . LYS A 1 121 ? 9.413   0.735   -11.680 1.00 18.29 ? 121 LYS A C   1 
ATOM   949  O  O   . LYS A 1 121 ? 8.340   0.233   -12.095 1.00 18.45 ? 121 LYS A O   1 
ATOM   950  C  CB  . LYS A 1 121 ? 11.316  -0.124  -13.078 1.00 23.19 ? 121 LYS A CB  1 
ATOM   951  C  CG  . LYS A 1 121 ? 12.660  -0.834  -13.143 1.00 30.03 ? 121 LYS A CG  1 
ATOM   952  C  CD  . LYS A 1 121 ? 13.238  -0.791  -14.565 1.00 35.98 ? 121 LYS A CD  1 
ATOM   953  C  CE  . LYS A 1 121 ? 14.077  -2.005  -14.893 1.00 49.70 ? 121 LYS A CE  1 
ATOM   954  N  NZ  . LYS A 1 121 ? 15.144  -1.698  -15.892 1.00 63.57 ? 121 LYS A NZ  1 
ATOM   955  N  N   . ILE A 1 122 ? 9.536   2.005   -11.285 1.00 20.46 ? 122 ILE A N   1 
ATOM   956  C  CA  . ILE A 1 122 ? 8.365   2.924   -11.184 1.00 21.76 ? 122 ILE A CA  1 
ATOM   957  C  C   . ILE A 1 122 ? 7.565   2.891   -12.488 1.00 22.31 ? 122 ILE A C   1 
ATOM   958  O  O   . ILE A 1 122 ? 6.330   2.759   -12.426 1.00 19.90 ? 122 ILE A O   1 
ATOM   959  C  CB  . ILE A 1 122 ? 8.745   4.370   -10.836 1.00 25.10 ? 122 ILE A CB  1 
ATOM   960  C  CG1 . ILE A 1 122 ? 9.613   4.465   -9.583  1.00 25.76 ? 122 ILE A CG1 1 
ATOM   961  C  CG2 . ILE A 1 122 ? 7.478   5.219   -10.712 1.00 25.58 ? 122 ILE A CG2 1 
ATOM   962  C  CD1 . ILE A 1 122 ? 9.169   3.599   -8.461  1.00 25.92 ? 122 ILE A CD1 1 
ATOM   963  N  N   . GLU A 1 123 ? 8.220   2.998   -13.645 1.00 22.14 ? 123 GLU A N   1 
ATOM   964  C  CA  . GLU A 1 123 ? 7.456   3.035   -14.924 1.00 24.90 ? 123 GLU A CA  1 
ATOM   965  C  C   . GLU A 1 123 ? 6.620   1.756   -15.067 1.00 20.21 ? 123 GLU A C   1 
ATOM   966  O  O   . GLU A 1 123 ? 5.472   1.835   -15.532 1.00 20.47 ? 123 GLU A O   1 
ATOM   967  C  CB  . GLU A 1 123 ? 8.468   3.280   -16.039 1.00 33.32 ? 123 GLU A CB  1 
ATOM   968  C  CG  . GLU A 1 123 ? 7.929   4.074   -17.197 1.00 50.60 ? 123 GLU A CG  1 
ATOM   969  C  CD  . GLU A 1 123 ? 7.900   3.261   -18.480 1.00 66.03 ? 123 GLU A CD  1 
ATOM   970  O  OE1 . GLU A 1 123 ? 8.742   3.517   -19.380 1.00 63.06 ? 123 GLU A OE1 1 
ATOM   971  O  OE2 . GLU A 1 123 ? 7.047   2.359   -18.562 1.00 84.06 ? 123 GLU A OE2 1 
ATOM   972  N  N   . ASP A 1 124 ? 7.139   0.608   -14.658 1.00 19.77 ? 124 ASP A N   1 
ATOM   973  C  CA  . ASP A 1 124 ? 6.440   -0.693  -14.775 1.00 19.28 ? 124 ASP A CA  1 
ATOM   974  C  C   . ASP A 1 124 ? 5.327   -0.808  -13.726 1.00 17.90 ? 124 ASP A C   1 
ATOM   975  O  O   . ASP A 1 124 ? 4.270   -1.457  -14.026 1.00 18.39 ? 124 ASP A O   1 
ATOM   976  C  CB  . ASP A 1 124 ? 7.432   -1.842  -14.705 1.00 22.01 ? 124 ASP A CB  1 
ATOM   977  C  CG  . ASP A 1 124 ? 8.369   -1.908  -15.905 1.00 27.40 ? 124 ASP A CG  1 
ATOM   978  O  OD1 . ASP A 1 124 ? 7.892   -1.669  -17.042 1.00 26.07 ? 124 ASP A OD1 1 
ATOM   979  O  OD2 . ASP A 1 124 ? 9.556   -2.171  -15.694 1.00 25.32 ? 124 ASP A OD2 1 
ATOM   980  N  N   . ALA A 1 125 ? 5.510   -0.257  -12.531 1.00 18.26 ? 125 ALA A N   1 
ATOM   981  C  CA  . ALA A 1 125 ? 4.444   -0.247  -11.507 1.00 17.38 ? 125 ALA A CA  1 
ATOM   982  C  C   . ALA A 1 125 ? 3.253   0.523   -12.054 1.00 17.02 ? 125 ALA A C   1 
ATOM   983  O  O   . ALA A 1 125 ? 2.116   0.025   -11.989 1.00 18.37 ? 125 ALA A O   1 
ATOM   984  C  CB  . ALA A 1 125 ? 4.930   0.347   -10.186 1.00 18.55 ? 125 ALA A CB  1 
ATOM   985  N  N   . ILE A 1 126 ? 3.494   1.696   -12.611 1.00 18.28 ? 126 ILE A N   1 
ATOM   986  C  CA  . ILE A 1 126 ? 2.409   2.512   -13.213 1.00 18.97 ? 126 ILE A CA  1 
ATOM   987  C  C   . ILE A 1 126 ? 1.703   1.690   -14.299 1.00 19.08 ? 126 ILE A C   1 
ATOM   988  O  O   . ILE A 1 126 ? 0.454   1.568   -14.262 1.00 18.18 ? 126 ILE A O   1 
ATOM   989  C  CB  . ILE A 1 126 ? 2.974   3.837   -13.734 1.00 20.99 ? 126 ILE A CB  1 
ATOM   990  C  CG1 . ILE A 1 126 ? 3.441   4.740   -12.582 1.00 21.69 ? 126 ILE A CG1 1 
ATOM   991  C  CG2 . ILE A 1 126 ? 1.904   4.514   -14.584 1.00 22.44 ? 126 ILE A CG2 1 
ATOM   992  C  CD1 . ILE A 1 126 ? 4.248   5.945   -13.013 1.00 21.39 ? 126 ILE A CD1 1 
ATOM   993  N  N   . LYS A 1 127 ? 2.469   1.003   -15.146 1.00 18.96 ? 127 LYS A N   1 
ATOM   994  C  CA  . LYS A 1 127 ? 1.854   0.178   -16.225 1.00 18.50 ? 127 LYS A CA  1 
ATOM   995  C  C   . LYS A 1 127 ? 0.909   -0.893  -15.690 1.00 17.79 ? 127 LYS A C   1 
ATOM   996  O  O   . LYS A 1 127 ? -0.237  -0.986  -16.199 1.00 19.15 ? 127 LYS A O   1 
ATOM   997  C  CB  . LYS A 1 127 ? 2.928   -0.451  -17.109 1.00 19.57 ? 127 LYS A CB  1 
ATOM   998  C  CG  . LYS A 1 127 ? 3.552   0.558   -18.047 1.00 23.32 ? 127 LYS A CG  1 
ATOM   999  C  CD  . LYS A 1 127 ? 4.594   -0.098  -18.912 1.00 27.03 ? 127 LYS A CD  1 
ATOM   1000 C  CE  . LYS A 1 127 ? 5.102   0.912   -19.896 1.00 32.34 ? 127 LYS A CE  1 
ATOM   1001 N  NZ  . LYS A 1 127 ? 6.248   0.347   -20.622 1.00 38.26 ? 127 LYS A NZ  1 
ATOM   1002 N  N   . VAL A 1 128 ? 1.316   -1.695  -14.709 1.00 17.00 ? 128 VAL A N   1 
ATOM   1003 C  CA  . VAL A 1 128 ? 0.501   -2.844  -14.241 1.00 17.28 ? 128 VAL A CA  1 
ATOM   1004 C  C   . VAL A 1 128 ? -0.662  -2.351  -13.380 1.00 15.38 ? 128 VAL A C   1 
ATOM   1005 O  O   . VAL A 1 128 ? -1.652  -3.099  -13.277 1.00 17.60 ? 128 VAL A O   1 
ATOM   1006 C  CB  . VAL A 1 128 ? 1.313   -3.948  -13.551 1.00 18.52 ? 128 VAL A CB  1 
ATOM   1007 C  CG1 . VAL A 1 128 ? 2.329   -4.526  -14.545 1.00 20.57 ? 128 VAL A CG1 1 
ATOM   1008 C  CG2 . VAL A 1 128 ? 2.018   -3.476  -12.275 1.00 18.30 ? 128 VAL A CG2 1 
ATOM   1009 N  N   . LEU A 1 129 ? -0.585  -1.146  -12.825 1.00 15.73 ? 129 LEU A N   1 
ATOM   1010 C  CA  . LEU A 1 129 ? -1.703  -0.624  -12.000 1.00 17.07 ? 129 LEU A CA  1 
ATOM   1011 C  C   . LEU A 1 129 ? -2.806  0.020   -12.849 1.00 17.25 ? 129 LEU A C   1 
ATOM   1012 O  O   . LEU A 1 129 ? -3.956  0.122   -12.391 1.00 17.69 ? 129 LEU A O   1 
ATOM   1013 C  CB  . LEU A 1 129 ? -1.149  0.382   -10.985 1.00 16.25 ? 129 LEU A CB  1 
ATOM   1014 C  CG  . LEU A 1 129 ? -0.271  -0.217  -9.886  1.00 15.57 ? 129 LEU A CG  1 
ATOM   1015 C  CD1 . LEU A 1 129 ? 0.529   0.888   -9.201  1.00 16.99 ? 129 LEU A CD1 1 
ATOM   1016 C  CD2 . LEU A 1 129 ? -1.105  -1.016  -8.882  1.00 16.47 ? 129 LEU A CD2 1 
ATOM   1017 N  N   . GLN A 1 130 ? -2.471  0.470   -14.046 1.00 18.08 ? 130 GLN A N   1 
ATOM   1018 C  CA  . GLN A 1 130 ? -3.293  1.431   -14.829 1.00 19.77 ? 130 GLN A CA  1 
ATOM   1019 C  C   . GLN A 1 130 ? -4.696  0.862   -15.068 1.00 19.01 ? 130 GLN A C   1 
ATOM   1020 O  O   . GLN A 1 130 ? -5.690  1.626   -14.975 1.00 19.76 ? 130 GLN A O   1 
ATOM   1021 C  CB  . GLN A 1 130 ? -2.552  1.769   -16.126 1.00 21.52 ? 130 GLN A CB  1 
ATOM   1022 C  CG  . GLN A 1 130 ? -3.169  2.952   -16.821 1.00 28.61 ? 130 GLN A CG  1 
ATOM   1023 C  CD  . GLN A 1 130 ? -2.882  4.221   -16.068 1.00 25.89 ? 130 GLN A CD  1 
ATOM   1024 O  OE1 . GLN A 1 130 ? -1.747  4.717   -16.114 1.00 30.80 ? 130 GLN A OE1 1 
ATOM   1025 N  NE2 . GLN A 1 130 ? -3.901  4.711   -15.383 1.00 26.16 ? 130 GLN A NE2 1 
ATOM   1026 N  N   . TYR A 1 131 ? -4.814  -0.410  -15.423 1.00 17.85 ? 131 TYR A N   1 
ATOM   1027 C  CA  . TYR A 1 131 ? -6.106  -0.948  -15.916 1.00 18.04 ? 131 TYR A CA  1 
ATOM   1028 C  C   . TYR A 1 131 ? -7.166  -1.035  -14.825 1.00 19.09 ? 131 TYR A C   1 
ATOM   1029 O  O   . TYR A 1 131 ? -8.285  -0.564  -15.057 1.00 18.99 ? 131 TYR A O   1 
ATOM   1030 C  CB  . TYR A 1 131 ? -5.951  -2.293  -16.611 1.00 17.32 ? 131 TYR A CB  1 
ATOM   1031 C  CG  . TYR A 1 131 ? -7.257  -2.763  -17.200 1.00 17.90 ? 131 TYR A CG  1 
ATOM   1032 C  CD1 . TYR A 1 131 ? -7.798  -2.170  -18.339 1.00 18.15 ? 131 TYR A CD1 1 
ATOM   1033 C  CD2 . TYR A 1 131 ? -7.908  -3.854  -16.673 1.00 18.85 ? 131 TYR A CD2 1 
ATOM   1034 C  CE1 . TYR A 1 131 ? -9.037  -2.564  -18.823 1.00 17.78 ? 131 TYR A CE1 1 
ATOM   1035 C  CE2 . TYR A 1 131 ? -9.143  -4.271  -17.161 1.00 20.96 ? 131 TYR A CE2 1 
ATOM   1036 C  CZ  . TYR A 1 131 ? -9.692  -3.639  -18.261 1.00 19.62 ? 131 TYR A CZ  1 
ATOM   1037 O  OH  . TYR A 1 131 ? -10.907 -4.087  -18.728 1.00 21.91 ? 131 TYR A OH  1 
ATOM   1038 N  N   . HIS A 1 132 ? -6.864  -1.652  -13.700 1.00 18.67 ? 132 HIS A N   1 
ATOM   1039 C  CA  . HIS A 1 132 ? -7.846  -1.923  -12.631 1.00 18.82 ? 132 HIS A CA  1 
ATOM   1040 C  C   . HIS A 1 132 ? -7.686  -0.900  -11.499 1.00 18.28 ? 132 HIS A C   1 
ATOM   1041 O  O   . HIS A 1 132 ? -8.645  -0.719  -10.742 1.00 19.92 ? 132 HIS A O   1 
ATOM   1042 C  CB  . HIS A 1 132 ? -7.666  -3.332  -12.081 1.00 20.68 ? 132 HIS A CB  1 
ATOM   1043 C  CG  . HIS A 1 132 ? -8.119  -4.439  -12.961 1.00 25.73 ? 132 HIS A CG  1 
ATOM   1044 N  ND1 . HIS A 1 132 ? -9.450  -4.585  -13.333 1.00 26.44 ? 132 HIS A ND1 1 
ATOM   1045 C  CD2 . HIS A 1 132 ? -7.439  -5.465  -13.527 1.00 27.44 ? 132 HIS A CD2 1 
ATOM   1046 C  CE1 . HIS A 1 132 ? -9.569  -5.704  -14.035 1.00 27.38 ? 132 HIS A CE1 1 
ATOM   1047 N  NE2 . HIS A 1 132 ? -8.354  -6.245  -14.203 1.00 27.37 ? 132 HIS A NE2 1 
ATOM   1048 N  N   . LYS A 1 133 ? -6.530  -0.278  -11.357 1.00 17.01 ? 133 LYS A N   1 
ATOM   1049 C  CA  . LYS A 1 133 ? -6.223  0.589   -10.181 1.00 17.73 ? 133 LYS A CA  1 
ATOM   1050 C  C   . LYS A 1 133 ? -5.629  1.902   -10.666 1.00 15.87 ? 133 LYS A C   1 
ATOM   1051 O  O   . LYS A 1 133 ? -4.565  2.320   -10.243 1.00 15.87 ? 133 LYS A O   1 
ATOM   1052 C  CB  . LYS A 1 133 ? -5.262  -0.139  -9.224  1.00 18.84 ? 133 LYS A CB  1 
ATOM   1053 C  CG  . LYS A 1 133 ? -5.832  -1.368  -8.548  1.00 20.06 ? 133 LYS A CG  1 
ATOM   1054 C  CD  . LYS A 1 133 ? -7.054  -1.045  -7.686  1.00 22.49 ? 133 LYS A CD  1 
ATOM   1055 C  CE  . LYS A 1 133 ? -7.220  -1.983  -6.521  1.00 25.93 ? 133 LYS A CE  1 
ATOM   1056 N  NZ  . LYS A 1 133 ? -7.780  -3.276  -6.899  1.00 30.52 ? 133 LYS A NZ  1 
ATOM   1057 N  N   . PRO A 1 134 ? -6.311  2.677   -11.535 1.00 16.77 ? 134 PRO A N   1 
ATOM   1058 C  CA  . PRO A 1 134 ? -5.712  3.912   -12.054 1.00 17.58 ? 134 PRO A CA  1 
ATOM   1059 C  C   . PRO A 1 134 ? -5.429  4.975   -10.990 1.00 15.77 ? 134 PRO A C   1 
ATOM   1060 O  O   . PRO A 1 134 ? -4.503  5.725   -11.163 1.00 17.75 ? 134 PRO A O   1 
ATOM   1061 C  CB  . PRO A 1 134 ? -6.759  4.436   -13.039 1.00 18.18 ? 134 PRO A CB  1 
ATOM   1062 C  CG  . PRO A 1 134 ? -8.008  3.727   -12.649 1.00 18.40 ? 134 PRO A CG  1 
ATOM   1063 C  CD  . PRO A 1 134 ? -7.598  2.362   -12.150 1.00 17.70 ? 134 PRO A CD  1 
ATOM   1064 N  N   . VAL A 1 135 ? -6.199  4.980   -9.904  1.00 16.93 ? 135 VAL A N   1 
ATOM   1065 C  CA  . VAL A 1 135 ? -5.897  5.920   -8.786  1.00 16.69 ? 135 VAL A CA  1 
ATOM   1066 C  C   . VAL A 1 135 ? -4.554  5.539   -8.155  1.00 16.37 ? 135 VAL A C   1 
ATOM   1067 O  O   . VAL A 1 135 ? -3.749  6.424   -7.850  1.00 16.55 ? 135 VAL A O   1 
ATOM   1068 C  CB  . VAL A 1 135 ? -7.036  5.978   -7.744  1.00 18.51 ? 135 VAL A CB  1 
ATOM   1069 C  CG1 . VAL A 1 135 ? -6.686  6.993   -6.686  1.00 17.83 ? 135 VAL A CG1 1 
ATOM   1070 C  CG2 . VAL A 1 135 ? -8.380  6.363   -8.359  1.00 20.60 ? 135 VAL A CG2 1 
ATOM   1071 N  N   . GLN A 1 136 ? -4.290  4.244   -7.989  1.00 16.62 ? 136 GLN A N   1 
ATOM   1072 C  CA  . GLN A 1 136 ? -2.994  3.795   -7.433  1.00 16.96 ? 136 GLN A CA  1 
ATOM   1073 C  C   . GLN A 1 136 ? -1.859  4.111   -8.416  1.00 16.40 ? 136 GLN A C   1 
ATOM   1074 O  O   . GLN A 1 136 ? -0.766  4.554   -7.984  1.00 16.72 ? 136 GLN A O   1 
ATOM   1075 C  CB  . GLN A 1 136 ? -3.081  2.324   -7.099  1.00 16.96 ? 136 GLN A CB  1 
ATOM   1076 C  CG  . GLN A 1 136 ? -4.067  2.032   -5.994  1.00 16.80 ? 136 GLN A CG  1 
ATOM   1077 C  CD  . GLN A 1 136 ? -4.112  0.611   -5.520  1.00 18.71 ? 136 GLN A CD  1 
ATOM   1078 O  OE1 . GLN A 1 136 ? -3.255  -0.202  -5.855  1.00 18.88 ? 136 GLN A OE1 1 
ATOM   1079 N  NE2 . GLN A 1 136 ? -5.166  0.293   -4.787  1.00 20.18 ? 136 GLN A NE2 1 
ATOM   1080 N  N   . ALA A 1 137 ? -2.099  3.985   -9.721  1.00 16.49 ? 137 ALA A N   1 
ATOM   1081 C  CA  . ALA A 1 137 ? -1.099  4.454   -10.706 1.00 16.20 ? 137 ALA A CA  1 
ATOM   1082 C  C   . ALA A 1 137 ? -0.798  5.933   -10.484 1.00 16.27 ? 137 ALA A C   1 
ATOM   1083 O  O   . ALA A 1 137 ? 0.391   6.343   -10.599 1.00 17.89 ? 137 ALA A O   1 
ATOM   1084 C  CB  . ALA A 1 137 ? -1.567  4.162   -12.124 1.00 17.91 ? 137 ALA A CB  1 
ATOM   1085 N  N   . SER A 1 138 ? -1.819  6.735   -10.168 1.00 16.35 ? 138 SER A N   1 
ATOM   1086 C  CA  . SER A 1 138 ? -1.651  8.195   -9.968  1.00 17.14 ? 138 SER A CA  1 
ATOM   1087 C  C   . SER A 1 138 ? -0.810  8.475   -8.744  1.00 16.95 ? 138 SER A C   1 
ATOM   1088 O  O   . SER A 1 138 ? -0.346  9.591   -8.642  1.00 19.43 ? 138 SER A O   1 
ATOM   1089 C  CB  . SER A 1 138 ? -2.968  8.970   -9.929  1.00 19.18 ? 138 SER A CB  1 
ATOM   1090 O  OG  . SER A 1 138 ? -3.677  8.858   -8.710  1.00 20.95 ? 138 SER A OG  1 
ATOM   1091 N  N   . TYR A 1 139 ? -0.690  7.534   -7.817  1.00 16.82 ? 139 TYR A N   1 
ATOM   1092 C  CA  . TYR A 1 139 ? 0.128   7.804   -6.610  1.00 17.21 ? 139 TYR A CA  1 
ATOM   1093 C  C   . TYR A 1 139 ? 1.560   8.196   -7.007  1.00 17.81 ? 139 TYR A C   1 
ATOM   1094 O  O   . TYR A 1 139 ? 2.213   8.882   -6.276  1.00 18.97 ? 139 TYR A O   1 
ATOM   1095 C  CB  . TYR A 1 139 ? 0.282   6.547   -5.751  1.00 16.86 ? 139 TYR A CB  1 
ATOM   1096 C  CG  . TYR A 1 139 ? -0.913  5.947   -5.036  1.00 15.70 ? 139 TYR A CG  1 
ATOM   1097 C  CD1 . TYR A 1 139 ? -2.151  6.583   -5.036  1.00 16.41 ? 139 TYR A CD1 1 
ATOM   1098 C  CD2 . TYR A 1 139 ? -0.788  4.767   -4.390  1.00 16.55 ? 139 TYR A CD2 1 
ATOM   1099 C  CE1 . TYR A 1 139 ? -3.224  5.996   -4.395  1.00 15.75 ? 139 TYR A CE1 1 
ATOM   1100 C  CE2 . TYR A 1 139 ? -1.842  4.177   -3.727  1.00 15.94 ? 139 TYR A CE2 1 
ATOM   1101 C  CZ  . TYR A 1 139 ? -3.066  4.798   -3.730  1.00 16.44 ? 139 TYR A CZ  1 
ATOM   1102 O  OH  . TYR A 1 139 ? -4.095  4.212   -3.084  1.00 17.01 ? 139 TYR A OH  1 
ATOM   1103 N  N   . PHE A 1 140 ? 2.011   7.706   -8.159  1.00 20.04 ? 140 PHE A N   1 
ATOM   1104 C  CA  . PHE A 1 140 ? 3.409   7.845   -8.635  1.00 19.73 ? 140 PHE A CA  1 
ATOM   1105 C  C   . PHE A 1 140 ? 3.583   9.091   -9.502  1.00 27.03 ? 140 PHE A C   1 
ATOM   1106 O  O   . PHE A 1 140 ? 4.739   9.430   -9.837  1.00 25.49 ? 140 PHE A O   1 
ATOM   1107 C  CB  . PHE A 1 140 ? 3.773   6.590   -9.431  1.00 21.28 ? 140 PHE A CB  1 
ATOM   1108 C  CG  . PHE A 1 140 ? 3.826   5.348   -8.588  1.00 17.63 ? 140 PHE A CG  1 
ATOM   1109 C  CD1 . PHE A 1 140 ? 4.941   5.045   -7.825  1.00 19.52 ? 140 PHE A CD1 1 
ATOM   1110 C  CD2 . PHE A 1 140 ? 2.736   4.493   -8.516  1.00 18.77 ? 140 PHE A CD2 1 
ATOM   1111 C  CE1 . PHE A 1 140 ? 4.955   3.916   -7.034  1.00 21.14 ? 140 PHE A CE1 1 
ATOM   1112 C  CE2 . PHE A 1 140 ? 2.741   3.384   -7.696  1.00 19.18 ? 140 PHE A CE2 1 
ATOM   1113 C  CZ  . PHE A 1 140 ? 3.860   3.074   -6.978  1.00 21.75 ? 140 PHE A CZ  1 
ATOM   1114 N  N   . GLU A 1 141 ? 2.493   9.788   -9.827  1.00 29.18 ? 141 GLU A N   1 
ATOM   1115 C  CA  . GLU A 1 141 ? 2.507   10.896  -10.829 1.00 35.88 ? 141 GLU A CA  1 
ATOM   1116 C  C   . GLU A 1 141 ? 3.551   11.964  -10.475 1.00 40.97 ? 141 GLU A C   1 
ATOM   1117 O  O   . GLU A 1 141 ? 4.243   12.390  -11.409 1.00 51.10 ? 141 GLU A O   1 
ATOM   1118 C  CB  . GLU A 1 141 ? 1.135   11.552  -10.970 1.00 44.01 ? 141 GLU A CB  1 
ATOM   1119 C  CG  . GLU A 1 141 ? 0.426   11.249  -12.278 1.00 52.63 ? 141 GLU A CG  1 
ATOM   1120 C  CD  . GLU A 1 141 ? -0.934  11.945  -12.412 1.00 68.19 ? 141 GLU A CD  1 
ATOM   1121 O  OE1 . GLU A 1 141 ? -1.804  11.796  -11.500 1.00 61.52 ? 141 GLU A OE1 1 
ATOM   1122 O  OE2 . GLU A 1 141 ? -1.123  12.676  -13.413 1.00 80.79 ? 141 GLU A OE2 1 
ATOM   1123 N  N   . THR A 1 142 ? 3.728   12.357  -9.210  1.00 39.80 ? 142 THR A N   1 
ATOM   1124 C  CA  . THR A 1 142 ? 4.575   13.530  -8.843  1.00 46.17 ? 142 THR A CA  1 
ATOM   1125 C  C   . THR A 1 142 ? 5.992   13.150  -8.390  1.00 46.71 ? 142 THR A C   1 
ATOM   1126 O  O   . THR A 1 142 ? 6.392   11.993  -8.454  1.00 48.55 ? 142 THR A O   1 
ATOM   1127 C  CB  . THR A 1 142 ? 3.862   14.315  -7.750  1.00 48.44 ? 142 THR A CB  1 
ATOM   1128 O  OG1 . THR A 1 142 ? 3.854   13.458  -6.611  1.00 47.76 ? 142 THR A OG1 1 
ATOM   1129 C  CG2 . THR A 1 142 ? 2.462   14.701  -8.176  1.00 51.22 ? 142 THR A CG2 1 
HETATM 1130 C  C1  . I7P B 2 .   ? -11.771 -3.830  -1.315  1.00 39.28 ? 401 I7P A C1  1 
HETATM 1131 C  C2  . I7P B 2 .   ? -11.057 -4.753  -2.443  1.00 38.76 ? 401 I7P A C2  1 
HETATM 1132 C  C3  . I7P B 2 .   ? -9.596  -4.923  -2.104  1.00 27.39 ? 401 I7P A C3  1 
HETATM 1133 C  C4  . I7P B 2 .   ? -9.284  -5.088  -0.626  1.00 26.65 ? 401 I7P A C4  1 
HETATM 1134 C  C5  . I7P B 2 .   ? -9.953  -3.943  0.158   1.00 24.70 ? 401 I7P A C5  1 
HETATM 1135 C  C6  . I7P B 2 .   ? -11.481 -4.396  0.119   1.00 30.58 ? 401 I7P A C6  1 
HETATM 1136 O  O11 . I7P B 2 .   ? -13.162 -3.426  -1.768  1.00 45.13 ? 401 I7P A O11 1 
HETATM 1137 O  O12 . I7P B 2 .   ? -11.691 -5.966  -2.520  1.00 47.01 ? 401 I7P A O12 1 
HETATM 1138 O  O13 . I7P B 2 .   ? -9.108  -5.992  -2.855  1.00 24.30 ? 401 I7P A O13 1 
HETATM 1139 O  O14 . I7P B 2 .   ? -7.939  -5.139  -0.565  1.00 30.98 ? 401 I7P A O14 1 
HETATM 1140 O  O15 . I7P B 2 .   ? -9.533  -3.911  1.488   1.00 19.75 ? 401 I7P A O15 1 
HETATM 1141 O  O16 . I7P B 2 .   ? -12.184 -3.758  1.148   1.00 44.38 ? 401 I7P A O16 1 
HETATM 1142 O  O21 . I7P B 2 .   ? -13.005 -0.882  -0.970  1.00 36.83 ? 401 I7P A O21 1 
HETATM 1143 O  O22 . I7P B 2 .   ? -12.464 -5.156  -4.890  1.00 43.27 ? 401 I7P A O22 1 
HETATM 1144 O  O23 . I7P B 2 .   ? -7.625  -4.522  -4.102  1.00 24.74 ? 401 I7P A O23 1 
HETATM 1145 O  O24 . I7P B 2 .   ? -6.039  -6.150  -0.845  1.00 20.59 ? 401 I7P A O24 1 
HETATM 1146 O  O25 . I7P B 2 .   ? -9.381  -1.356  1.704   1.00 19.56 ? 401 I7P A O25 1 
HETATM 1147 O  O26 . I7P B 2 .   ? -11.635 -4.928  3.498   1.00 44.93 ? 401 I7P A O26 1 
HETATM 1148 O  O31 . I7P B 2 .   ? -13.034 -1.410  -3.550  1.00 43.91 ? 401 I7P A O31 1 
HETATM 1149 O  O32 . I7P B 2 .   ? -14.036 -6.600  -3.237  1.00 63.73 ? 401 I7P A O32 1 
HETATM 1150 O  O33 . I7P B 2 .   ? -8.353  -6.866  -5.119  1.00 30.68 ? 401 I7P A O33 1 
HETATM 1151 O  O34 . I7P B 2 .   ? -7.735  -7.631  0.364   1.00 27.16 ? 401 I7P A O34 1 
HETATM 1152 O  O35 . I7P B 2 .   ? -7.227  -2.709  1.413   1.00 17.36 ? 401 I7P A O35 1 
HETATM 1153 O  O36 . I7P B 2 .   ? -13.657 -5.269  1.691   1.00 49.84 ? 401 I7P A O36 1 
HETATM 1154 O  O41 . I7P B 2 .   ? -15.057 -2.078  -2.043  1.00 56.71 ? 401 I7P A O41 1 
HETATM 1155 O  O42 . I7P B 2 .   ? -11.837 -7.700  -4.058  1.00 53.02 ? 401 I7P A O42 1 
HETATM 1156 O  O43 . I7P B 2 .   ? -6.683  -6.739  -3.226  1.00 23.85 ? 401 I7P A O43 1 
HETATM 1157 O  O44 . I7P B 2 .   ? -6.707  -5.638  1.540   1.00 18.54 ? 401 I7P A O44 1 
HETATM 1158 O  O45 . I7P B 2 .   ? -8.703  -2.900  3.555   1.00 18.77 ? 401 I7P A O45 1 
HETATM 1159 O  O46 . I7P B 2 .   ? -13.395 -3.075  3.124   1.00 57.54 ? 401 I7P A O46 1 
HETATM 1160 O  O55 . I7P B 2 .   ? -6.420  -4.085  3.814   1.00 15.22 ? 401 I7P A O55 1 
HETATM 1161 O  O65 . I7P B 2 .   ? -7.849  -3.081  5.962   1.00 17.56 ? 401 I7P A O65 1 
HETATM 1162 O  O75 . I7P B 2 .   ? -8.614  -5.197  4.462   1.00 22.73 ? 401 I7P A O75 1 
HETATM 1163 P  PA1 . I7P B 2 .   ? -13.576 -1.816  -2.152  1.00 47.13 ? 401 I7P A PA1 1 
HETATM 1164 P  PA2 . I7P B 2 .   ? -12.606 -6.436  -3.837  1.00 59.53 ? 401 I7P A PA2 1 
HETATM 1165 P  PA3 . I7P B 2 .   ? -7.897  -5.973  -3.907  1.00 25.65 ? 401 I7P A PA3 1 
HETATM 1166 P  PA4 . I7P B 2 .   ? -7.074  -6.283  0.228   1.00 20.29 ? 401 I7P A PA4 1 
HETATM 1167 P  PA5 . I7P B 2 .   ? -8.657  -2.650  1.982   1.00 17.79 ? 401 I7P A PA5 1 
HETATM 1168 P  PA6 . I7P B 2 .   ? -12.760 -4.313  2.527   1.00 46.15 ? 401 I7P A PA6 1 
HETATM 1169 P  PB5 . I7P B 2 .   ? -7.870  -3.957  4.599   1.00 20.67 ? 401 I7P A PB5 1 
HETATM 1170 MG MG  . MG  C 3 .   ? -5.693  -3.896  1.969   1.00 16.86 ? 402 MG  A MG  1 
HETATM 1171 MG MG  . MG  D 3 .   ? -4.998  -5.226  4.840   1.00 17.99 ? 403 MG  A MG  1 
HETATM 1172 MG MG  . MG  E 3 .   ? -6.800  -3.922  7.534   1.00 18.47 ? 404 MG  A MG  1 
HETATM 1173 CL CL  . CL  F 4 .   ? -7.787  2.640   -5.645  1.00 22.80 ? 405 CL  A CL  1 
HETATM 1174 CL CL  . CL  G 4 .   ? 14.958  2.197   -5.238  1.00 25.15 ? 406 CL  A CL  1 
HETATM 1175 F  F   . F   H 5 .   ? -6.401  -5.320  6.284   1.00 21.02 ? 407 F   A F   1 
HETATM 1176 O  O   . HOH I 6 .   ? 19.590  3.788   -4.621  1.00 38.46 ? 501 HOH A O   1 
HETATM 1177 O  O   . HOH I 6 .   ? -13.409 -5.674  -0.488  1.00 49.86 ? 502 HOH A O   1 
HETATM 1178 O  O   . HOH I 6 .   ? -15.283 13.485  -8.910  1.00 45.86 ? 503 HOH A O   1 
HETATM 1179 O  O   . HOH I 6 .   ? -15.214 -4.201  0.339   1.00 43.52 ? 504 HOH A O   1 
HETATM 1180 O  O   . HOH I 6 .   ? -7.749  -7.021  5.626   1.00 19.85 ? 505 HOH A O   1 
HETATM 1181 O  O   . HOH I 6 .   ? -11.031 -1.515  -2.362  1.00 48.83 ? 506 HOH A O   1 
HETATM 1182 O  O   . HOH I 6 .   ? 10.442  -17.249 7.916   1.00 38.72 ? 507 HOH A O   1 
HETATM 1183 O  O   . HOH I 6 .   ? 13.300  -12.429 3.116   1.00 34.87 ? 508 HOH A O   1 
HETATM 1184 O  O   . HOH I 6 .   ? -9.610  -6.596  2.815   1.00 39.16 ? 509 HOH A O   1 
HETATM 1185 O  O   . HOH I 6 .   ? -15.477 -5.326  -1.806  1.00 48.25 ? 510 HOH A O   1 
HETATM 1186 O  O   . HOH I 6 .   ? -17.437 0.022   4.034   1.00 42.40 ? 511 HOH A O   1 
HETATM 1187 O  O   . HOH I 6 .   ? 11.040  -7.144  12.571  1.00 31.77 ? 512 HOH A O   1 
HETATM 1188 O  O   . HOH I 6 .   ? -2.177  -8.655  12.364  1.00 45.27 ? 513 HOH A O   1 
HETATM 1189 O  O   . HOH I 6 .   ? -5.439  15.254  7.000   1.00 39.67 ? 514 HOH A O   1 
HETATM 1190 O  O   . HOH I 6 .   ? -9.856  -6.468  -7.064  1.00 46.86 ? 515 HOH A O   1 
HETATM 1191 O  O   . HOH I 6 .   ? 8.512   -0.123  -18.905 1.00 43.87 ? 516 HOH A O   1 
HETATM 1192 O  O   . HOH I 6 .   ? -4.305  -12.463 6.128   1.00 40.07 ? 517 HOH A O   1 
HETATM 1193 O  O   . HOH I 6 .   ? 3.447   14.924  -2.858  1.00 30.68 ? 518 HOH A O   1 
HETATM 1194 O  O   . HOH I 6 .   ? -9.087  -5.739  -9.446  1.00 38.28 ? 519 HOH A O   1 
HETATM 1195 O  O   . HOH I 6 .   ? -2.589  -1.966  -16.386 1.00 17.54 ? 520 HOH A O   1 
HETATM 1196 O  O   . HOH I 6 .   ? -7.532  -9.618  1.966   1.00 37.89 ? 521 HOH A O   1 
HETATM 1197 O  O   . HOH I 6 .   ? 0.998   12.145  8.533   1.00 38.84 ? 522 HOH A O   1 
HETATM 1198 O  O   . HOH I 6 .   ? -1.075  -6.087  12.414  1.00 25.38 ? 523 HOH A O   1 
HETATM 1199 O  O   . HOH I 6 .   ? -0.333  -11.541 -13.980 1.00 40.31 ? 524 HOH A O   1 
HETATM 1200 O  O   . HOH I 6 .   ? -6.393  -13.574 -10.930 1.00 44.13 ? 525 HOH A O   1 
HETATM 1201 O  O   . HOH I 6 .   ? -2.022  0.545   15.174  1.00 26.63 ? 526 HOH A O   1 
HETATM 1202 O  O   . HOH I 6 .   ? -4.767  -4.090  0.063   1.00 17.04 ? 527 HOH A O   1 
HETATM 1203 O  O   . HOH I 6 .   ? -17.451 13.861  -0.538  1.00 34.26 ? 528 HOH A O   1 
HETATM 1204 O  O   . HOH I 6 .   ? 8.802   12.307  -9.350  1.00 58.06 ? 529 HOH A O   1 
HETATM 1205 O  O   . HOH I 6 .   ? 5.882   -1.992  -21.684 1.00 45.39 ? 530 HOH A O   1 
HETATM 1206 O  O   . HOH I 6 .   ? 16.843  0.381   1.939   1.00 40.60 ? 531 HOH A O   1 
HETATM 1207 O  O   . HOH I 6 .   ? 13.540  8.829   -0.199  1.00 39.93 ? 532 HOH A O   1 
HETATM 1208 O  O   . HOH I 6 .   ? 11.218  8.200   -8.340  1.00 44.35 ? 533 HOH A O   1 
HETATM 1209 O  O   . HOH I 6 .   ? 13.024  3.152   -12.081 1.00 31.28 ? 534 HOH A O   1 
HETATM 1210 O  O   . HOH I 6 .   ? -6.493  4.938   -3.875  1.00 19.65 ? 535 HOH A O   1 
HETATM 1211 O  O   . HOH I 6 .   ? -3.852  -14.943 -2.974  1.00 37.30 ? 536 HOH A O   1 
HETATM 1212 O  O   . HOH I 6 .   ? -4.290  -8.346  10.930  1.00 43.45 ? 537 HOH A O   1 
HETATM 1213 O  O   . HOH I 6 .   ? -3.135  -12.514 -3.807  1.00 28.09 ? 538 HOH A O   1 
HETATM 1214 O  O   . HOH I 6 .   ? -3.702  -6.393  5.921   1.00 19.60 ? 539 HOH A O   1 
HETATM 1215 O  O   . HOH I 6 .   ? 4.898   15.600  2.461   1.00 49.18 ? 540 HOH A O   1 
HETATM 1216 O  O   . HOH I 6 .   ? -7.478  -10.845 -13.719 1.00 39.10 ? 541 HOH A O   1 
HETATM 1217 O  O   . HOH I 6 .   ? -14.255 11.141  -4.913  1.00 37.58 ? 542 HOH A O   1 
HETATM 1218 O  O   . HOH I 6 .   ? -21.775 11.406  5.340   1.00 27.58 ? 543 HOH A O   1 
HETATM 1219 O  O   . HOH I 6 .   ? 8.648   -7.060  -11.581 1.00 29.60 ? 544 HOH A O   1 
HETATM 1220 O  O   . HOH I 6 .   ? 5.935   13.992  -1.882  1.00 41.05 ? 545 HOH A O   1 
HETATM 1221 O  O   . HOH I 6 .   ? -8.267  10.481  -7.143  1.00 36.59 ? 546 HOH A O   1 
HETATM 1222 O  O   . HOH I 6 .   ? -10.422 -0.392  -0.563  1.00 35.56 ? 547 HOH A O   1 
HETATM 1223 O  O   . HOH I 6 .   ? -4.421  -1.653  -1.408  1.00 17.34 ? 548 HOH A O   1 
HETATM 1224 O  O   . HOH I 6 .   ? 4.352   0.049   -2.511  1.00 18.26 ? 549 HOH A O   1 
HETATM 1225 O  O   . HOH I 6 .   ? -8.407  5.819   -2.126  1.00 17.61 ? 550 HOH A O   1 
HETATM 1226 O  O   . HOH I 6 .   ? -5.761  -5.012  9.016   1.00 20.87 ? 551 HOH A O   1 
HETATM 1227 O  O   . HOH I 6 .   ? 3.975   7.122   12.626  1.00 34.94 ? 552 HOH A O   1 
HETATM 1228 O  O   . HOH I 6 .   ? -4.348  -3.289  -13.276 1.00 19.40 ? 553 HOH A O   1 
HETATM 1229 O  O   . HOH I 6 .   ? -11.267 -2.606  -13.648 1.00 46.72 ? 554 HOH A O   1 
HETATM 1230 O  O   . HOH I 6 .   ? -3.848  6.907   -13.510 1.00 26.77 ? 555 HOH A O   1 
HETATM 1231 O  O   . HOH I 6 .   ? -12.297 8.189   22.393  1.00 42.51 ? 556 HOH A O   1 
HETATM 1232 O  O   . HOH I 6 .   ? -20.309 5.129   4.004   1.00 36.08 ? 557 HOH A O   1 
HETATM 1233 O  O   . HOH I 6 .   ? 11.175  10.153  -6.460  1.00 50.81 ? 558 HOH A O   1 
HETATM 1234 O  O   . HOH I 6 .   ? 17.345  -4.048  -9.830  1.00 41.67 ? 559 HOH A O   1 
HETATM 1235 O  O   . HOH I 6 .   ? 0.191   -10.784 -9.294  1.00 30.09 ? 560 HOH A O   1 
HETATM 1236 O  O   . HOH I 6 .   ? -3.928  -8.995  6.632   1.00 23.05 ? 561 HOH A O   1 
HETATM 1237 O  O   . HOH I 6 .   ? -8.595  1.292   17.432  1.00 48.30 ? 562 HOH A O   1 
HETATM 1238 O  O   . HOH I 6 .   ? -4.568  -4.299  -10.555 1.00 18.86 ? 563 HOH A O   1 
HETATM 1239 O  O   . HOH I 6 .   ? 3.386   -15.807 -0.691  1.00 37.76 ? 564 HOH A O   1 
HETATM 1240 O  O   . HOH I 6 .   ? -17.469 4.242   1.684   1.00 34.26 ? 565 HOH A O   1 
HETATM 1241 O  O   . HOH I 6 .   ? -4.536  11.829  -11.268 1.00 44.05 ? 566 HOH A O   1 
HETATM 1242 O  O   . HOH I 6 .   ? 10.239  -3.535  -13.410 1.00 22.28 ? 567 HOH A O   1 
HETATM 1243 O  O   . HOH I 6 .   ? 10.834  7.823   9.908   1.00 46.68 ? 568 HOH A O   1 
HETATM 1244 O  O   . HOH I 6 .   ? 5.585   11.370  7.443   1.00 39.50 ? 569 HOH A O   1 
HETATM 1245 O  O   . HOH I 6 .   ? -7.732  -8.349  -15.866 1.00 35.35 ? 570 HOH A O   1 
HETATM 1246 O  O   . HOH I 6 .   ? 15.315  6.549   4.730   1.00 32.49 ? 571 HOH A O   1 
HETATM 1247 O  O   . HOH I 6 .   ? -7.505  -2.447  8.822   1.00 20.31 ? 572 HOH A O   1 
HETATM 1248 O  O   . HOH I 6 .   ? 5.880   -1.802  7.839   1.00 20.19 ? 573 HOH A O   1 
HETATM 1249 O  O   . HOH I 6 .   ? -12.356 12.311  9.280   1.00 27.18 ? 574 HOH A O   1 
HETATM 1250 O  O   . HOH I 6 .   ? -14.680 1.602   0.287   1.00 43.30 ? 575 HOH A O   1 
HETATM 1251 O  O   . HOH I 6 .   ? 5.414   -9.545  -13.208 1.00 46.79 ? 576 HOH A O   1 
HETATM 1252 O  O   . HOH I 6 .   ? -14.274 14.130  7.677   1.00 43.98 ? 577 HOH A O   1 
HETATM 1253 O  O   . HOH I 6 .   ? -15.592 12.876  -6.562  1.00 36.96 ? 578 HOH A O   1 
HETATM 1254 O  O   . HOH I 6 .   ? 0.064   10.193  10.909  1.00 24.60 ? 579 HOH A O   1 
HETATM 1255 O  O   . HOH I 6 .   ? 14.501  -7.760  -1.973  1.00 38.47 ? 580 HOH A O   1 
HETATM 1256 O  O   . HOH I 6 .   ? 14.186  1.265   9.094   1.00 35.52 ? 581 HOH A O   1 
HETATM 1257 O  O   . HOH I 6 .   ? 5.712   -2.594  10.801  1.00 30.01 ? 582 HOH A O   1 
HETATM 1258 O  O   . HOH I 6 .   ? 3.110   -9.664  8.589   1.00 22.90 ? 583 HOH A O   1 
HETATM 1259 O  O   . HOH I 6 .   ? -7.539  11.303  8.912   1.00 37.38 ? 584 HOH A O   1 
HETATM 1260 O  O   . HOH I 6 .   ? -18.373 -0.687  8.383   1.00 34.13 ? 585 HOH A O   1 
HETATM 1261 O  O   . HOH I 6 .   ? 2.114   0.557   12.685  1.00 23.05 ? 586 HOH A O   1 
HETATM 1262 O  O   . HOH I 6 .   ? -5.922  -6.924  3.944   1.00 18.79 ? 587 HOH A O   1 
HETATM 1263 O  O   . HOH I 6 .   ? 3.244   -14.406 9.945   1.00 51.29 ? 588 HOH A O   1 
HETATM 1264 O  O   . HOH I 6 .   ? 8.080   2.699   9.383   1.00 32.54 ? 589 HOH A O   1 
HETATM 1265 O  O   . HOH I 6 .   ? -3.897  1.612   -1.645  1.00 17.81 ? 590 HOH A O   1 
HETATM 1266 O  O   . HOH I 6 .   ? 1.047   8.049   -12.780 1.00 41.21 ? 591 HOH A O   1 
HETATM 1267 O  O   . HOH I 6 .   ? -11.801 16.329  -1.760  1.00 34.91 ? 592 HOH A O   1 
HETATM 1268 O  O   . HOH I 6 .   ? -14.402 11.004  10.592  1.00 24.36 ? 593 HOH A O   1 
HETATM 1269 O  O   . HOH I 6 .   ? 4.534   3.962   -17.192 1.00 29.97 ? 594 HOH A O   1 
HETATM 1270 O  O   . HOH I 6 .   ? -11.148 1.888   7.621   1.00 21.25 ? 595 HOH A O   1 
HETATM 1271 O  O   . HOH I 6 .   ? -1.904  -5.859  -12.562 1.00 19.79 ? 596 HOH A O   1 
HETATM 1272 O  O   . HOH I 6 .   ? -9.109  9.056   4.948   1.00 22.27 ? 597 HOH A O   1 
HETATM 1273 O  O   . HOH I 6 .   ? 11.166  -13.540 -0.304  1.00 46.87 ? 598 HOH A O   1 
HETATM 1274 O  O   . HOH I 6 .   ? 18.511  4.187   0.854   1.00 35.50 ? 599 HOH A O   1 
HETATM 1275 O  O   . HOH I 6 .   ? 5.330   -12.887 -8.163  1.00 51.80 ? 600 HOH A O   1 
HETATM 1276 O  O   . HOH I 6 .   ? -6.474  -2.043  -3.176  1.00 24.01 ? 601 HOH A O   1 
HETATM 1277 O  O   . HOH I 6 .   ? -11.711 8.394   -8.361  1.00 36.66 ? 602 HOH A O   1 
HETATM 1278 O  O   . HOH I 6 .   ? -6.655  -5.096  -8.857  1.00 26.42 ? 603 HOH A O   1 
HETATM 1279 O  O   . HOH I 6 .   ? 10.130  5.086   10.505  1.00 28.73 ? 604 HOH A O   1 
HETATM 1280 O  O   . HOH I 6 .   ? -5.418  -9.418  3.751   1.00 26.56 ? 605 HOH A O   1 
HETATM 1281 O  O   . HOH I 6 .   ? -12.703 -6.854  -11.377 1.00 49.10 ? 606 HOH A O   1 
HETATM 1282 O  O   . HOH I 6 .   ? 7.948   -0.133  8.884   1.00 20.78 ? 607 HOH A O   1 
HETATM 1283 O  O   . HOH I 6 .   ? 12.421  9.502   6.549   1.00 43.19 ? 608 HOH A O   1 
HETATM 1284 O  O   . HOH I 6 .   ? 11.069  3.538   -14.018 1.00 26.86 ? 609 HOH A O   1 
HETATM 1285 O  O   . HOH I 6 .   ? -10.164 -0.569  9.285   1.00 31.16 ? 610 HOH A O   1 
HETATM 1286 O  O   . HOH I 6 .   ? -10.559 -2.360  6.844   1.00 31.76 ? 611 HOH A O   1 
HETATM 1287 O  O   . HOH I 6 .   ? -2.086  5.712   16.164  1.00 25.67 ? 612 HOH A O   1 
HETATM 1288 O  O   . HOH I 6 .   ? 11.288  -0.068  10.822  1.00 44.94 ? 613 HOH A O   1 
HETATM 1289 O  O   . HOH I 6 .   ? 10.906  -8.886  -7.193  1.00 27.59 ? 614 HOH A O   1 
HETATM 1290 O  O   . HOH I 6 .   ? -16.186 -2.742  10.324  1.00 35.55 ? 615 HOH A O   1 
HETATM 1291 O  O   . HOH I 6 .   ? -8.582  -4.959  8.128   1.00 20.08 ? 616 HOH A O   1 
HETATM 1292 O  O   . HOH I 6 .   ? 5.473   -3.386  -17.217 1.00 34.45 ? 617 HOH A O   1 
HETATM 1293 O  O   . HOH I 6 .   ? 16.581  -6.475  -9.284  1.00 42.51 ? 618 HOH A O   1 
HETATM 1294 O  O   . HOH I 6 .   ? 4.937   14.648  5.125   1.00 30.77 ? 619 HOH A O   1 
HETATM 1295 O  O   . HOH I 6 .   ? 8.627   -12.944 -1.698  1.00 33.73 ? 620 HOH A O   1 
HETATM 1296 O  O   . HOH I 6 .   ? 12.445  7.543   4.796   1.00 32.42 ? 621 HOH A O   1 
HETATM 1297 O  O   . HOH I 6 .   ? 10.391  11.142  2.091   1.00 22.01 ? 622 HOH A O   1 
HETATM 1298 O  O   . HOH I 6 .   ? -13.156 -8.542  -13.000 1.00 53.13 ? 623 HOH A O   1 
HETATM 1299 O  O   . HOH I 6 .   ? -8.484  13.680  -0.990  1.00 31.94 ? 624 HOH A O   1 
HETATM 1300 O  O   . HOH I 6 .   ? 6.035   -13.362 -3.405  1.00 25.10 ? 625 HOH A O   1 
HETATM 1301 O  O   . HOH I 6 .   ? -8.058  2.826   -8.736  1.00 22.07 ? 626 HOH A O   1 
HETATM 1302 O  O   . HOH I 6 .   ? -12.904 5.935   -9.381  1.00 42.37 ? 627 HOH A O   1 
HETATM 1303 O  O   . HOH I 6 .   ? 1.414   -8.733  10.718  1.00 32.56 ? 628 HOH A O   1 
HETATM 1304 O  O   . HOH I 6 .   ? -8.995  0.101   -4.552  1.00 48.90 ? 629 HOH A O   1 
HETATM 1305 O  O   . HOH I 6 .   ? -20.130 8.118   0.319   1.00 48.47 ? 630 HOH A O   1 
HETATM 1306 O  O   . HOH I 6 .   ? -20.689 15.417  4.987   1.00 41.06 ? 631 HOH A O   1 
HETATM 1307 O  O   . HOH I 6 .   ? -12.333 0.786   -8.463  1.00 50.60 ? 632 HOH A O   1 
HETATM 1308 O  O   . HOH I 6 .   ? -10.595 -3.659  -10.299 1.00 47.68 ? 633 HOH A O   1 
HETATM 1309 O  O   . HOH I 6 .   ? -12.838 -4.366  9.075   1.00 48.64 ? 634 HOH A O   1 
HETATM 1310 O  O   . HOH I 6 .   ? 12.637  -4.780  -10.815 1.00 51.47 ? 635 HOH A O   1 
HETATM 1311 O  O   . HOH I 6 .   ? 4.438   4.738   11.784  1.00 37.10 ? 636 HOH A O   1 
HETATM 1312 O  O   . HOH I 6 .   ? -8.773  -0.758  -2.491  1.00 32.52 ? 637 HOH A O   1 
HETATM 1313 O  O   . HOH I 6 .   ? -9.509  -7.053  7.258   1.00 37.56 ? 638 HOH A O   1 
HETATM 1314 O  O   . HOH I 6 .   ? -9.061  -8.672  4.466   1.00 36.29 ? 639 HOH A O   1 
HETATM 1315 O  O   . HOH I 6 .   ? -15.092 14.561  4.974   1.00 42.91 ? 640 HOH A O   1 
HETATM 1316 O  O   . HOH I 6 .   ? -9.108  -10.233 -15.852 1.00 51.19 ? 641 HOH A O   1 
HETATM 1317 O  O   . HOH I 6 .   ? -3.379  -11.762 -16.787 1.00 56.14 ? 642 HOH A O   1 
HETATM 1318 O  O   . HOH I 6 .   ? 3.430   -1.886  12.178  1.00 33.13 ? 643 HOH A O   1 
HETATM 1319 O  O   . HOH I 6 .   ? 1.407   -5.845  11.571  1.00 48.61 ? 644 HOH A O   1 
HETATM 1320 O  O   . HOH I 6 .   ? -8.634  14.385  4.093   1.00 47.14 ? 645 HOH A O   1 
HETATM 1321 O  O   . HOH I 6 .   ? 11.719  -10.155 -2.772  1.00 49.17 ? 646 HOH A O   1 
HETATM 1322 O  O   . HOH I 6 .   ? 8.585   -5.624  -13.898 1.00 34.07 ? 647 HOH A O   1 
HETATM 1323 O  O   . HOH I 6 .   ? 18.959  -0.447  -4.708  1.00 45.84 ? 648 HOH A O   1 
HETATM 1324 O  O   . HOH I 6 .   ? 15.682  -5.147  -0.915  1.00 46.06 ? 649 HOH A O   1 
HETATM 1325 O  O   . HOH I 6 .   ? 16.847  0.226   -6.579  1.00 38.28 ? 650 HOH A O   1 
HETATM 1326 O  O   . HOH I 6 .   ? -6.694  -7.492  9.532   1.00 34.56 ? 651 HOH A O   1 
HETATM 1327 O  O   . HOH I 6 .   ? 0.463   -0.429  14.650  1.00 33.40 ? 652 HOH A O   1 
HETATM 1328 O  O   . HOH I 6 .   ? -8.303  15.340  1.256   1.00 41.94 ? 653 HOH A O   1 
HETATM 1329 O  O   . HOH I 6 .   ? 12.289  9.091   2.474   1.00 33.14 ? 654 HOH A O   1 
HETATM 1330 O  O   . HOH I 6 .   ? -2.216  2.710   16.923  1.00 42.82 ? 655 HOH A O   1 
HETATM 1331 O  O   . HOH I 6 .   ? -7.805  6.640   -15.911 1.00 41.02 ? 656 HOH A O   1 
HETATM 1332 O  O   . HOH I 6 .   ? -6.677  -8.603  6.786   1.00 30.33 ? 657 HOH A O   1 
HETATM 1333 O  O   . HOH I 6 .   ? -22.773 8.906   5.436   1.00 32.21 ? 658 HOH A O   1 
HETATM 1334 O  O   . HOH I 6 .   ? -1.287  -4.723  14.642  1.00 37.82 ? 659 HOH A O   1 
HETATM 1335 O  O   . HOH I 6 .   ? 4.002   2.498   13.450  1.00 35.48 ? 660 HOH A O   1 
HETATM 1336 O  O   . HOH I 6 .   ? 2.518   -3.881  12.648  1.00 44.61 ? 661 HOH A O   1 
HETATM 1337 O  O   . HOH I 6 .   ? 7.899   -0.802  11.698  1.00 39.65 ? 662 HOH A O   1 
HETATM 1338 O  O   . HOH I 6 .   ? 7.044   4.078   11.396  1.00 39.28 ? 663 HOH A O   1 
HETATM 1339 O  O   . HOH I 6 .   ? 0.614   -3.109  14.624  1.00 44.24 ? 664 HOH A O   1 
# 
